data_5XIQ
#
_entry.id   5XIQ
#
_cell.length_a   76.852
_cell.length_b   90.898
_cell.length_c   92.869
_cell.angle_alpha   89.860
_cell.angle_beta   80.920
_cell.angle_gamma   75.820
#
_symmetry.space_group_name_H-M   'P 1'
#
loop_
_entity.id
_entity.type
_entity.pdbx_description
1 polymer 'Prolyl-tRNA synthetase (ProRS)'
2 non-polymer 'PHOSPHOAMINOPHOSPHONIC ACID-ADENYLATE ESTER'
3 non-polymer 7-bromo-6-chloro-3-{3-[(2R,3S)-3-hydroxypiperidin-2-yl]-2-oxopropyl}quinazolin-4(3H)-one
4 non-polymer 'MAGNESIUM ION'
5 water water
#
_entity_poly.entity_id   1
_entity_poly.type   'polypeptide(L)'
_entity_poly.pdbx_seq_one_letter_code
;GAMVTAKKDENFSEWYTQAIVRSEMIEYYDISGCYIMRPWAFHIWEKVQRFFDDEIKKMGVENSYFPMFVSRHKLEKEKD
HVEGFSPEVAWVTHYGDSPLPEKIAIRPTSETIMYPAYAKWIRSHRDLPLKLNQWCSVVRWEFKQPTPFLRTREFLWQEG
HTAHATEEEAWELVLDILELYRRWYEECLAVPVIKGEKSEGEKFAGGKKTTTVEAFIPENGRGIQAATSHLLGTNFAKMF
EIEFEDEEGHKRLVHQTSWGCTTRSLGVMIMTHGDDKGLVIPPRVASVQVVIIPILFKDENTGEILGKCRELKTMLEKAD
IRVRIDDRSNYTPGWKYNHWEVKGVPLRLELGPKDLAKGTARVVRRDTGEAYQISWADLAPKLLELMEGIQRSLFEKAKA
RLHEGIEKISTFDEVMPALNRKHLVLAPWCEDPESEEQIKKETQKLSEIQAIEAGDSEQVMTGAMKTLCIPFDQPPMPEG
TKCFYTGKPAKRWTLWGRSY
;
_entity_poly.pdbx_strand_id   A,B,C,D
#
# COMPACT_ATOMS: atom_id res chain seq x y z
N MET A 3 24.12 7.05 -38.72
CA MET A 3 25.44 6.34 -38.47
C MET A 3 25.84 6.17 -36.97
N VAL A 4 26.16 4.93 -36.59
CA VAL A 4 26.55 4.58 -35.20
C VAL A 4 28.10 4.85 -35.07
N THR A 5 28.54 5.54 -33.99
CA THR A 5 29.95 6.00 -33.75
C THR A 5 30.59 5.43 -32.49
N ALA A 6 29.83 5.20 -31.42
CA ALA A 6 30.39 4.44 -30.29
C ALA A 6 30.65 3.03 -30.80
N LYS A 7 31.75 2.43 -30.38
CA LYS A 7 32.13 1.09 -30.78
C LYS A 7 31.61 0.09 -29.75
N LYS A 8 31.07 -1.00 -30.28
CA LYS A 8 30.33 -1.91 -29.48
C LYS A 8 31.18 -2.56 -28.40
N ASP A 9 32.41 -2.94 -28.70
CA ASP A 9 33.27 -3.54 -27.65
C ASP A 9 33.77 -2.49 -26.63
N GLU A 10 34.01 -1.26 -27.08
CA GLU A 10 34.72 -0.23 -26.28
C GLU A 10 33.83 0.62 -25.38
N ASN A 11 32.69 1.12 -25.87
CA ASN A 11 31.73 1.84 -25.09
CA ASN A 11 31.69 1.79 -25.00
C ASN A 11 30.36 1.15 -25.30
N PHE A 12 30.20 -0.02 -24.68
CA PHE A 12 29.00 -0.83 -24.94
C PHE A 12 27.68 -0.09 -24.71
N SER A 13 27.59 0.71 -23.65
CA SER A 13 26.33 1.36 -23.22
C SER A 13 25.87 2.41 -24.18
N GLU A 14 26.84 3.15 -24.67
CA GLU A 14 26.58 4.18 -25.66
C GLU A 14 26.20 3.53 -26.95
N TRP A 15 26.92 2.46 -27.29
CA TRP A 15 26.63 1.75 -28.56
C TRP A 15 25.12 1.35 -28.53
N TYR A 16 24.66 0.81 -27.41
CA TYR A 16 23.31 0.22 -27.32
C TYR A 16 22.27 1.30 -27.50
N THR A 17 22.44 2.37 -26.75
CA THR A 17 21.55 3.54 -26.85
C THR A 17 21.51 4.09 -28.26
N GLN A 18 22.69 4.21 -28.87
CA GLN A 18 22.70 4.76 -30.23
C GLN A 18 21.94 3.84 -31.19
N ALA A 19 22.24 2.57 -31.12
CA ALA A 19 21.73 1.62 -32.07
C ALA A 19 20.21 1.55 -31.95
N ILE A 20 19.68 1.47 -30.74
CA ILE A 20 18.17 1.37 -30.67
C ILE A 20 17.43 2.64 -31.02
N VAL A 21 18.11 3.77 -30.80
CA VAL A 21 17.53 5.08 -31.17
C VAL A 21 17.62 5.32 -32.67
N ARG A 22 18.81 5.11 -33.23
CA ARG A 22 19.11 5.38 -34.64
C ARG A 22 18.45 4.40 -35.60
N SER A 23 18.31 3.16 -35.13
CA SER A 23 17.51 2.21 -35.88
C SER A 23 16.01 2.58 -35.85
N GLU A 24 15.59 3.58 -35.10
CA GLU A 24 14.16 3.86 -34.89
C GLU A 24 13.36 2.74 -34.17
N MET A 25 13.99 2.09 -33.23
CA MET A 25 13.33 1.09 -32.45
C MET A 25 12.65 1.67 -31.25
N ILE A 26 13.36 2.51 -30.50
CA ILE A 26 12.76 3.18 -29.38
C ILE A 26 12.86 4.71 -29.37
N GLU A 27 11.81 5.32 -28.81
CA GLU A 27 11.87 6.74 -28.46
C GLU A 27 11.86 6.91 -26.92
N TYR A 28 12.69 7.80 -26.44
CA TYR A 28 12.87 8.08 -25.01
C TYR A 28 11.67 8.86 -24.51
N TYR A 29 11.40 8.78 -23.23
CA TYR A 29 10.13 9.34 -22.75
C TYR A 29 10.43 9.97 -21.40
N ASP A 30 9.56 10.89 -20.99
CA ASP A 30 9.87 11.73 -19.83
C ASP A 30 9.67 10.98 -18.50
N ILE A 31 8.95 9.87 -18.48
CA ILE A 31 8.80 9.09 -17.24
C ILE A 31 9.88 8.01 -17.21
N SER A 32 10.68 8.01 -16.14
CA SER A 32 11.94 7.25 -16.16
C SER A 32 11.64 5.79 -16.25
N GLY A 33 12.49 5.09 -17.00
CA GLY A 33 12.35 3.66 -17.20
C GLY A 33 11.22 3.21 -18.09
N CYS A 34 10.53 4.15 -18.70
CA CYS A 34 9.55 3.83 -19.69
C CYS A 34 10.01 4.31 -21.04
N TYR A 35 9.72 3.55 -22.10
CA TYR A 35 10.18 3.87 -23.46
C TYR A 35 9.12 3.59 -24.53
N ILE A 36 9.04 4.40 -25.57
CA ILE A 36 8.20 4.10 -26.72
C ILE A 36 8.87 3.07 -27.58
N MET A 37 8.11 2.01 -27.87
CA MET A 37 8.42 1.03 -28.84
C MET A 37 7.83 1.38 -30.19
N ARG A 38 8.68 1.77 -31.10
CA ARG A 38 8.24 2.08 -32.45
C ARG A 38 8.11 0.81 -33.28
N PRO A 39 7.46 0.94 -34.46
CA PRO A 39 7.24 -0.21 -35.33
C PRO A 39 8.42 -1.10 -35.55
N TRP A 40 9.59 -0.57 -35.88
CA TRP A 40 10.77 -1.42 -36.10
C TRP A 40 11.02 -2.48 -34.97
N ALA A 41 10.89 -2.08 -33.74
CA ALA A 41 10.97 -3.00 -32.62
C ALA A 41 9.66 -3.78 -32.43
N PHE A 42 8.52 -3.10 -32.53
CA PHE A 42 7.29 -3.75 -32.14
C PHE A 42 7.00 -4.91 -33.08
N HIS A 43 7.41 -4.80 -34.34
CA HIS A 43 7.11 -5.89 -35.24
C HIS A 43 7.80 -7.19 -34.80
N ILE A 44 8.96 -7.08 -34.21
CA ILE A 44 9.64 -8.25 -33.70
C ILE A 44 8.91 -8.86 -32.51
N TRP A 45 8.40 -8.00 -31.64
CA TRP A 45 7.53 -8.47 -30.57
C TRP A 45 6.31 -9.21 -31.12
N GLU A 46 5.75 -8.73 -32.21
CA GLU A 46 4.55 -9.38 -32.80
C GLU A 46 4.87 -10.77 -33.32
N LYS A 47 6.06 -10.91 -33.87
CA LYS A 47 6.52 -12.18 -34.37
C LYS A 47 6.70 -13.18 -33.28
N VAL A 48 7.42 -12.85 -32.22
CA VAL A 48 7.61 -13.83 -31.17
C VAL A 48 6.29 -14.16 -30.44
N GLN A 49 5.47 -13.14 -30.31
CA GLN A 49 4.16 -13.31 -29.70
C GLN A 49 3.35 -14.34 -30.42
N ARG A 50 3.23 -14.18 -31.74
CA ARG A 50 2.49 -15.08 -32.61
C ARG A 50 3.08 -16.45 -32.55
N PHE A 51 4.42 -16.56 -32.64
CA PHE A 51 5.04 -17.80 -32.53
C PHE A 51 4.67 -18.47 -31.20
N PHE A 52 4.90 -17.82 -30.04
CA PHE A 52 4.68 -18.50 -28.77
C PHE A 52 3.17 -18.79 -28.58
N ASP A 53 2.34 -17.83 -28.94
CA ASP A 53 0.91 -17.99 -28.75
C ASP A 53 0.36 -19.21 -29.55
N ASP A 54 0.71 -19.32 -30.85
CA ASP A 54 0.33 -20.55 -31.60
C ASP A 54 0.85 -21.78 -30.90
N GLU A 55 2.05 -21.74 -30.33
CA GLU A 55 2.51 -23.02 -29.71
C GLU A 55 1.71 -23.42 -28.44
N ILE A 56 1.38 -22.44 -27.61
CA ILE A 56 0.70 -22.78 -26.37
C ILE A 56 -0.75 -23.12 -26.67
N LYS A 57 -1.30 -22.56 -27.76
CA LYS A 57 -2.66 -22.95 -28.15
C LYS A 57 -2.68 -24.42 -28.52
N LYS A 58 -1.62 -24.92 -29.14
CA LYS A 58 -1.53 -26.41 -29.38
C LYS A 58 -1.52 -27.20 -28.08
N MET A 59 -1.00 -26.64 -26.97
CA MET A 59 -0.99 -27.41 -25.72
C MET A 59 -2.31 -27.27 -24.99
N GLY A 60 -3.29 -26.58 -25.60
CA GLY A 60 -4.59 -26.33 -24.95
C GLY A 60 -4.55 -25.16 -23.99
N VAL A 61 -3.56 -24.28 -24.09
CA VAL A 61 -3.62 -23.11 -23.22
C VAL A 61 -4.53 -22.08 -23.88
N GLU A 62 -5.33 -21.40 -23.11
CA GLU A 62 -6.22 -20.38 -23.70
C GLU A 62 -5.98 -19.01 -23.10
N ASN A 63 -6.14 -17.98 -23.91
CA ASN A 63 -5.96 -16.65 -23.55
C ASN A 63 -7.18 -16.06 -22.85
N SER A 64 -6.92 -15.02 -22.05
CA SER A 64 -7.89 -14.36 -21.16
C SER A 64 -7.36 -12.98 -20.89
N TYR A 65 -8.17 -12.11 -20.33
CA TYR A 65 -7.67 -10.84 -19.87
C TYR A 65 -8.21 -10.55 -18.49
N PHE A 66 -7.31 -10.51 -17.50
CA PHE A 66 -7.63 -10.16 -16.11
C PHE A 66 -7.31 -8.67 -15.86
N PRO A 67 -8.02 -8.03 -14.93
CA PRO A 67 -7.77 -6.59 -14.70
C PRO A 67 -6.36 -6.21 -14.33
N MET A 68 -5.98 -5.03 -14.77
CA MET A 68 -4.70 -4.45 -14.43
C MET A 68 -4.62 -3.95 -12.98
N PHE A 69 -5.76 -3.89 -12.29
CA PHE A 69 -5.80 -3.35 -10.96
C PHE A 69 -6.08 -4.42 -9.96
N VAL A 70 -5.41 -4.30 -8.81
CA VAL A 70 -5.60 -5.21 -7.70
C VAL A 70 -5.62 -4.36 -6.43
N SER A 71 -6.67 -4.59 -5.68
CA SER A 71 -6.90 -3.91 -4.42
C SER A 71 -5.82 -4.28 -3.42
N ARG A 72 -5.54 -3.35 -2.54
CA ARG A 72 -4.51 -3.50 -1.55
C ARG A 72 -4.68 -4.77 -0.77
N HIS A 73 -5.90 -5.07 -0.35
CA HIS A 73 -6.08 -6.24 0.53
C HIS A 73 -5.86 -7.55 -0.25
N LYS A 74 -6.18 -7.56 -1.55
CA LYS A 74 -5.91 -8.75 -2.34
C LYS A 74 -4.44 -8.90 -2.65
N LEU A 75 -3.75 -7.80 -2.90
CA LEU A 75 -2.35 -7.90 -3.25
C LEU A 75 -1.53 -8.22 -2.06
N GLU A 76 -1.82 -7.66 -0.91
CA GLU A 76 -0.97 -7.91 0.25
C GLU A 76 -1.59 -9.02 1.06
N LYS A 77 -1.89 -10.15 0.44
CA LYS A 77 -2.54 -11.29 1.12
C LYS A 77 -1.67 -11.84 2.28
N PHE A 85 9.48 -6.70 -1.99
CA PHE A 85 8.74 -6.36 -3.21
C PHE A 85 8.02 -5.02 -3.11
N SER A 86 7.55 -4.70 -1.90
CA SER A 86 6.74 -3.51 -1.58
C SER A 86 7.11 -2.24 -2.33
N PRO A 87 8.42 -1.84 -2.37
CA PRO A 87 8.88 -0.58 -3.00
C PRO A 87 8.65 -0.47 -4.49
N GLU A 88 8.43 -1.59 -5.16
CA GLU A 88 8.19 -1.63 -6.60
C GLU A 88 6.75 -1.44 -7.00
N VAL A 89 5.84 -1.55 -6.06
CA VAL A 89 4.43 -1.44 -6.44
C VAL A 89 3.97 -0.01 -6.71
N ALA A 90 3.35 0.25 -7.87
CA ALA A 90 2.69 1.51 -8.20
C ALA A 90 1.20 1.53 -7.75
N TRP A 91 0.84 2.55 -7.00
CA TRP A 91 -0.44 2.67 -6.29
C TRP A 91 -1.25 3.86 -6.81
N VAL A 92 -2.48 3.59 -7.20
CA VAL A 92 -3.43 4.57 -7.59
C VAL A 92 -4.22 4.92 -6.34
N THR A 93 -4.21 6.18 -5.90
CA THR A 93 -4.97 6.60 -4.69
C THR A 93 -6.18 7.53 -5.01
N HIS A 94 -6.30 8.04 -6.22
CA HIS A 94 -7.35 9.02 -6.52
C HIS A 94 -7.82 8.82 -7.94
N TYR A 95 -9.08 9.20 -8.16
CA TYR A 95 -9.67 9.39 -9.44
C TYR A 95 -10.16 10.81 -9.44
N GLY A 96 -9.66 11.57 -10.42
CA GLY A 96 -9.73 13.02 -10.42
C GLY A 96 -9.17 13.51 -9.11
N ASP A 97 -9.96 14.31 -8.41
CA ASP A 97 -9.55 14.92 -7.11
C ASP A 97 -10.07 14.11 -5.99
N SER A 98 -10.84 13.05 -6.26
CA SER A 98 -11.37 12.20 -5.20
C SER A 98 -10.51 11.00 -4.76
N PRO A 99 -10.31 10.81 -3.41
CA PRO A 99 -9.59 9.65 -2.88
C PRO A 99 -10.38 8.34 -2.98
N LEU A 100 -9.74 7.29 -3.48
CA LEU A 100 -10.34 5.99 -3.45
C LEU A 100 -10.45 5.52 -1.98
N PRO A 101 -11.42 4.67 -1.69
CA PRO A 101 -11.59 4.10 -0.33
C PRO A 101 -10.46 3.17 0.11
N GLU A 102 -9.98 2.39 -0.84
CA GLU A 102 -8.71 1.63 -0.66
C GLU A 102 -7.83 1.92 -1.91
N LYS A 103 -6.56 2.15 -1.68
CA LYS A 103 -5.67 2.28 -2.77
C LYS A 103 -5.59 0.96 -3.62
N ILE A 104 -5.39 1.15 -4.94
CA ILE A 104 -5.34 0.08 -5.92
CA ILE A 104 -5.29 0.00 -5.86
C ILE A 104 -3.93 -0.02 -6.57
N ALA A 105 -3.35 -1.22 -6.62
CA ALA A 105 -2.06 -1.42 -7.29
C ALA A 105 -2.18 -1.71 -8.81
N ILE A 106 -1.22 -1.28 -9.59
CA ILE A 106 -1.08 -1.71 -10.94
C ILE A 106 -0.33 -3.04 -10.87
N ARG A 107 -0.84 -3.99 -11.66
CA ARG A 107 -0.40 -5.38 -11.71
C ARG A 107 1.09 -5.66 -11.95
N PRO A 108 1.84 -5.89 -10.86
CA PRO A 108 3.21 -6.23 -11.01
C PRO A 108 3.41 -7.67 -11.52
N THR A 109 2.32 -8.45 -11.46
CA THR A 109 2.21 -9.87 -11.78
C THR A 109 0.84 -10.24 -11.26
N SER A 110 0.26 -11.30 -11.76
CA SER A 110 -1.20 -11.44 -11.65
C SER A 110 -1.66 -12.60 -10.72
N GLU A 111 -0.74 -13.23 -10.00
CA GLU A 111 -1.14 -14.26 -9.01
C GLU A 111 -2.36 -13.82 -8.13
N THR A 112 -2.35 -12.61 -7.57
CA THR A 112 -3.29 -12.26 -6.57
C THR A 112 -4.60 -11.82 -7.20
N ILE A 113 -4.56 -11.58 -8.52
CA ILE A 113 -5.74 -11.32 -9.33
C ILE A 113 -6.32 -12.60 -9.89
N MET A 114 -5.50 -13.55 -10.35
CA MET A 114 -6.01 -14.81 -10.97
C MET A 114 -6.38 -15.94 -9.98
N TYR A 115 -5.64 -16.11 -8.91
CA TYR A 115 -5.86 -17.30 -8.06
C TYR A 115 -7.12 -17.28 -7.24
N PRO A 116 -7.67 -16.09 -6.87
CA PRO A 116 -8.99 -16.23 -6.23
C PRO A 116 -10.04 -16.71 -7.21
N ALA A 117 -9.94 -16.29 -8.47
CA ALA A 117 -10.88 -16.79 -9.50
C ALA A 117 -10.68 -18.27 -9.74
N TYR A 118 -9.42 -18.75 -9.78
CA TYR A 118 -9.18 -20.18 -9.92
C TYR A 118 -9.88 -20.97 -8.81
N ALA A 119 -9.78 -20.46 -7.59
CA ALA A 119 -10.38 -21.13 -6.44
C ALA A 119 -11.92 -21.18 -6.60
N LYS A 120 -12.49 -20.24 -7.33
CA LYS A 120 -13.95 -20.34 -7.63
C LYS A 120 -14.21 -21.36 -8.74
N TRP A 121 -13.36 -21.37 -9.76
CA TRP A 121 -13.71 -22.11 -10.96
C TRP A 121 -13.42 -23.59 -10.84
N ILE A 122 -12.42 -23.95 -10.02
CA ILE A 122 -12.02 -25.30 -9.86
C ILE A 122 -12.72 -25.93 -8.64
N ARG A 123 -13.57 -26.94 -8.87
CA ARG A 123 -14.31 -27.67 -7.80
C ARG A 123 -14.10 -29.17 -7.80
N SER A 124 -13.87 -29.75 -8.96
CA SER A 124 -13.82 -31.20 -9.16
C SER A 124 -12.69 -31.54 -10.09
N HIS A 125 -12.29 -32.80 -10.10
CA HIS A 125 -11.21 -33.25 -10.99
C HIS A 125 -11.56 -33.02 -12.44
N ARG A 126 -12.82 -32.85 -12.76
CA ARG A 126 -13.19 -32.71 -14.14
C ARG A 126 -12.96 -31.27 -14.64
N ASP A 127 -12.65 -30.31 -13.75
CA ASP A 127 -12.28 -28.96 -14.11
C ASP A 127 -10.81 -28.83 -14.44
N LEU A 128 -10.07 -29.89 -14.27
CA LEU A 128 -8.61 -29.85 -14.46
C LEU A 128 -8.21 -30.63 -15.70
N PRO A 129 -7.12 -30.23 -16.36
CA PRO A 129 -6.26 -29.11 -16.00
C PRO A 129 -6.89 -27.81 -16.39
N LEU A 130 -6.61 -26.77 -15.64
CA LEU A 130 -6.99 -25.40 -16.06
C LEU A 130 -5.69 -24.69 -16.57
N LYS A 131 -5.73 -24.12 -17.77
CA LYS A 131 -4.55 -23.53 -18.36
C LYS A 131 -4.84 -22.23 -19.06
N LEU A 132 -4.41 -21.14 -18.43
CA LEU A 132 -4.57 -19.82 -18.99
C LEU A 132 -3.24 -19.07 -19.18
N ASN A 133 -3.28 -18.14 -20.10
CA ASN A 133 -2.23 -17.23 -20.42
C ASN A 133 -2.88 -15.86 -20.59
N GLN A 134 -2.12 -14.81 -20.26
CA GLN A 134 -2.46 -13.47 -20.81
C GLN A 134 -1.23 -12.71 -21.36
N TRP A 135 -1.51 -11.91 -22.39
CA TRP A 135 -0.61 -10.96 -22.99
C TRP A 135 -1.02 -9.64 -22.38
N CYS A 136 -0.14 -9.00 -21.65
CA CYS A 136 -0.46 -7.74 -21.04
C CYS A 136 0.80 -7.00 -20.73
N SER A 137 0.65 -5.81 -20.14
CA SER A 137 1.81 -5.16 -19.49
C SER A 137 1.76 -5.24 -18.01
N VAL A 138 2.94 -5.08 -17.44
CA VAL A 138 3.18 -5.15 -16.06
C VAL A 138 3.93 -3.89 -15.66
N VAL A 139 3.75 -3.47 -14.43
CA VAL A 139 4.48 -2.26 -13.89
C VAL A 139 5.17 -2.59 -12.60
N ARG A 140 6.45 -2.36 -12.57
CA ARG A 140 7.21 -2.52 -11.35
C ARG A 140 8.15 -1.29 -11.28
N TRP A 141 8.18 -0.58 -10.15
CA TRP A 141 9.03 0.62 -10.02
C TRP A 141 10.48 0.23 -9.66
N GLU A 142 11.16 -0.32 -10.63
CA GLU A 142 12.44 -0.96 -10.43
C GLU A 142 13.39 0.05 -9.78
N PHE A 143 14.09 -0.38 -8.73
CA PHE A 143 15.20 0.30 -8.12
C PHE A 143 16.49 0.32 -8.96
N LYS A 144 16.81 -0.76 -9.63
CA LYS A 144 18.01 -0.83 -10.49
C LYS A 144 17.86 0.11 -11.64
N GLN A 145 18.98 0.51 -12.21
CA GLN A 145 19.10 1.40 -13.39
CA GLN A 145 18.91 1.50 -13.25
C GLN A 145 18.26 0.89 -14.51
N PRO A 146 17.35 1.66 -15.09
CA PRO A 146 16.59 1.13 -16.21
C PRO A 146 17.45 0.84 -17.40
N THR A 147 17.10 -0.16 -18.20
CA THR A 147 17.72 -0.35 -19.47
C THR A 147 16.60 -0.65 -20.46
N PRO A 148 16.54 0.05 -21.60
CA PRO A 148 15.55 -0.28 -22.64
C PRO A 148 15.54 -1.78 -22.96
N PHE A 149 14.33 -2.30 -23.02
CA PHE A 149 14.03 -3.69 -23.13
C PHE A 149 14.34 -4.52 -21.92
N LEU A 150 15.61 -4.53 -21.56
CA LEU A 150 16.05 -5.47 -20.54
C LEU A 150 15.48 -5.27 -19.17
N ARG A 151 15.33 -4.01 -18.76
CA ARG A 151 14.83 -3.72 -17.44
C ARG A 151 14.08 -2.39 -17.48
N THR A 152 12.77 -2.46 -17.61
CA THR A 152 11.96 -1.31 -17.73
C THR A 152 10.86 -1.34 -16.67
N ARG A 153 10.29 -0.18 -16.41
CA ARG A 153 9.35 -0.06 -15.32
C ARG A 153 7.96 -0.40 -15.72
N GLU A 154 7.70 -0.18 -17.00
CA GLU A 154 6.61 -0.86 -17.67
C GLU A 154 7.19 -1.80 -18.73
N PHE A 155 6.76 -3.05 -18.71
CA PHE A 155 7.09 -4.01 -19.74
C PHE A 155 5.92 -4.87 -20.21
N LEU A 156 6.02 -5.33 -21.46
CA LEU A 156 5.10 -6.25 -22.06
C LEU A 156 5.56 -7.64 -21.78
N TRP A 157 4.59 -8.47 -21.45
CA TRP A 157 4.91 -9.88 -21.28
C TRP A 157 3.73 -10.77 -21.62
N GLN A 158 3.94 -12.07 -21.54
CA GLN A 158 2.85 -12.98 -21.31
C GLN A 158 3.07 -13.62 -19.92
N GLU A 159 1.97 -13.96 -19.25
CA GLU A 159 2.05 -14.80 -18.07
C GLU A 159 1.08 -15.94 -18.22
N GLY A 160 1.61 -17.13 -18.08
CA GLY A 160 0.80 -18.34 -18.08
C GLY A 160 0.71 -18.91 -16.66
N HIS A 161 -0.46 -19.43 -16.32
CA HIS A 161 -0.75 -19.95 -14.99
C HIS A 161 -1.62 -21.19 -15.16
N THR A 162 -1.13 -22.36 -14.77
CA THR A 162 -1.94 -23.54 -14.98
C THR A 162 -2.15 -24.23 -13.63
N ALA A 163 -3.13 -25.14 -13.60
CA ALA A 163 -3.48 -25.95 -12.43
C ALA A 163 -3.77 -27.39 -12.89
N HIS A 164 -3.23 -28.36 -12.16
CA HIS A 164 -3.25 -29.78 -12.53
C HIS A 164 -3.65 -30.66 -11.35
N ALA A 165 -4.20 -31.85 -11.63
CA ALA A 165 -4.55 -32.82 -10.57
C ALA A 165 -3.30 -33.44 -9.95
N THR A 166 -2.14 -33.41 -10.64
CA THR A 166 -0.92 -34.07 -10.15
C THR A 166 0.32 -33.28 -10.46
N GLU A 167 1.32 -33.55 -9.66
CA GLU A 167 2.61 -32.95 -9.79
C GLU A 167 3.28 -33.31 -11.09
N GLU A 168 3.11 -34.54 -11.54
CA GLU A 168 3.82 -35.02 -12.70
C GLU A 168 3.30 -34.34 -13.95
N GLU A 169 2.01 -34.11 -14.03
CA GLU A 169 1.49 -33.39 -15.22
C GLU A 169 1.87 -31.88 -15.21
N ALA A 170 1.94 -31.29 -14.02
CA ALA A 170 2.38 -29.94 -13.89
C ALA A 170 3.88 -29.77 -14.32
N TRP A 171 4.74 -30.69 -13.87
CA TRP A 171 6.16 -30.70 -14.26
C TRP A 171 6.34 -30.88 -15.78
N GLU A 172 5.65 -31.86 -16.37
CA GLU A 172 5.67 -32.06 -17.81
C GLU A 172 5.41 -30.69 -18.46
N LEU A 173 4.40 -29.97 -17.96
CA LEU A 173 4.08 -28.71 -18.61
C LEU A 173 5.14 -27.62 -18.38
N VAL A 174 5.72 -27.55 -17.18
CA VAL A 174 6.83 -26.67 -16.91
C VAL A 174 7.94 -26.80 -17.94
N LEU A 175 8.32 -28.06 -18.21
CA LEU A 175 9.40 -28.37 -19.20
C LEU A 175 9.01 -28.13 -20.65
N ASP A 176 7.76 -28.39 -21.00
CA ASP A 176 7.30 -28.03 -22.35
C ASP A 176 7.33 -26.50 -22.57
N ILE A 177 7.01 -25.75 -21.54
CA ILE A 177 6.95 -24.27 -21.70
C ILE A 177 8.46 -23.86 -21.80
N LEU A 178 9.27 -24.41 -20.94
CA LEU A 178 10.69 -24.11 -21.01
C LEU A 178 11.27 -24.37 -22.41
N GLU A 179 10.87 -25.46 -23.05
CA GLU A 179 11.30 -25.76 -24.40
C GLU A 179 10.79 -24.72 -25.36
N LEU A 180 9.53 -24.30 -25.20
CA LEU A 180 9.07 -23.17 -26.03
C LEU A 180 9.87 -21.89 -25.89
N TYR A 181 10.28 -21.54 -24.66
CA TYR A 181 11.20 -20.40 -24.47
C TYR A 181 12.56 -20.53 -25.15
N ARG A 182 13.11 -21.75 -25.16
CA ARG A 182 14.36 -22.00 -25.87
C ARG A 182 14.08 -21.76 -27.34
N ARG A 183 12.88 -22.13 -27.80
CA ARG A 183 12.59 -21.91 -29.25
C ARG A 183 12.36 -20.44 -29.58
N TRP A 184 11.68 -19.72 -28.70
CA TRP A 184 11.51 -18.24 -28.81
C TRP A 184 12.90 -17.60 -29.00
N TYR A 185 13.82 -17.92 -28.10
CA TYR A 185 15.17 -17.42 -28.26
C TYR A 185 16.02 -17.96 -29.39
N GLU A 186 16.10 -19.27 -29.49
CA GLU A 186 17.05 -19.88 -30.38
C GLU A 186 16.53 -19.96 -31.81
N GLU A 187 15.24 -20.24 -32.01
CA GLU A 187 14.70 -20.37 -33.41
C GLU A 187 14.26 -19.04 -34.01
N CYS A 188 13.65 -18.16 -33.20
CA CYS A 188 13.19 -16.91 -33.71
C CYS A 188 14.28 -15.85 -33.66
N LEU A 189 14.90 -15.70 -32.50
CA LEU A 189 15.84 -14.56 -32.33
C LEU A 189 17.31 -14.94 -32.56
N ALA A 190 17.56 -16.21 -32.85
CA ALA A 190 18.93 -16.74 -32.98
C ALA A 190 19.85 -16.51 -31.79
N VAL A 191 19.28 -16.58 -30.59
CA VAL A 191 20.05 -16.29 -29.39
C VAL A 191 20.18 -17.58 -28.67
N PRO A 192 21.40 -18.08 -28.46
CA PRO A 192 21.62 -19.30 -27.67
C PRO A 192 21.33 -19.12 -26.22
N VAL A 193 20.70 -20.11 -25.59
CA VAL A 193 20.36 -20.01 -24.17
C VAL A 193 20.65 -21.30 -23.46
N ILE A 194 20.78 -21.26 -22.12
CA ILE A 194 21.05 -22.46 -21.36
C ILE A 194 19.89 -22.77 -20.43
N LYS A 195 19.31 -23.97 -20.56
CA LYS A 195 18.26 -24.44 -19.66
C LYS A 195 18.85 -24.81 -18.32
N GLY A 196 18.20 -24.44 -17.24
CA GLY A 196 18.71 -24.92 -15.95
C GLY A 196 17.73 -24.71 -14.86
N GLU A 197 18.16 -25.08 -13.65
CA GLU A 197 17.32 -25.01 -12.46
C GLU A 197 17.88 -23.83 -11.70
N LYS A 198 17.04 -22.98 -11.18
CA LYS A 198 17.59 -21.98 -10.25
C LYS A 198 17.94 -22.60 -8.91
N SER A 199 18.92 -22.02 -8.24
CA SER A 199 19.23 -22.41 -6.87
C SER A 199 18.10 -22.01 -5.98
N GLU A 200 18.19 -22.50 -4.76
CA GLU A 200 17.21 -22.19 -3.70
C GLU A 200 17.12 -20.66 -3.31
N GLY A 201 18.25 -19.95 -3.29
CA GLY A 201 18.20 -18.53 -3.05
C GLY A 201 17.68 -17.75 -4.24
N GLU A 202 17.77 -18.30 -5.46
CA GLU A 202 17.40 -17.53 -6.63
C GLU A 202 15.98 -17.91 -7.08
N LYS A 203 15.39 -19.02 -6.61
CA LYS A 203 14.11 -19.46 -7.21
C LYS A 203 12.97 -18.55 -6.79
N PHE A 204 11.85 -18.64 -7.47
CA PHE A 204 10.69 -17.88 -7.02
C PHE A 204 10.20 -18.47 -5.69
N ALA A 205 10.10 -17.66 -4.65
CA ALA A 205 9.92 -18.13 -3.32
C ALA A 205 8.50 -18.64 -3.16
N GLY A 206 7.58 -18.19 -4.00
CA GLY A 206 6.24 -18.78 -3.92
C GLY A 206 6.13 -20.18 -4.56
N GLY A 207 7.25 -20.73 -5.02
CA GLY A 207 7.23 -22.00 -5.76
C GLY A 207 8.15 -23.05 -5.21
N LYS A 208 8.08 -24.23 -5.77
CA LYS A 208 8.90 -25.38 -5.34
C LYS A 208 10.18 -25.48 -6.16
N LYS A 209 10.07 -25.30 -7.47
CA LYS A 209 11.27 -25.32 -8.27
C LYS A 209 11.10 -24.35 -9.41
N THR A 210 12.17 -23.62 -9.74
CA THR A 210 12.15 -22.65 -10.83
C THR A 210 13.12 -23.09 -11.88
N THR A 211 12.63 -23.22 -13.12
CA THR A 211 13.48 -23.52 -14.26
C THR A 211 13.67 -22.25 -15.07
N THR A 212 14.74 -22.17 -15.81
CA THR A 212 15.13 -20.96 -16.50
C THR A 212 15.85 -21.23 -17.81
N VAL A 213 15.75 -20.29 -18.72
CA VAL A 213 16.72 -20.16 -19.78
C VAL A 213 17.60 -18.89 -19.52
N GLU A 214 18.93 -19.11 -19.49
CA GLU A 214 19.96 -18.08 -19.20
C GLU A 214 20.72 -17.74 -20.48
N ALA A 215 21.02 -16.48 -20.64
CA ALA A 215 21.74 -15.99 -21.78
C ALA A 215 22.93 -15.19 -21.27
N PHE A 216 23.76 -14.77 -22.20
CA PHE A 216 25.07 -14.16 -21.88
C PHE A 216 25.32 -12.99 -22.81
N ILE A 217 25.58 -11.82 -22.26
CA ILE A 217 26.08 -10.67 -23.02
C ILE A 217 27.66 -10.54 -22.89
N PRO A 218 28.39 -10.94 -23.91
CA PRO A 218 29.86 -10.91 -23.80
C PRO A 218 30.47 -9.56 -23.44
N GLU A 219 29.86 -8.47 -23.87
CA GLU A 219 30.54 -7.19 -23.89
C GLU A 219 30.53 -6.59 -22.52
N ASN A 220 29.74 -7.10 -21.58
CA ASN A 220 29.92 -6.66 -20.22
C ASN A 220 30.11 -7.81 -19.31
N GLY A 221 30.18 -9.00 -19.88
CA GLY A 221 30.34 -10.23 -19.10
C GLY A 221 29.18 -10.61 -18.17
N ARG A 222 27.97 -10.13 -18.42
CA ARG A 222 26.83 -10.46 -17.57
C ARG A 222 25.92 -11.59 -18.08
N GLY A 223 25.54 -12.48 -17.22
CA GLY A 223 24.46 -13.38 -17.52
C GLY A 223 23.13 -12.60 -17.36
N ILE A 224 22.12 -13.08 -18.04
CA ILE A 224 20.80 -12.45 -17.93
C ILE A 224 19.72 -13.51 -17.99
N GLN A 225 18.78 -13.49 -17.06
CA GLN A 225 17.68 -14.44 -17.16
C GLN A 225 16.75 -14.08 -18.35
N ALA A 226 16.61 -15.03 -19.27
CA ALA A 226 15.87 -14.84 -20.50
C ALA A 226 14.37 -15.11 -20.40
N ALA A 227 13.95 -16.07 -19.55
CA ALA A 227 12.54 -16.46 -19.41
C ALA A 227 12.50 -17.43 -18.24
N THR A 228 11.31 -17.73 -17.73
CA THR A 228 11.26 -18.50 -16.51
C THR A 228 10.04 -19.35 -16.46
N SER A 229 10.17 -20.52 -15.84
CA SER A 229 9.07 -21.50 -15.77
C SER A 229 9.05 -22.24 -14.46
N HIS A 230 7.94 -22.12 -13.69
CA HIS A 230 7.94 -22.56 -12.27
C HIS A 230 7.03 -23.77 -12.07
N LEU A 231 7.56 -24.79 -11.43
CA LEU A 231 6.75 -25.77 -10.76
C LEU A 231 6.39 -25.16 -9.43
N LEU A 232 5.14 -24.80 -9.28
CA LEU A 232 4.72 -24.06 -8.07
C LEU A 232 4.38 -25.00 -6.89
N GLY A 233 4.13 -26.27 -7.20
CA GLY A 233 3.65 -27.24 -6.20
C GLY A 233 2.27 -26.86 -5.73
N THR A 234 2.02 -27.02 -4.42
CA THR A 234 0.72 -26.85 -3.87
C THR A 234 0.65 -25.66 -2.97
N ASN A 235 1.69 -24.85 -2.87
CA ASN A 235 1.61 -23.80 -1.86
C ASN A 235 0.64 -22.67 -2.12
N PHE A 236 0.47 -22.25 -3.39
CA PHE A 236 -0.58 -21.28 -3.69
C PHE A 236 -1.98 -21.84 -3.55
N ALA A 237 -2.12 -23.12 -3.81
CA ALA A 237 -3.41 -23.75 -3.71
C ALA A 237 -3.83 -23.77 -2.25
N LYS A 238 -2.90 -24.06 -1.38
CA LYS A 238 -3.13 -23.90 0.10
C LYS A 238 -3.49 -22.45 0.47
N MET A 239 -2.66 -21.49 0.07
CA MET A 239 -2.96 -20.06 0.29
C MET A 239 -4.30 -19.56 -0.24
N PHE A 240 -4.65 -19.87 -1.49
CA PHE A 240 -5.88 -19.39 -2.06
C PHE A 240 -7.03 -20.36 -1.96
N GLU A 241 -6.76 -21.55 -1.44
CA GLU A 241 -7.84 -22.53 -1.20
C GLU A 241 -8.33 -23.06 -2.54
N ILE A 242 -7.37 -23.42 -3.38
CA ILE A 242 -7.71 -23.96 -4.66
C ILE A 242 -7.65 -25.46 -4.53
N GLU A 243 -8.85 -26.00 -4.44
CA GLU A 243 -9.07 -27.40 -4.11
C GLU A 243 -10.07 -28.07 -5.01
N PHE A 244 -9.91 -29.34 -5.16
CA PHE A 244 -10.88 -30.09 -5.95
C PHE A 244 -11.17 -31.44 -5.31
N GLU A 245 -12.42 -31.85 -5.44
CA GLU A 245 -12.80 -33.24 -5.20
C GLU A 245 -12.24 -34.17 -6.24
N ASP A 246 -11.55 -35.19 -5.79
CA ASP A 246 -11.03 -36.17 -6.72
C ASP A 246 -12.16 -37.15 -7.03
N GLU A 247 -11.78 -38.19 -7.74
CA GLU A 247 -12.68 -39.23 -8.25
C GLU A 247 -13.43 -40.04 -7.17
N GLU A 248 -12.91 -40.06 -5.95
CA GLU A 248 -13.49 -40.73 -4.80
C GLU A 248 -14.15 -39.76 -3.86
N GLY A 249 -14.21 -38.46 -4.21
CA GLY A 249 -14.86 -37.51 -3.29
C GLY A 249 -13.99 -36.83 -2.26
N HIS A 250 -12.70 -37.13 -2.25
CA HIS A 250 -11.78 -36.54 -1.31
C HIS A 250 -11.26 -35.20 -1.85
N LYS A 251 -11.13 -34.21 -0.99
CA LYS A 251 -10.61 -32.92 -1.38
C LYS A 251 -9.10 -32.96 -1.55
N ARG A 252 -8.60 -32.41 -2.65
CA ARG A 252 -7.15 -32.36 -2.92
CA ARG A 252 -7.16 -32.36 -2.93
C ARG A 252 -6.74 -30.95 -3.37
N LEU A 253 -5.48 -30.63 -3.12
CA LEU A 253 -4.92 -29.34 -3.55
C LEU A 253 -4.50 -29.45 -5.02
N VAL A 254 -4.65 -28.39 -5.79
CA VAL A 254 -4.13 -28.45 -7.16
C VAL A 254 -2.60 -28.28 -7.17
N HIS A 255 -1.99 -28.72 -8.26
CA HIS A 255 -0.57 -28.48 -8.50
C HIS A 255 -0.46 -27.49 -9.64
N GLN A 256 0.25 -26.40 -9.43
CA GLN A 256 0.21 -25.28 -10.34
C GLN A 256 1.54 -25.00 -11.01
N THR A 257 1.50 -24.28 -12.13
CA THR A 257 2.74 -23.75 -12.77
C THR A 257 2.48 -22.29 -13.08
N SER A 258 3.55 -21.55 -13.30
CA SER A 258 3.42 -20.22 -13.93
C SER A 258 4.68 -19.97 -14.68
N TRP A 259 4.60 -19.10 -15.68
CA TRP A 259 5.75 -18.92 -16.57
C TRP A 259 5.63 -17.61 -17.22
N GLY A 260 6.76 -17.04 -17.58
CA GLY A 260 6.67 -15.76 -18.27
C GLY A 260 7.91 -15.34 -18.96
N CYS A 261 7.70 -14.46 -19.94
CA CYS A 261 8.77 -13.94 -20.82
C CYS A 261 8.33 -12.60 -21.35
N THR A 262 9.30 -11.67 -21.48
CA THR A 262 9.05 -10.26 -21.77
C THR A 262 9.77 -9.68 -22.98
N THR A 263 9.56 -8.39 -23.17
CA THR A 263 10.24 -7.65 -24.21
C THR A 263 11.74 -7.62 -23.94
N ARG A 264 12.18 -8.04 -22.75
CA ARG A 264 13.58 -8.24 -22.52
C ARG A 264 14.24 -8.99 -23.67
N SER A 265 13.54 -9.99 -24.20
CA SER A 265 14.02 -10.78 -25.30
C SER A 265 14.49 -9.96 -26.52
N LEU A 266 13.81 -8.90 -26.85
CA LEU A 266 14.29 -8.06 -27.96
C LEU A 266 15.66 -7.45 -27.70
N GLY A 267 15.91 -7.05 -26.45
CA GLY A 267 17.12 -6.37 -26.13
C GLY A 267 18.28 -7.33 -26.16
N VAL A 268 18.06 -8.51 -25.61
CA VAL A 268 19.00 -9.62 -25.77
C VAL A 268 19.39 -9.94 -27.24
N MET A 269 18.42 -9.99 -28.12
CA MET A 269 18.67 -10.21 -29.53
C MET A 269 19.51 -9.08 -30.09
N ILE A 270 19.18 -7.84 -29.76
CA ILE A 270 19.91 -6.65 -30.27
C ILE A 270 21.38 -6.73 -29.85
N MET A 271 21.64 -7.04 -28.61
CA MET A 271 22.95 -7.02 -28.05
C MET A 271 23.78 -8.20 -28.56
N THR A 272 23.12 -9.34 -28.78
CA THR A 272 23.74 -10.56 -29.26
C THR A 272 24.25 -10.36 -30.71
N HIS A 273 23.42 -9.84 -31.62
CA HIS A 273 23.85 -9.79 -32.99
C HIS A 273 24.41 -8.47 -33.50
N GLY A 274 24.36 -7.39 -32.70
CA GLY A 274 24.71 -6.04 -33.19
C GLY A 274 26.22 -5.92 -33.44
N ASP A 275 26.59 -5.01 -34.34
CA ASP A 275 28.00 -4.76 -34.60
C ASP A 275 28.19 -3.26 -34.59
N ASP A 276 29.43 -2.87 -34.83
CA ASP A 276 29.83 -1.44 -34.89
C ASP A 276 28.98 -0.61 -35.83
N LYS A 277 28.48 -1.12 -36.95
CA LYS A 277 27.57 -0.28 -37.77
C LYS A 277 26.13 -0.20 -37.21
N GLY A 278 25.70 -1.10 -36.31
CA GLY A 278 24.33 -1.03 -35.82
C GLY A 278 23.71 -2.38 -35.54
N LEU A 279 22.39 -2.47 -35.71
CA LEU A 279 21.68 -3.73 -35.46
C LEU A 279 21.93 -4.73 -36.60
N VAL A 280 21.72 -5.97 -36.28
CA VAL A 280 21.62 -7.00 -37.29
C VAL A 280 20.41 -7.80 -36.83
N ILE A 281 19.37 -7.83 -37.65
CA ILE A 281 18.15 -8.53 -37.23
C ILE A 281 18.02 -9.86 -37.92
N PRO A 282 17.84 -10.92 -37.14
CA PRO A 282 17.67 -12.21 -37.79
C PRO A 282 16.47 -12.19 -38.75
N PRO A 283 16.60 -12.81 -39.92
CA PRO A 283 15.57 -12.79 -40.90
C PRO A 283 14.21 -13.29 -40.44
N ARG A 284 14.15 -14.21 -39.48
CA ARG A 284 12.84 -14.71 -39.06
C ARG A 284 11.94 -13.67 -38.43
N VAL A 285 12.54 -12.67 -37.83
CA VAL A 285 11.78 -11.67 -37.17
C VAL A 285 11.95 -10.29 -37.79
N ALA A 286 12.80 -10.14 -38.77
CA ALA A 286 12.94 -8.76 -39.34
C ALA A 286 11.65 -8.21 -39.98
N SER A 287 11.31 -6.96 -39.70
CA SER A 287 10.13 -6.30 -40.30
C SER A 287 10.29 -6.21 -41.86
N VAL A 288 11.49 -5.86 -42.32
CA VAL A 288 11.85 -5.94 -43.72
C VAL A 288 13.01 -6.97 -43.77
N GLN A 289 12.87 -7.99 -44.59
CA GLN A 289 13.95 -8.96 -44.80
C GLN A 289 14.92 -8.55 -45.92
N VAL A 290 14.34 -7.97 -46.98
CA VAL A 290 15.07 -7.42 -48.12
C VAL A 290 14.66 -5.98 -48.47
N VAL A 291 15.61 -5.08 -48.40
CA VAL A 291 15.33 -3.70 -48.81
C VAL A 291 15.90 -3.57 -50.20
N ILE A 292 15.07 -3.06 -51.10
CA ILE A 292 15.46 -2.81 -52.48
C ILE A 292 15.83 -1.33 -52.60
N ILE A 293 17.09 -1.09 -52.93
CA ILE A 293 17.62 0.28 -53.08
C ILE A 293 17.96 0.57 -54.53
N PRO A 294 17.16 1.38 -55.16
CA PRO A 294 17.46 1.67 -56.53
C PRO A 294 18.60 2.67 -56.59
N ILE A 295 19.47 2.50 -57.57
CA ILE A 295 20.58 3.44 -57.71
C ILE A 295 20.16 4.65 -58.54
N LEU A 296 19.63 5.66 -57.84
CA LEU A 296 19.06 6.90 -58.40
C LEU A 296 19.53 8.14 -57.62
N PHE A 297 19.57 9.29 -58.28
CA PHE A 297 20.21 10.47 -57.67
C PHE A 297 19.36 11.77 -57.49
N GLU A 300 15.72 13.19 -61.50
CA GLU A 300 16.25 12.34 -62.57
C GLU A 300 15.45 11.02 -62.85
N ASN A 301 14.43 10.72 -62.03
CA ASN A 301 13.55 9.51 -62.21
C ASN A 301 12.98 9.44 -63.64
N THR A 302 12.87 8.23 -64.20
CA THR A 302 12.31 8.00 -65.58
C THR A 302 11.31 6.83 -65.66
N GLY A 303 11.17 6.07 -64.56
CA GLY A 303 10.33 4.87 -64.47
C GLY A 303 10.98 3.53 -64.77
N GLU A 304 12.09 3.53 -65.49
CA GLU A 304 12.78 2.25 -65.80
C GLU A 304 13.24 1.47 -64.53
N ILE A 305 14.00 2.11 -63.65
CA ILE A 305 14.54 1.48 -62.44
C ILE A 305 13.40 1.11 -61.46
N LEU A 306 12.64 2.11 -61.03
CA LEU A 306 11.47 1.93 -60.16
C LEU A 306 10.45 0.91 -60.65
N GLY A 307 10.15 0.92 -61.95
CA GLY A 307 9.32 -0.09 -62.54
C GLY A 307 9.92 -1.47 -62.33
N LYS A 308 11.20 -1.66 -62.61
CA LYS A 308 11.82 -2.95 -62.35
C LYS A 308 11.80 -3.30 -60.83
N CYS A 309 12.08 -2.33 -59.96
CA CYS A 309 12.05 -2.57 -58.52
C CYS A 309 10.64 -3.04 -58.02
N ARG A 310 9.57 -2.44 -58.54
CA ARG A 310 8.20 -2.93 -58.26
C ARG A 310 8.02 -4.35 -58.76
N GLU A 311 8.35 -4.65 -60.01
CA GLU A 311 8.25 -6.04 -60.44
C GLU A 311 9.03 -6.97 -59.53
N LEU A 312 10.22 -6.59 -59.11
CA LEU A 312 11.00 -7.48 -58.24
C LEU A 312 10.31 -7.67 -56.83
N LYS A 313 9.67 -6.64 -56.33
CA LYS A 313 9.07 -6.71 -55.02
C LYS A 313 7.89 -7.68 -55.05
N THR A 314 7.10 -7.59 -56.11
CA THR A 314 5.96 -8.45 -56.37
C THR A 314 6.41 -9.89 -56.46
N MET A 315 7.46 -10.15 -57.21
CA MET A 315 8.01 -11.51 -57.30
C MET A 315 8.52 -12.03 -55.94
N LEU A 316 9.10 -11.16 -55.12
CA LEU A 316 9.71 -11.63 -53.90
C LEU A 316 8.63 -11.86 -52.87
N GLU A 317 7.60 -11.01 -52.90
CA GLU A 317 6.45 -11.20 -52.04
C GLU A 317 5.69 -12.47 -52.32
N LYS A 318 5.59 -12.86 -53.60
CA LYS A 318 5.04 -14.17 -53.94
C LYS A 318 5.71 -15.26 -53.13
N ALA A 319 7.00 -15.13 -52.89
CA ALA A 319 7.71 -16.19 -52.12
C ALA A 319 7.70 -15.97 -50.61
N ASP A 320 6.82 -15.06 -50.17
CA ASP A 320 6.67 -14.66 -48.73
C ASP A 320 7.85 -13.90 -48.13
N ILE A 321 8.62 -13.21 -48.98
CA ILE A 321 9.63 -12.31 -48.49
C ILE A 321 9.05 -10.93 -48.17
N ARG A 322 9.37 -10.41 -46.99
CA ARG A 322 9.08 -9.07 -46.58
C ARG A 322 10.11 -8.07 -47.18
N VAL A 323 9.58 -7.25 -48.10
CA VAL A 323 10.33 -6.37 -49.00
C VAL A 323 9.87 -4.95 -48.83
N ARG A 324 10.80 -4.02 -48.82
CA ARG A 324 10.45 -2.62 -48.94
C ARG A 324 11.34 -2.04 -50.05
N ILE A 325 10.81 -1.09 -50.81
CA ILE A 325 11.65 -0.32 -51.76
C ILE A 325 11.90 1.03 -51.17
N ASP A 326 13.16 1.41 -50.99
CA ASP A 326 13.43 2.75 -50.50
C ASP A 326 13.49 3.66 -51.71
N ASP A 327 12.36 4.26 -52.09
CA ASP A 327 12.35 5.16 -53.28
C ASP A 327 12.46 6.65 -52.97
N ARG A 328 12.93 6.98 -51.78
CA ARG A 328 13.03 8.38 -51.36
C ARG A 328 13.97 9.21 -52.23
N SER A 329 13.58 10.44 -52.51
CA SER A 329 14.19 11.22 -53.59
C SER A 329 15.53 11.89 -53.25
N ASN A 330 15.67 12.31 -52.01
CA ASN A 330 16.75 13.23 -51.59
C ASN A 330 17.97 12.60 -50.90
N TYR A 331 18.13 11.29 -51.02
CA TYR A 331 19.20 10.61 -50.30
C TYR A 331 20.02 9.92 -51.37
N THR A 332 21.33 9.85 -51.19
CA THR A 332 22.10 9.06 -52.11
C THR A 332 22.00 7.58 -51.75
N PRO A 333 22.37 6.73 -52.71
CA PRO A 333 22.32 5.34 -52.44
C PRO A 333 23.18 4.97 -51.26
N GLY A 334 24.33 5.61 -51.13
CA GLY A 334 25.19 5.32 -50.00
C GLY A 334 24.62 5.62 -48.61
N TRP A 335 23.96 6.77 -48.50
CA TRP A 335 23.18 7.16 -47.34
C TRP A 335 22.14 6.06 -47.04
N LYS A 336 21.43 5.63 -48.06
CA LYS A 336 20.47 4.52 -47.92
C LYS A 336 21.13 3.22 -47.46
N TYR A 337 22.29 2.88 -48.01
CA TYR A 337 22.88 1.60 -47.58
C TYR A 337 23.09 1.69 -46.08
N ASN A 338 23.74 2.77 -45.66
CA ASN A 338 24.02 2.95 -44.26
C ASN A 338 22.76 2.93 -43.41
N HIS A 339 21.72 3.61 -43.86
CA HIS A 339 20.51 3.73 -43.05
C HIS A 339 19.92 2.36 -42.73
N TRP A 340 19.75 1.54 -43.76
CA TRP A 340 19.22 0.20 -43.59
C TRP A 340 20.20 -0.78 -42.94
N GLU A 341 21.50 -0.53 -43.06
CA GLU A 341 22.40 -1.29 -42.26
C GLU A 341 22.25 -1.03 -40.76
N VAL A 342 22.05 0.24 -40.37
CA VAL A 342 21.93 0.62 -38.93
C VAL A 342 20.64 -0.03 -38.37
N LYS A 343 19.60 -0.05 -39.18
CA LYS A 343 18.31 -0.76 -38.85
C LYS A 343 18.42 -2.28 -38.84
N GLY A 344 19.51 -2.82 -39.35
CA GLY A 344 19.66 -4.27 -39.31
C GLY A 344 18.96 -5.10 -40.38
N VAL A 345 18.55 -4.49 -41.48
CA VAL A 345 17.92 -5.28 -42.54
C VAL A 345 18.92 -6.31 -42.98
N PRO A 346 18.52 -7.57 -43.00
CA PRO A 346 19.49 -8.61 -43.31
C PRO A 346 19.99 -8.67 -44.76
N LEU A 347 19.17 -8.25 -45.72
CA LEU A 347 19.60 -8.27 -47.12
C LEU A 347 19.30 -6.98 -47.80
N ARG A 348 20.31 -6.41 -48.48
CA ARG A 348 20.11 -5.26 -49.35
C ARG A 348 20.16 -5.72 -50.82
N LEU A 349 19.19 -5.33 -51.63
CA LEU A 349 19.20 -5.60 -53.06
C LEU A 349 19.37 -4.26 -53.79
N GLU A 350 20.47 -4.14 -54.51
CA GLU A 350 20.82 -2.90 -55.19
C GLU A 350 20.45 -3.00 -56.68
N LEU A 351 19.71 -2.04 -57.20
CA LEU A 351 19.37 -2.12 -58.60
C LEU A 351 19.68 -0.82 -59.33
N GLY A 352 20.74 -0.84 -60.15
CA GLY A 352 21.08 0.33 -60.95
C GLY A 352 21.07 0.11 -62.44
N PRO A 353 21.52 1.15 -63.20
CA PRO A 353 21.42 1.02 -64.65
C PRO A 353 22.16 -0.14 -65.22
N LYS A 354 23.36 -0.41 -64.69
CA LYS A 354 24.16 -1.55 -65.16
C LYS A 354 23.43 -2.84 -64.90
N ASP A 355 22.83 -2.95 -63.71
CA ASP A 355 21.98 -4.10 -63.34
C ASP A 355 20.79 -4.23 -64.29
N LEU A 356 20.02 -3.18 -64.49
CA LEU A 356 18.97 -3.25 -65.53
C LEU A 356 19.48 -3.80 -66.88
N ALA A 357 20.69 -3.41 -67.26
CA ALA A 357 21.27 -3.73 -68.59
C ALA A 357 21.65 -5.20 -68.74
N LYS A 358 22.19 -5.75 -67.65
CA LYS A 358 22.53 -7.16 -67.45
C LYS A 358 21.32 -7.65 -66.63
N GLY A 359 20.77 -8.81 -66.92
CA GLY A 359 19.51 -9.03 -66.22
C GLY A 359 19.70 -9.39 -64.75
N THR A 360 20.42 -8.57 -63.97
CA THR A 360 20.91 -8.97 -62.62
C THR A 360 20.64 -7.94 -61.52
N ALA A 361 21.00 -8.32 -60.29
CA ALA A 361 20.85 -7.51 -59.09
C ALA A 361 22.01 -7.90 -58.22
N ARG A 362 22.44 -6.96 -57.39
CA ARG A 362 23.59 -7.18 -56.56
C ARG A 362 23.03 -7.25 -55.14
N VAL A 363 23.28 -8.33 -54.40
CA VAL A 363 22.67 -8.49 -53.07
C VAL A 363 23.78 -8.55 -52.10
N VAL A 364 23.64 -7.76 -51.04
CA VAL A 364 24.65 -7.69 -50.01
C VAL A 364 24.00 -8.11 -48.69
N ARG A 365 24.73 -8.98 -47.98
CA ARG A 365 24.36 -9.54 -46.69
C ARG A 365 24.77 -8.59 -45.58
N ARG A 366 23.88 -8.33 -44.63
CA ARG A 366 24.24 -7.45 -43.52
C ARG A 366 25.20 -8.01 -42.46
N ASP A 367 25.12 -9.31 -42.22
CA ASP A 367 25.93 -9.95 -41.19
C ASP A 367 27.43 -10.01 -41.53
N THR A 368 27.82 -10.29 -42.78
CA THR A 368 29.23 -10.45 -43.16
C THR A 368 29.68 -9.45 -44.21
N GLY A 369 28.71 -8.80 -44.85
CA GLY A 369 29.04 -7.87 -45.94
C GLY A 369 29.27 -8.50 -47.32
N GLU A 370 29.14 -9.81 -47.44
CA GLU A 370 29.38 -10.47 -48.72
C GLU A 370 28.30 -10.09 -49.74
N ALA A 371 28.76 -9.93 -50.98
CA ALA A 371 27.98 -9.53 -52.11
C ALA A 371 27.77 -10.68 -53.06
N TYR A 372 26.60 -10.74 -53.69
CA TYR A 372 26.30 -11.78 -54.66
C TYR A 372 25.69 -11.14 -55.89
N GLN A 373 26.03 -11.63 -57.06
CA GLN A 373 25.38 -11.23 -58.29
C GLN A 373 24.37 -12.26 -58.63
N ILE A 374 23.14 -11.87 -58.86
CA ILE A 374 22.10 -12.88 -59.08
C ILE A 374 21.16 -12.46 -60.20
N SER A 375 20.89 -13.37 -61.13
CA SER A 375 19.87 -13.13 -62.15
C SER A 375 18.52 -12.91 -61.52
N TRP A 376 17.73 -12.06 -62.16
CA TRP A 376 16.35 -11.78 -61.67
C TRP A 376 15.55 -13.09 -61.40
N ALA A 377 15.55 -13.98 -62.40
CA ALA A 377 14.87 -15.26 -62.34
C ALA A 377 15.23 -16.08 -61.11
N ASP A 378 16.50 -16.09 -60.75
CA ASP A 378 16.99 -16.78 -59.56
C ASP A 378 16.84 -16.05 -58.22
N LEU A 379 16.33 -14.81 -58.23
CA LEU A 379 16.29 -14.02 -57.00
C LEU A 379 15.58 -14.68 -55.78
N ALA A 380 14.29 -15.04 -55.94
CA ALA A 380 13.52 -15.60 -54.85
C ALA A 380 14.21 -16.81 -54.19
N PRO A 381 14.60 -17.84 -54.96
CA PRO A 381 15.20 -19.00 -54.31
C PRO A 381 16.50 -18.70 -53.68
N LYS A 382 17.31 -17.86 -54.32
CA LYS A 382 18.64 -17.54 -53.79
C LYS A 382 18.51 -16.72 -52.51
N LEU A 383 17.51 -15.83 -52.44
CA LEU A 383 17.32 -15.01 -51.25
C LEU A 383 16.76 -15.79 -50.05
N LEU A 384 15.83 -16.71 -50.32
CA LEU A 384 15.36 -17.74 -49.33
C LEU A 384 16.53 -18.53 -48.74
N GLU A 385 17.38 -19.04 -49.62
CA GLU A 385 18.64 -19.68 -49.17
C GLU A 385 19.53 -18.75 -48.32
N LEU A 386 19.73 -17.50 -48.78
CA LEU A 386 20.61 -16.61 -48.02
C LEU A 386 20.09 -16.36 -46.60
N MET A 387 18.80 -16.12 -46.50
CA MET A 387 18.12 -15.85 -45.27
C MET A 387 18.29 -16.94 -44.29
N GLU A 388 18.14 -18.17 -44.77
CA GLU A 388 18.35 -19.32 -43.91
C GLU A 388 19.84 -19.42 -43.55
N GLY A 389 20.76 -19.09 -44.48
CA GLY A 389 22.21 -19.04 -44.14
C GLY A 389 22.55 -17.97 -43.06
N ILE A 390 21.91 -16.80 -43.17
CA ILE A 390 22.16 -15.70 -42.26
C ILE A 390 21.65 -16.09 -40.86
N GLN A 391 20.42 -16.61 -40.80
CA GLN A 391 19.75 -16.95 -39.54
C GLN A 391 20.57 -17.99 -38.85
N ARG A 392 20.89 -19.06 -39.57
CA ARG A 392 21.81 -20.08 -39.05
C ARG A 392 23.21 -19.56 -38.63
N SER A 393 23.83 -18.77 -39.48
CA SER A 393 25.16 -18.28 -39.11
C SER A 393 25.10 -17.33 -37.85
N LEU A 394 24.04 -16.53 -37.73
CA LEU A 394 23.94 -15.66 -36.54
C LEU A 394 23.88 -16.46 -35.27
N PHE A 395 23.13 -17.55 -35.33
CA PHE A 395 23.02 -18.39 -34.16
C PHE A 395 24.33 -19.11 -33.85
N GLU A 396 24.91 -19.75 -34.85
CA GLU A 396 26.14 -20.53 -34.63
CA GLU A 396 26.20 -20.52 -34.76
C GLU A 396 27.27 -19.63 -34.14
N LYS A 397 27.40 -18.41 -34.63
CA LYS A 397 28.37 -17.49 -34.06
C LYS A 397 28.11 -17.09 -32.65
N ALA A 398 26.85 -16.79 -32.29
CA ALA A 398 26.56 -16.41 -30.94
C ALA A 398 26.79 -17.62 -30.00
N LYS A 399 26.47 -18.80 -30.47
CA LYS A 399 26.68 -19.97 -29.67
C LYS A 399 28.19 -20.20 -29.32
N ALA A 400 29.05 -19.94 -30.28
CA ALA A 400 30.51 -20.03 -30.06
C ALA A 400 30.96 -18.95 -29.11
N ARG A 401 30.38 -17.75 -29.18
CA ARG A 401 30.77 -16.71 -28.22
C ARG A 401 30.27 -17.07 -26.82
N LEU A 402 29.06 -17.59 -26.74
CA LEU A 402 28.58 -18.06 -25.46
C LEU A 402 29.57 -19.08 -24.86
N HIS A 403 29.96 -20.08 -25.63
CA HIS A 403 30.89 -21.10 -25.18
C HIS A 403 32.19 -20.50 -24.68
N GLU A 404 32.76 -19.58 -25.44
CA GLU A 404 34.03 -18.93 -25.06
C GLU A 404 33.88 -18.05 -23.80
N GLY A 405 32.62 -17.70 -23.45
CA GLY A 405 32.36 -16.82 -22.32
C GLY A 405 32.26 -17.61 -21.01
N ILE A 406 32.35 -18.92 -21.07
CA ILE A 406 32.24 -19.73 -19.85
C ILE A 406 33.53 -20.49 -19.59
N GLU A 407 34.07 -20.30 -18.39
CA GLU A 407 35.26 -21.02 -17.94
C GLU A 407 34.86 -22.02 -16.90
N LYS A 408 35.20 -23.28 -17.13
CA LYS A 408 35.09 -24.35 -16.18
C LYS A 408 36.25 -24.22 -15.18
N ILE A 409 35.95 -24.22 -13.89
CA ILE A 409 36.98 -24.05 -12.84
C ILE A 409 36.73 -25.02 -11.69
N SER A 410 37.70 -25.13 -10.79
CA SER A 410 37.66 -26.11 -9.71
C SER A 410 37.71 -25.48 -8.40
N THR A 411 38.30 -24.27 -8.35
CA THR A 411 38.60 -23.63 -7.04
C THR A 411 38.27 -22.16 -7.02
N PHE A 412 37.99 -21.67 -5.82
CA PHE A 412 37.63 -20.29 -5.61
C PHE A 412 38.65 -19.29 -6.12
N ASP A 413 39.93 -19.68 -6.13
CA ASP A 413 41.04 -18.80 -6.63
C ASP A 413 40.95 -18.53 -8.09
N GLU A 414 40.32 -19.42 -8.87
CA GLU A 414 40.10 -19.11 -10.29
C GLU A 414 38.94 -18.14 -10.52
N VAL A 415 38.21 -17.74 -9.47
CA VAL A 415 36.99 -16.92 -9.72
C VAL A 415 37.24 -15.49 -10.20
N MET A 416 38.00 -14.72 -9.43
CA MET A 416 38.10 -13.31 -9.72
C MET A 416 38.78 -13.11 -11.06
N PRO A 417 39.78 -13.91 -11.40
CA PRO A 417 40.35 -13.75 -12.74
C PRO A 417 39.39 -14.02 -13.90
N ALA A 418 38.56 -15.05 -13.73
CA ALA A 418 37.50 -15.31 -14.72
C ALA A 418 36.49 -14.16 -14.79
N LEU A 419 36.10 -13.60 -13.64
CA LEU A 419 35.19 -12.45 -13.66
C LEU A 419 35.84 -11.23 -14.29
N ASN A 420 37.15 -11.13 -14.18
CA ASN A 420 37.83 -9.94 -14.66
C ASN A 420 37.98 -10.13 -16.15
N ARG A 421 38.00 -11.37 -16.64
CA ARG A 421 37.93 -11.61 -18.09
C ARG A 421 36.51 -11.44 -18.75
N LYS A 422 35.51 -10.94 -18.01
CA LYS A 422 34.13 -10.73 -18.51
C LYS A 422 33.54 -12.09 -18.92
N HIS A 423 33.76 -13.05 -18.05
CA HIS A 423 33.38 -14.43 -18.28
C HIS A 423 32.51 -14.94 -17.14
N LEU A 424 31.80 -16.02 -17.45
CA LEU A 424 30.96 -16.70 -16.48
C LEU A 424 31.79 -17.84 -15.97
N VAL A 425 31.48 -18.35 -14.75
CA VAL A 425 32.09 -19.58 -14.29
C VAL A 425 31.14 -20.76 -14.11
N LEU A 426 31.69 -21.92 -14.41
CA LEU A 426 30.99 -23.19 -14.30
C LEU A 426 31.82 -23.93 -13.33
N ALA A 427 31.20 -24.31 -12.25
CA ALA A 427 31.95 -24.81 -11.07
C ALA A 427 31.20 -25.85 -10.29
N PRO A 428 31.90 -26.84 -9.74
CA PRO A 428 31.11 -27.76 -8.95
C PRO A 428 30.74 -27.16 -7.65
N TRP A 429 29.52 -27.41 -7.21
CA TRP A 429 28.97 -26.74 -6.08
C TRP A 429 28.19 -27.70 -5.22
N CYS A 430 28.34 -27.57 -3.90
CA CYS A 430 27.59 -28.42 -3.00
C CYS A 430 26.13 -28.01 -2.88
N GLU A 431 25.77 -26.83 -3.35
CA GLU A 431 24.39 -26.35 -3.33
C GLU A 431 23.87 -26.06 -1.94
N ASP A 432 24.77 -25.96 -0.96
CA ASP A 432 24.37 -25.46 0.35
C ASP A 432 23.85 -23.98 0.27
N PRO A 433 22.66 -23.68 0.81
CA PRO A 433 22.21 -22.28 0.60
C PRO A 433 23.06 -21.18 1.28
N GLU A 434 23.61 -21.47 2.48
CA GLU A 434 24.48 -20.48 3.18
C GLU A 434 25.67 -20.09 2.27
N SER A 435 26.27 -21.08 1.60
CA SER A 435 27.45 -20.87 0.73
C SER A 435 27.21 -19.85 -0.41
N GLU A 436 26.00 -19.84 -0.98
CA GLU A 436 25.67 -18.84 -2.01
C GLU A 436 25.65 -17.43 -1.46
N GLU A 437 24.98 -17.25 -0.33
CA GLU A 437 25.10 -15.93 0.35
C GLU A 437 26.57 -15.54 0.61
N GLN A 438 27.42 -16.51 1.02
CA GLN A 438 28.84 -16.17 1.30
C GLN A 438 29.66 -15.83 0.06
N ILE A 439 29.44 -16.60 -1.00
CA ILE A 439 30.11 -16.35 -2.24
C ILE A 439 29.71 -15.00 -2.80
N LYS A 440 28.42 -14.66 -2.72
CA LYS A 440 27.98 -13.34 -3.14
C LYS A 440 28.74 -12.23 -2.37
N LYS A 441 28.79 -12.33 -1.05
CA LYS A 441 29.44 -11.29 -0.24
C LYS A 441 30.91 -11.21 -0.50
N GLU A 442 31.60 -12.34 -0.48
CA GLU A 442 33.02 -12.33 -0.71
C GLU A 442 33.38 -11.85 -2.11
N THR A 443 32.63 -12.22 -3.16
CA THR A 443 32.94 -11.69 -4.53
C THR A 443 32.65 -10.18 -4.66
N GLN A 444 31.59 -9.71 -4.03
CA GLN A 444 31.30 -8.27 -4.04
C GLN A 444 32.44 -7.51 -3.37
N LYS A 445 32.77 -7.88 -2.12
CA LYS A 445 33.89 -7.27 -1.36
C LYS A 445 35.26 -7.30 -2.10
N LEU A 446 35.52 -8.31 -2.91
CA LEU A 446 36.75 -8.36 -3.67
C LEU A 446 36.66 -7.52 -4.93
N SER A 447 35.43 -7.29 -5.42
CA SER A 447 35.19 -6.46 -6.61
C SER A 447 35.47 -5.01 -6.25
N GLU A 448 35.03 -4.60 -5.07
CA GLU A 448 35.32 -3.24 -4.52
C GLU A 448 36.85 -3.07 -4.25
N ILE A 449 37.40 -3.87 -3.33
CA ILE A 449 38.85 -3.87 -3.04
C ILE A 449 39.53 -4.51 -4.25
N GLN A 450 39.62 -3.79 -5.38
CA GLN A 450 40.40 -4.24 -6.58
C GLN A 450 40.52 -3.07 -7.55
N THR A 462 26.21 -4.16 -9.89
CA THR A 462 26.98 -4.61 -8.72
C THR A 462 28.08 -5.62 -9.16
N GLY A 463 29.12 -5.81 -8.33
CA GLY A 463 30.26 -6.70 -8.64
C GLY A 463 30.08 -8.14 -8.12
N ALA A 464 29.01 -8.38 -7.38
CA ALA A 464 28.69 -9.71 -6.82
C ALA A 464 28.51 -10.78 -7.91
N MET A 465 29.02 -11.96 -7.65
CA MET A 465 28.80 -13.07 -8.53
C MET A 465 27.69 -13.91 -7.90
N LYS A 466 26.66 -14.25 -8.67
CA LYS A 466 25.59 -15.07 -8.13
C LYS A 466 25.34 -16.31 -9.03
N THR A 467 24.51 -17.25 -8.55
CA THR A 467 24.16 -18.39 -9.36
C THR A 467 23.29 -17.88 -10.48
N LEU A 468 23.48 -18.42 -11.68
CA LEU A 468 22.64 -18.11 -12.80
C LEU A 468 21.69 -19.28 -12.96
N CYS A 469 22.26 -20.47 -13.10
CA CYS A 469 21.46 -21.67 -12.98
C CYS A 469 22.32 -22.90 -12.80
N ILE A 470 21.62 -23.97 -12.47
CA ILE A 470 22.16 -25.29 -12.46
C ILE A 470 21.74 -25.94 -13.78
N PRO A 471 22.68 -26.15 -14.68
CA PRO A 471 22.27 -26.57 -16.03
C PRO A 471 21.81 -28.00 -16.15
N PHE A 472 20.77 -28.22 -16.96
CA PHE A 472 20.26 -29.54 -17.21
C PHE A 472 21.37 -30.36 -17.88
N ASP A 473 22.13 -29.71 -18.75
CA ASP A 473 23.26 -30.30 -19.46
C ASP A 473 24.46 -30.35 -18.51
N GLN A 474 24.55 -31.38 -17.68
CA GLN A 474 25.70 -31.42 -16.73
C GLN A 474 26.99 -31.92 -17.37
N PRO A 475 28.10 -31.17 -17.23
CA PRO A 475 29.36 -31.85 -17.56
C PRO A 475 29.63 -33.08 -16.64
N PRO A 476 30.61 -33.92 -17.03
CA PRO A 476 30.95 -35.05 -16.18
C PRO A 476 31.46 -34.57 -14.78
N MET A 477 31.07 -35.29 -13.72
CA MET A 477 31.47 -35.03 -12.35
C MET A 477 32.19 -36.29 -11.82
N PRO A 478 33.53 -36.30 -11.96
CA PRO A 478 34.34 -37.41 -11.40
C PRO A 478 34.01 -37.61 -9.91
N GLU A 479 34.12 -38.84 -9.49
CA GLU A 479 33.89 -39.17 -8.09
C GLU A 479 34.86 -38.46 -7.24
N GLY A 480 34.35 -37.88 -6.15
CA GLY A 480 35.19 -37.19 -5.19
C GLY A 480 35.40 -35.74 -5.49
N THR A 481 34.78 -35.23 -6.55
CA THR A 481 34.95 -33.85 -6.88
C THR A 481 34.36 -33.02 -5.76
N LYS A 482 35.04 -31.95 -5.43
CA LYS A 482 34.71 -31.11 -4.28
C LYS A 482 34.10 -29.80 -4.76
N CYS A 483 33.16 -29.26 -3.98
CA CYS A 483 32.68 -27.90 -4.13
C CYS A 483 33.88 -26.93 -4.15
N PHE A 484 33.95 -26.13 -5.19
CA PHE A 484 34.89 -25.06 -5.37
C PHE A 484 34.99 -24.05 -4.24
N TYR A 485 33.98 -23.96 -3.38
CA TYR A 485 33.94 -22.97 -2.35
C TYR A 485 34.01 -23.61 -0.94
N THR A 486 33.22 -24.60 -0.64
CA THR A 486 33.23 -25.15 0.71
C THR A 486 34.26 -26.29 0.88
N GLY A 487 34.72 -26.91 -0.19
CA GLY A 487 35.46 -28.17 -0.09
C GLY A 487 34.65 -29.38 0.35
N LYS A 488 33.34 -29.22 0.56
CA LYS A 488 32.48 -30.37 0.75
C LYS A 488 32.25 -31.11 -0.59
N PRO A 489 31.64 -32.31 -0.53
CA PRO A 489 31.37 -33.02 -1.77
C PRO A 489 30.43 -32.17 -2.69
N ALA A 490 30.79 -32.09 -3.97
CA ALA A 490 30.04 -31.28 -4.94
C ALA A 490 28.85 -32.08 -5.42
N LYS A 491 27.74 -31.41 -5.61
CA LYS A 491 26.55 -32.01 -6.13
C LYS A 491 26.53 -31.98 -7.67
N ARG A 492 26.39 -30.81 -8.25
CA ARG A 492 26.26 -30.58 -9.65
C ARG A 492 27.13 -29.41 -10.05
N TRP A 493 27.38 -29.28 -11.33
CA TRP A 493 27.98 -28.10 -11.85
C TRP A 493 26.91 -27.00 -11.81
N THR A 494 27.34 -25.84 -11.35
CA THR A 494 26.55 -24.68 -11.33
C THR A 494 27.21 -23.54 -12.09
N LEU A 495 26.36 -22.82 -12.82
CA LEU A 495 26.82 -21.69 -13.61
C LEU A 495 26.66 -20.38 -12.82
N TRP A 496 27.72 -19.58 -12.75
CA TRP A 496 27.77 -18.40 -11.88
C TRP A 496 28.23 -17.25 -12.74
N GLY A 497 27.81 -16.04 -12.42
CA GLY A 497 28.50 -14.87 -12.91
C GLY A 497 27.88 -13.62 -12.34
N ARG A 498 28.37 -12.54 -12.88
CA ARG A 498 27.70 -11.27 -12.75
C ARG A 498 26.46 -11.32 -13.64
N SER A 499 25.49 -10.52 -13.23
CA SER A 499 24.11 -10.58 -13.66
C SER A 499 23.48 -9.26 -13.92
N TYR A 500 22.41 -9.27 -14.69
CA TYR A 500 21.43 -8.19 -14.69
C TYR A 500 20.47 -8.31 -13.52
N MET B 3 -27.74 -23.33 -16.78
CA MET B 3 -28.86 -22.84 -17.64
C MET B 3 -29.34 -21.44 -17.26
N VAL B 4 -29.75 -20.69 -18.30
CA VAL B 4 -30.28 -19.34 -18.20
C VAL B 4 -31.79 -19.37 -17.83
N THR B 5 -32.27 -18.54 -16.89
CA THR B 5 -33.72 -18.54 -16.55
C THR B 5 -34.45 -17.16 -16.64
N ALA B 6 -33.77 -16.03 -16.67
CA ALA B 6 -34.46 -14.77 -16.92
C ALA B 6 -34.77 -14.72 -18.43
N LYS B 7 -35.89 -14.08 -18.76
CA LYS B 7 -36.33 -13.99 -20.12
C LYS B 7 -35.77 -12.69 -20.69
N LYS B 8 -35.17 -12.80 -21.87
CA LYS B 8 -34.63 -11.65 -22.55
C LYS B 8 -35.60 -10.50 -22.63
N ASP B 9 -36.88 -10.80 -22.94
CA ASP B 9 -37.89 -9.73 -23.07
C ASP B 9 -38.58 -9.28 -21.77
N GLU B 10 -38.13 -9.76 -20.61
CA GLU B 10 -38.74 -9.35 -19.34
C GLU B 10 -37.80 -8.51 -18.48
N ASN B 11 -36.71 -9.07 -17.98
CA ASN B 11 -35.76 -8.28 -17.24
C ASN B 11 -34.41 -8.39 -18.00
N PHE B 12 -34.12 -7.36 -18.76
CA PHE B 12 -33.06 -7.42 -19.74
C PHE B 12 -31.69 -7.47 -19.10
N SER B 13 -31.48 -6.56 -18.15
CA SER B 13 -30.38 -6.57 -17.22
C SER B 13 -30.00 -7.92 -16.67
N GLU B 14 -30.96 -8.60 -16.08
CA GLU B 14 -30.68 -9.88 -15.39
C GLU B 14 -30.42 -10.97 -16.45
N TRP B 15 -31.14 -10.87 -17.56
CA TRP B 15 -30.87 -11.78 -18.65
C TRP B 15 -29.38 -11.63 -19.09
N TYR B 16 -28.89 -10.42 -19.32
CA TYR B 16 -27.56 -10.19 -19.83
C TYR B 16 -26.57 -10.75 -18.85
N THR B 17 -26.74 -10.44 -17.56
CA THR B 17 -25.82 -10.93 -16.57
C THR B 17 -25.77 -12.41 -16.50
N GLN B 18 -26.94 -13.03 -16.44
CA GLN B 18 -26.97 -14.47 -16.48
C GLN B 18 -26.26 -15.01 -17.72
N ALA B 19 -26.49 -14.39 -18.87
CA ALA B 19 -26.01 -14.99 -20.11
C ALA B 19 -24.48 -14.92 -20.17
N ILE B 20 -23.92 -13.84 -19.68
CA ILE B 20 -22.49 -13.70 -19.82
C ILE B 20 -21.79 -14.47 -18.73
N VAL B 21 -22.48 -14.73 -17.61
CA VAL B 21 -21.81 -15.47 -16.53
C VAL B 21 -21.87 -16.94 -16.85
N ARG B 22 -23.05 -17.43 -17.23
CA ARG B 22 -23.26 -18.86 -17.43
C ARG B 22 -22.65 -19.38 -18.70
N SER B 23 -22.38 -18.52 -19.70
CA SER B 23 -21.62 -18.97 -20.88
C SER B 23 -20.15 -18.90 -20.62
N GLU B 24 -19.76 -18.46 -19.42
CA GLU B 24 -18.36 -18.33 -18.98
C GLU B 24 -17.56 -17.32 -19.79
N MET B 25 -18.21 -16.23 -20.13
CA MET B 25 -17.60 -15.09 -20.76
C MET B 25 -16.93 -14.16 -19.76
N ILE B 26 -17.63 -13.90 -18.66
CA ILE B 26 -17.04 -13.01 -17.69
C ILE B 26 -17.16 -13.53 -16.26
N GLU B 27 -16.24 -13.08 -15.41
CA GLU B 27 -16.24 -13.36 -13.99
C GLU B 27 -16.19 -11.99 -13.30
N TYR B 28 -17.01 -11.77 -12.28
CA TYR B 28 -17.08 -10.49 -11.56
C TYR B 28 -15.85 -10.31 -10.71
N TYR B 29 -15.59 -9.08 -10.30
CA TYR B 29 -14.35 -8.77 -9.65
C TYR B 29 -14.63 -7.76 -8.57
N ASP B 30 -13.73 -7.60 -7.65
CA ASP B 30 -14.04 -6.80 -6.46
C ASP B 30 -13.89 -5.29 -6.72
N ILE B 31 -13.09 -4.89 -7.69
CA ILE B 31 -13.01 -3.49 -8.05
C ILE B 31 -14.10 -3.23 -9.10
N SER B 32 -14.96 -2.31 -8.73
CA SER B 32 -16.20 -2.03 -9.42
C SER B 32 -15.94 -1.50 -10.84
N GLY B 33 -16.68 -2.00 -11.81
CA GLY B 33 -16.54 -1.53 -13.16
C GLY B 33 -15.45 -2.26 -13.88
N CYS B 34 -14.81 -3.23 -13.22
CA CYS B 34 -13.79 -4.04 -13.90
C CYS B 34 -14.24 -5.45 -13.87
N TYR B 35 -13.99 -6.16 -14.97
CA TYR B 35 -14.39 -7.55 -15.04
C TYR B 35 -13.31 -8.44 -15.63
N ILE B 36 -13.35 -9.70 -15.30
CA ILE B 36 -12.47 -10.64 -15.88
C ILE B 36 -13.07 -11.16 -17.17
N MET B 37 -12.26 -11.12 -18.22
CA MET B 37 -12.64 -11.71 -19.53
C MET B 37 -12.09 -13.11 -19.59
N ARG B 38 -12.97 -14.05 -19.57
CA ARG B 38 -12.57 -15.43 -19.57
C ARG B 38 -12.38 -15.83 -21.03
N PRO B 39 -11.70 -16.98 -21.27
CA PRO B 39 -11.37 -17.54 -22.53
C PRO B 39 -12.48 -17.58 -23.53
N TRP B 40 -13.70 -17.99 -23.12
CA TRP B 40 -14.77 -18.01 -24.11
C TRP B 40 -15.04 -16.63 -24.70
N ALA B 41 -14.97 -15.58 -23.90
CA ALA B 41 -15.12 -14.25 -24.46
C ALA B 41 -13.82 -13.81 -25.19
N PHE B 42 -12.68 -14.09 -24.59
CA PHE B 42 -11.40 -13.72 -25.21
C PHE B 42 -11.18 -14.25 -26.64
N HIS B 43 -11.60 -15.48 -26.93
CA HIS B 43 -11.60 -16.01 -28.33
C HIS B 43 -12.29 -15.08 -29.33
N ILE B 44 -13.47 -14.56 -28.98
CA ILE B 44 -14.18 -13.66 -29.89
C ILE B 44 -13.42 -12.37 -30.13
N TRP B 45 -12.88 -11.80 -29.07
CA TRP B 45 -12.02 -10.65 -29.23
C TRP B 45 -10.84 -10.93 -30.10
N GLU B 46 -10.19 -12.12 -29.91
CA GLU B 46 -9.06 -12.50 -30.74
C GLU B 46 -9.43 -12.56 -32.24
N LYS B 47 -10.61 -13.01 -32.54
CA LYS B 47 -11.08 -13.04 -33.93
C LYS B 47 -11.28 -11.63 -34.54
N VAL B 48 -11.94 -10.74 -33.83
CA VAL B 48 -12.12 -9.41 -34.36
C VAL B 48 -10.83 -8.60 -34.39
N GLN B 49 -9.96 -8.86 -33.44
CA GLN B 49 -8.67 -8.26 -33.42
C GLN B 49 -7.90 -8.65 -34.67
N ARG B 50 -7.80 -9.93 -35.00
CA ARG B 50 -7.05 -10.41 -36.17
C ARG B 50 -7.68 -9.88 -37.48
N PHE B 51 -8.99 -9.88 -37.54
CA PHE B 51 -9.66 -9.25 -38.65
C PHE B 51 -9.22 -7.82 -38.88
N PHE B 52 -9.41 -6.96 -37.88
CA PHE B 52 -9.07 -5.54 -37.99
C PHE B 52 -7.59 -5.28 -38.19
N ASP B 53 -6.79 -6.01 -37.44
CA ASP B 53 -5.37 -5.85 -37.53
C ASP B 53 -4.86 -6.16 -38.95
N ASP B 54 -5.29 -7.28 -39.53
CA ASP B 54 -4.96 -7.67 -40.91
C ASP B 54 -5.37 -6.58 -41.92
N GLU B 55 -6.60 -6.12 -41.79
CA GLU B 55 -7.07 -5.05 -42.63
C GLU B 55 -6.28 -3.78 -42.51
N ILE B 56 -5.99 -3.30 -41.30
CA ILE B 56 -5.27 -2.02 -41.25
C ILE B 56 -3.78 -2.14 -41.74
N LYS B 57 -3.20 -3.35 -41.59
CA LYS B 57 -1.86 -3.59 -42.16
C LYS B 57 -1.92 -3.42 -43.67
N LYS B 58 -2.99 -3.87 -44.37
CA LYS B 58 -3.03 -3.63 -45.84
C LYS B 58 -3.05 -2.15 -46.20
N MET B 59 -3.44 -1.30 -45.26
CA MET B 59 -3.40 0.14 -45.49
C MET B 59 -2.09 0.74 -45.09
N GLY B 60 -1.11 -0.09 -44.75
CA GLY B 60 0.16 0.46 -44.30
C GLY B 60 0.22 0.93 -42.84
N VAL B 61 -0.78 0.62 -42.02
CA VAL B 61 -0.73 1.03 -40.63
C VAL B 61 0.17 0.07 -39.91
N GLU B 62 1.00 0.58 -39.00
CA GLU B 62 1.89 -0.27 -38.24
C GLU B 62 1.59 -0.18 -36.77
N ASN B 63 1.75 -1.29 -36.09
CA ASN B 63 1.56 -1.31 -34.67
C ASN B 63 2.75 -0.80 -33.93
N SER B 64 2.46 -0.30 -32.74
CA SER B 64 3.45 0.23 -31.83
C SER B 64 2.99 0.01 -30.41
N TYR B 65 3.83 0.35 -29.45
CA TYR B 65 3.38 0.45 -28.05
C TYR B 65 3.99 1.62 -27.30
N PHE B 66 3.10 2.57 -26.93
CA PHE B 66 3.43 3.71 -26.14
C PHE B 66 3.10 3.46 -24.67
N PRO B 67 3.79 4.15 -23.79
CA PRO B 67 3.59 3.85 -22.35
C PRO B 67 2.19 4.09 -21.84
N MET B 68 1.85 3.36 -20.78
CA MET B 68 0.56 3.53 -20.12
C MET B 68 0.50 4.75 -19.17
N PHE B 69 1.62 5.43 -18.98
CA PHE B 69 1.64 6.57 -18.07
C PHE B 69 1.90 7.88 -18.76
N VAL B 70 1.16 8.89 -18.31
CA VAL B 70 1.37 10.22 -18.70
C VAL B 70 1.49 11.14 -17.46
N SER B 71 2.52 11.95 -17.55
CA SER B 71 2.87 12.84 -16.54
C SER B 71 1.80 13.93 -16.42
N ARG B 72 1.61 14.36 -15.20
CA ARG B 72 0.57 15.37 -14.90
C ARG B 72 0.59 16.57 -15.84
N HIS B 73 1.76 17.12 -16.06
CA HIS B 73 1.83 18.36 -16.82
C HIS B 73 1.61 18.14 -18.30
N LYS B 74 1.94 16.95 -18.83
CA LYS B 74 1.64 16.64 -20.23
C LYS B 74 0.15 16.35 -20.46
N LEU B 75 -0.54 15.75 -19.50
CA LEU B 75 -1.96 15.51 -19.64
C LEU B 75 -2.73 16.85 -19.60
N GLU B 76 -2.35 17.73 -18.68
CA GLU B 76 -2.97 19.06 -18.41
C GLU B 76 -2.42 20.25 -19.23
N PHE B 85 -13.33 16.12 -18.43
CA PHE B 85 -12.71 14.77 -18.48
C PHE B 85 -11.97 14.36 -17.19
N SER B 86 -11.39 15.36 -16.54
CA SER B 86 -10.70 15.31 -15.21
C SER B 86 -11.14 14.34 -14.10
N PRO B 87 -12.44 14.24 -13.81
CA PRO B 87 -12.93 13.26 -12.77
C PRO B 87 -12.71 11.80 -13.11
N GLU B 88 -12.54 11.50 -14.40
CA GLU B 88 -12.29 10.13 -14.86
C GLU B 88 -10.79 9.62 -14.76
N VAL B 89 -9.85 10.50 -14.54
CA VAL B 89 -8.46 10.14 -14.67
C VAL B 89 -7.97 9.38 -13.41
N ALA B 90 -7.36 8.20 -13.57
CA ALA B 90 -6.81 7.47 -12.47
C ALA B 90 -5.37 7.93 -12.22
N TRP B 91 -5.07 8.35 -10.99
CA TRP B 91 -3.75 8.87 -10.65
C TRP B 91 -2.90 7.97 -9.83
N VAL B 92 -1.69 7.73 -10.32
CA VAL B 92 -0.70 7.02 -9.55
C VAL B 92 0.01 8.10 -8.70
N THR B 93 0.02 7.95 -7.38
CA THR B 93 0.65 8.94 -6.48
C THR B 93 1.79 8.35 -5.68
N HIS B 94 1.91 7.05 -5.61
CA HIS B 94 2.96 6.47 -4.83
C HIS B 94 3.64 5.26 -5.45
N TYR B 95 4.91 5.06 -5.09
CA TYR B 95 5.60 3.79 -5.30
C TYR B 95 6.06 3.24 -3.96
N GLY B 96 5.54 2.08 -3.56
CA GLY B 96 5.66 1.59 -2.19
C GLY B 96 5.01 2.60 -1.28
N ASP B 97 5.71 2.95 -0.21
CA ASP B 97 5.27 3.99 0.75
C ASP B 97 5.71 5.41 0.32
N SER B 98 6.55 5.52 -0.71
CA SER B 98 7.07 6.81 -1.14
C SER B 98 6.13 7.47 -2.11
N PRO B 99 5.95 8.79 -1.98
CA PRO B 99 5.19 9.58 -2.91
C PRO B 99 6.02 9.94 -4.13
N LEU B 100 5.40 9.79 -5.30
CA LEU B 100 5.97 10.32 -6.50
C LEU B 100 6.18 11.84 -6.40
N PRO B 101 7.38 12.32 -6.81
CA PRO B 101 7.61 13.74 -6.81
C PRO B 101 6.49 14.45 -7.56
N GLU B 102 6.12 13.90 -8.72
CA GLU B 102 5.01 14.41 -9.52
C GLU B 102 4.07 13.22 -9.82
N LYS B 103 2.77 13.38 -9.60
CA LYS B 103 1.88 12.26 -9.76
C LYS B 103 1.71 11.96 -11.25
N ILE B 104 1.25 10.73 -11.57
CA ILE B 104 1.24 10.23 -12.95
C ILE B 104 -0.10 9.68 -13.22
N ALA B 105 -0.57 9.80 -14.44
CA ALA B 105 -1.86 9.32 -14.79
C ALA B 105 -1.80 8.14 -15.72
N ILE B 106 -2.66 7.20 -15.48
CA ILE B 106 -2.82 6.05 -16.33
C ILE B 106 -3.54 6.52 -17.58
N ARG B 107 -3.23 5.86 -18.68
CA ARG B 107 -3.79 6.19 -19.97
C ARG B 107 -5.31 6.19 -19.99
N PRO B 108 -5.90 7.28 -20.46
CA PRO B 108 -7.34 7.26 -20.72
C PRO B 108 -7.60 7.27 -22.24
N THR B 109 -6.61 7.75 -22.95
CA THR B 109 -6.41 7.88 -24.38
C THR B 109 -4.91 8.30 -24.59
N SER B 110 -4.39 8.27 -25.80
CA SER B 110 -2.91 8.46 -25.90
C SER B 110 -2.36 9.63 -26.72
N GLU B 111 -3.25 10.54 -27.10
CA GLU B 111 -2.90 11.79 -27.73
C GLU B 111 -1.76 12.47 -26.99
N THR B 112 -1.86 12.62 -25.67
CA THR B 112 -0.90 13.42 -24.98
C THR B 112 0.45 12.69 -24.87
N ILE B 113 0.43 11.38 -25.15
CA ILE B 113 1.61 10.48 -25.08
C ILE B 113 2.21 10.37 -26.47
N MET B 114 1.36 10.27 -27.49
CA MET B 114 1.84 10.08 -28.88
C MET B 114 2.27 11.34 -29.56
N TYR B 115 1.51 12.45 -29.36
CA TYR B 115 1.70 13.65 -30.19
C TYR B 115 3.01 14.43 -30.08
N PRO B 116 3.57 14.52 -28.87
CA PRO B 116 4.91 15.13 -28.78
C PRO B 116 5.96 14.30 -29.49
N ALA B 117 5.82 12.97 -29.50
CA ALA B 117 6.72 12.16 -30.34
C ALA B 117 6.50 12.38 -31.82
N TYR B 118 5.25 12.50 -32.25
CA TYR B 118 4.91 12.80 -33.66
C TYR B 118 5.58 14.14 -34.14
N ALA B 119 5.59 15.16 -33.26
CA ALA B 119 6.24 16.45 -33.54
C ALA B 119 7.70 16.25 -33.79
N LYS B 120 8.32 15.38 -33.02
CA LYS B 120 9.72 15.08 -33.19
C LYS B 120 10.04 14.28 -34.46
N TRP B 121 9.26 13.26 -34.78
CA TRP B 121 9.56 12.40 -35.91
C TRP B 121 9.22 12.97 -37.31
N ILE B 122 8.28 13.90 -37.38
CA ILE B 122 7.84 14.45 -38.67
C ILE B 122 8.55 15.77 -39.00
N ARG B 123 9.27 15.78 -40.10
CA ARG B 123 10.05 16.97 -40.48
C ARG B 123 9.78 17.42 -41.89
N SER B 124 9.44 16.45 -42.74
CA SER B 124 9.30 16.68 -44.15
C SER B 124 8.22 15.78 -44.72
N HIS B 125 7.73 16.15 -45.89
CA HIS B 125 6.74 15.38 -46.65
C HIS B 125 7.17 13.93 -46.81
N ARG B 126 8.48 13.70 -46.81
CA ARG B 126 8.96 12.34 -46.95
C ARG B 126 8.59 11.43 -45.77
N ASP B 127 8.27 12.01 -44.62
CA ASP B 127 7.89 11.25 -43.41
C ASP B 127 6.38 11.06 -43.32
N LEU B 128 5.63 11.56 -44.30
CA LEU B 128 4.17 11.41 -44.31
C LEU B 128 3.75 10.53 -45.45
N PRO B 129 2.61 9.80 -45.32
CA PRO B 129 1.78 9.76 -44.12
C PRO B 129 2.43 8.93 -42.98
N LEU B 130 2.28 9.36 -41.75
CA LEU B 130 2.64 8.53 -40.58
C LEU B 130 1.37 7.82 -40.04
N LYS B 131 1.39 6.50 -40.01
CA LYS B 131 0.23 5.71 -39.68
C LYS B 131 0.55 4.74 -38.59
N LEU B 132 0.13 5.03 -37.36
CA LEU B 132 0.33 4.07 -36.25
C LEU B 132 -0.98 3.63 -35.56
N ASN B 133 -0.96 2.43 -34.99
CA ASN B 133 -1.97 1.89 -34.14
C ASN B 133 -1.38 1.27 -32.90
N GLN B 134 -2.20 1.14 -31.86
CA GLN B 134 -1.83 0.24 -30.78
C GLN B 134 -2.99 -0.46 -30.19
N TRP B 135 -2.79 -1.73 -29.86
CA TRP B 135 -3.75 -2.55 -29.08
C TRP B 135 -3.33 -2.43 -27.62
N CYS B 136 -4.19 -1.90 -26.80
CA CYS B 136 -3.82 -1.76 -25.39
C CYS B 136 -5.09 -1.65 -24.54
N SER B 137 -4.92 -1.38 -23.24
CA SER B 137 -6.03 -1.06 -22.45
C SER B 137 -5.96 0.39 -22.00
N VAL B 138 -7.13 0.97 -21.81
CA VAL B 138 -7.27 2.29 -21.19
C VAL B 138 -8.13 2.21 -19.97
N VAL B 139 -7.99 3.23 -19.12
CA VAL B 139 -8.69 3.31 -17.87
C VAL B 139 -9.39 4.68 -17.77
N ARG B 140 -10.67 4.64 -17.45
CA ARG B 140 -11.48 5.84 -17.21
C ARG B 140 -12.38 5.50 -16.04
N TRP B 141 -12.33 6.33 -15.00
CA TRP B 141 -13.11 6.05 -13.82
C TRP B 141 -14.54 6.53 -14.13
N GLU B 142 -15.22 5.75 -14.96
CA GLU B 142 -16.58 6.06 -15.39
C GLU B 142 -17.49 6.36 -14.21
N PHE B 143 -18.29 7.41 -14.35
CA PHE B 143 -19.26 7.82 -13.36
C PHE B 143 -20.58 7.06 -13.62
N LYS B 144 -20.94 6.89 -14.89
CA LYS B 144 -22.14 6.08 -15.23
C LYS B 144 -22.04 4.66 -14.73
N GLN B 145 -23.20 4.06 -14.61
CA GLN B 145 -23.40 2.69 -14.24
C GLN B 145 -22.54 1.79 -15.15
N PRO B 146 -21.70 0.94 -14.56
CA PRO B 146 -20.91 0.15 -15.47
C PRO B 146 -21.73 -1.03 -15.97
N THR B 147 -21.41 -1.47 -17.18
CA THR B 147 -21.98 -2.70 -17.75
C THR B 147 -20.84 -3.53 -18.31
N PRO B 148 -20.75 -4.84 -17.94
CA PRO B 148 -19.71 -5.63 -18.61
C PRO B 148 -19.74 -5.48 -20.18
N PHE B 149 -18.54 -5.38 -20.71
CA PHE B 149 -18.26 -4.97 -22.11
C PHE B 149 -18.61 -3.57 -22.53
N LEU B 150 -19.88 -3.18 -22.35
CA LEU B 150 -20.37 -1.95 -22.90
C LEU B 150 -19.79 -0.74 -22.26
N ARG B 151 -19.59 -0.75 -20.94
CA ARG B 151 -19.01 0.42 -20.25
C ARG B 151 -18.26 -0.02 -19.00
N THR B 152 -16.96 -0.16 -19.15
CA THR B 152 -16.11 -0.67 -18.09
C THR B 152 -15.04 0.35 -17.79
N ARG B 153 -14.46 0.27 -16.62
CA ARG B 153 -13.45 1.23 -16.22
C ARG B 153 -12.01 1.00 -16.70
N GLU B 154 -11.66 -0.27 -16.97
CA GLU B 154 -10.52 -0.68 -17.80
C GLU B 154 -11.18 -1.39 -18.99
N PHE B 155 -10.78 -0.95 -20.18
CA PHE B 155 -11.25 -1.63 -21.37
C PHE B 155 -10.14 -1.81 -22.35
N LEU B 156 -10.19 -2.93 -23.07
CA LEU B 156 -9.28 -3.17 -24.16
C LEU B 156 -9.82 -2.42 -25.37
N TRP B 157 -8.87 -1.90 -26.13
CA TRP B 157 -9.12 -1.28 -27.41
C TRP B 157 -7.89 -1.28 -28.32
N GLN B 158 -8.11 -0.89 -29.56
CA GLN B 158 -7.07 -0.26 -30.36
C GLN B 158 -7.41 1.22 -30.53
N GLU B 159 -6.33 1.99 -30.70
CA GLU B 159 -6.40 3.38 -31.10
C GLU B 159 -5.40 3.62 -32.22
N GLY B 160 -5.93 4.20 -33.29
CA GLY B 160 -5.17 4.50 -34.50
C GLY B 160 -4.99 5.97 -34.58
N HIS B 161 -3.79 6.39 -34.90
CA HIS B 161 -3.50 7.80 -34.99
C HIS B 161 -2.65 8.05 -36.23
N THR B 162 -3.17 8.84 -37.16
CA THR B 162 -2.44 9.09 -38.39
C THR B 162 -2.26 10.55 -38.64
N ALA B 163 -1.27 10.85 -39.48
CA ALA B 163 -0.86 12.19 -39.84
C ALA B 163 -0.52 12.24 -41.32
N HIS B 164 -1.09 13.21 -42.00
CA HIS B 164 -0.99 13.32 -43.46
C HIS B 164 -0.64 14.73 -43.94
N ALA B 165 -0.20 14.82 -45.19
CA ALA B 165 0.07 16.11 -45.86
C ALA B 165 -1.19 16.93 -46.22
N THR B 166 -2.31 16.27 -46.52
CA THR B 166 -3.52 16.97 -47.00
C THR B 166 -4.75 16.49 -46.27
N GLU B 167 -5.73 17.37 -46.20
CA GLU B 167 -6.99 17.06 -45.65
C GLU B 167 -7.68 15.92 -46.39
N GLU B 168 -7.55 15.89 -47.71
CA GLU B 168 -8.24 14.90 -48.55
C GLU B 168 -7.78 13.48 -48.23
N GLU B 169 -6.48 13.29 -48.09
CA GLU B 169 -5.95 11.99 -47.82
C GLU B 169 -6.35 11.50 -46.39
N ALA B 170 -6.34 12.40 -45.42
CA ALA B 170 -6.72 12.07 -44.08
C ALA B 170 -8.21 11.73 -44.05
N TRP B 171 -9.06 12.50 -44.75
CA TRP B 171 -10.47 12.21 -44.78
C TRP B 171 -10.73 10.86 -45.44
N GLU B 172 -9.95 10.51 -46.43
CA GLU B 172 -10.17 9.24 -47.10
C GLU B 172 -9.87 8.09 -46.13
N LEU B 173 -8.86 8.27 -45.30
CA LEU B 173 -8.49 7.20 -44.34
C LEU B 173 -9.52 7.11 -43.21
N VAL B 174 -9.99 8.25 -42.74
CA VAL B 174 -11.15 8.32 -41.83
C VAL B 174 -12.26 7.41 -42.32
N LEU B 175 -12.58 7.48 -43.60
CA LEU B 175 -13.71 6.73 -44.16
C LEU B 175 -13.38 5.28 -44.40
N ASP B 176 -12.15 5.01 -44.77
CA ASP B 176 -11.71 3.62 -44.89
C ASP B 176 -11.79 2.88 -43.53
N ILE B 177 -11.34 3.56 -42.48
CA ILE B 177 -11.34 2.96 -41.14
C ILE B 177 -12.80 2.78 -40.77
N LEU B 178 -13.60 3.80 -41.03
CA LEU B 178 -15.03 3.64 -40.65
C LEU B 178 -15.66 2.44 -41.32
N GLU B 179 -15.27 2.18 -42.58
CA GLU B 179 -15.83 1.05 -43.27
C GLU B 179 -15.33 -0.26 -42.66
N LEU B 180 -14.08 -0.28 -42.24
CA LEU B 180 -13.55 -1.43 -41.56
C LEU B 180 -14.35 -1.71 -40.28
N TYR B 181 -14.81 -0.68 -39.59
CA TYR B 181 -15.59 -0.89 -38.37
C TYR B 181 -16.98 -1.36 -38.70
N ARG B 182 -17.51 -0.96 -39.87
CA ARG B 182 -18.79 -1.50 -40.33
C ARG B 182 -18.58 -2.99 -40.62
N ARG B 183 -17.40 -3.37 -41.11
CA ARG B 183 -17.14 -4.74 -41.38
C ARG B 183 -16.95 -5.56 -40.08
N TRP B 184 -16.31 -4.99 -39.07
CA TRP B 184 -16.14 -5.67 -37.72
C TRP B 184 -17.53 -6.01 -37.15
N TYR B 185 -18.43 -5.02 -37.11
CA TYR B 185 -19.80 -5.30 -36.64
C TYR B 185 -20.62 -6.15 -37.56
N GLU B 186 -20.71 -5.75 -38.82
CA GLU B 186 -21.62 -6.43 -39.75
C GLU B 186 -21.14 -7.78 -40.28
N GLU B 187 -19.91 -7.84 -40.74
CA GLU B 187 -19.43 -9.05 -41.36
CA GLU B 187 -19.34 -9.04 -41.36
C GLU B 187 -18.90 -10.06 -40.31
N CYS B 188 -18.25 -9.61 -39.26
CA CYS B 188 -17.80 -10.53 -38.26
C CYS B 188 -18.92 -10.79 -37.22
N LEU B 189 -19.41 -9.75 -36.56
CA LEU B 189 -20.33 -9.93 -35.46
C LEU B 189 -21.84 -10.01 -35.87
N ALA B 190 -22.15 -9.79 -37.16
CA ALA B 190 -23.52 -9.88 -37.69
C ALA B 190 -24.43 -8.90 -37.03
N VAL B 191 -23.86 -7.77 -36.64
CA VAL B 191 -24.58 -6.69 -36.00
C VAL B 191 -24.64 -5.54 -36.98
N PRO B 192 -25.84 -5.08 -37.34
CA PRO B 192 -26.06 -3.96 -38.23
C PRO B 192 -25.79 -2.64 -37.55
N VAL B 193 -25.10 -1.72 -38.25
CA VAL B 193 -24.71 -0.43 -37.71
C VAL B 193 -25.05 0.63 -38.70
N ILE B 194 -25.20 1.85 -38.25
CA ILE B 194 -25.47 2.97 -39.16
C ILE B 194 -24.26 3.89 -39.18
N LYS B 195 -23.77 4.24 -40.37
CA LYS B 195 -22.68 5.23 -40.48
C LYS B 195 -23.24 6.62 -40.48
N GLY B 196 -22.63 7.47 -39.68
CA GLY B 196 -23.03 8.86 -39.56
C GLY B 196 -21.95 9.80 -39.09
N GLU B 197 -22.41 11.01 -38.88
CA GLU B 197 -21.55 12.12 -38.51
C GLU B 197 -22.07 12.49 -37.18
N LYS B 198 -21.21 12.85 -36.27
CA LYS B 198 -21.66 13.34 -34.98
C LYS B 198 -22.02 14.80 -35.13
N SER B 199 -23.03 15.23 -34.40
CA SER B 199 -23.37 16.66 -34.32
C SER B 199 -22.24 17.43 -33.64
N GLU B 200 -22.30 18.75 -33.74
CA GLU B 200 -21.29 19.62 -33.12
C GLU B 200 -21.21 19.43 -31.61
N GLY B 201 -22.32 19.13 -30.95
CA GLY B 201 -22.29 18.90 -29.51
C GLY B 201 -21.68 17.55 -29.08
N GLU B 202 -21.78 16.55 -29.96
CA GLU B 202 -21.35 15.22 -29.63
C GLU B 202 -19.97 14.88 -30.18
N LYS B 203 -19.40 15.70 -31.05
CA LYS B 203 -18.17 15.29 -31.64
C LYS B 203 -16.98 15.43 -30.67
N PHE B 204 -15.89 14.75 -30.98
CA PHE B 204 -14.69 14.89 -30.20
C PHE B 204 -14.27 16.36 -30.38
N ALA B 205 -14.24 17.10 -29.27
CA ALA B 205 -13.87 18.53 -29.24
C ALA B 205 -12.45 18.87 -29.78
N GLY B 206 -11.49 17.98 -29.62
CA GLY B 206 -10.20 18.22 -30.25
C GLY B 206 -10.18 18.06 -31.78
N GLY B 207 -11.30 17.69 -32.38
CA GLY B 207 -11.35 17.41 -33.82
C GLY B 207 -12.22 18.33 -34.67
N LYS B 208 -12.16 18.13 -35.96
CA LYS B 208 -12.96 18.92 -36.90
C LYS B 208 -14.28 18.23 -37.18
N LYS B 209 -14.17 16.94 -37.45
CA LYS B 209 -15.35 16.14 -37.76
C LYS B 209 -15.20 14.77 -37.15
N THR B 210 -16.29 14.27 -36.56
CA THR B 210 -16.31 12.92 -36.03
C THR B 210 -17.29 12.07 -36.78
N THR B 211 -16.86 10.93 -37.33
CA THR B 211 -17.75 9.92 -37.85
C THR B 211 -17.88 8.76 -36.87
N THR B 212 -19.03 8.09 -36.96
CA THR B 212 -19.40 7.00 -36.07
C THR B 212 -20.11 5.88 -36.82
N VAL B 213 -20.13 4.68 -36.24
CA VAL B 213 -21.06 3.66 -36.58
C VAL B 213 -21.89 3.47 -35.34
N GLU B 214 -23.21 3.43 -35.52
CA GLU B 214 -24.13 3.43 -34.37
C GLU B 214 -24.97 2.17 -34.42
N ALA B 215 -25.20 1.57 -33.26
CA ALA B 215 -26.04 0.36 -33.14
C ALA B 215 -27.19 0.63 -32.19
N PHE B 216 -28.03 -0.37 -32.01
CA PHE B 216 -29.31 -0.20 -31.36
C PHE B 216 -29.62 -1.39 -30.52
N ILE B 217 -29.96 -1.18 -29.26
CA ILE B 217 -30.43 -2.29 -28.42
C ILE B 217 -31.98 -2.22 -28.24
N PRO B 218 -32.71 -3.08 -28.97
CA PRO B 218 -34.20 -3.05 -28.95
C PRO B 218 -34.83 -3.17 -27.56
N GLU B 219 -34.28 -3.98 -26.68
CA GLU B 219 -34.95 -4.32 -25.43
C GLU B 219 -34.96 -3.19 -24.43
N ASN B 220 -34.05 -2.24 -24.55
CA ASN B 220 -34.17 -1.07 -23.72
C ASN B 220 -34.26 0.24 -24.51
N GLY B 221 -34.42 0.19 -25.83
CA GLY B 221 -34.55 1.42 -26.60
C GLY B 221 -33.28 2.26 -26.85
N ARG B 222 -32.10 1.71 -26.55
CA ARG B 222 -30.91 2.56 -26.55
C ARG B 222 -30.10 2.38 -27.82
N GLY B 223 -29.71 3.51 -28.38
CA GLY B 223 -28.62 3.59 -29.31
C GLY B 223 -27.31 3.44 -28.57
N ILE B 224 -26.28 2.99 -29.27
CA ILE B 224 -24.99 2.88 -28.66
C ILE B 224 -23.90 3.14 -29.70
N GLN B 225 -22.93 3.96 -29.34
CA GLN B 225 -21.89 4.24 -30.28
C GLN B 225 -20.97 3.05 -30.34
N ALA B 226 -20.85 2.46 -31.54
CA ALA B 226 -20.13 1.21 -31.76
C ALA B 226 -18.64 1.40 -32.07
N ALA B 227 -18.27 2.52 -32.69
CA ALA B 227 -16.88 2.88 -32.93
C ALA B 227 -16.82 4.24 -33.45
N THR B 228 -15.62 4.76 -33.65
CA THR B 228 -15.50 6.16 -33.98
C THR B 228 -14.24 6.47 -34.77
N SER B 229 -14.35 7.45 -35.66
CA SER B 229 -13.28 7.75 -36.59
C SER B 229 -13.33 9.25 -36.85
N HIS B 230 -12.25 9.93 -36.47
CA HIS B 230 -12.24 11.39 -36.44
C HIS B 230 -11.33 11.97 -37.49
N LEU B 231 -11.87 12.97 -38.20
CA LEU B 231 -11.04 13.91 -38.93
C LEU B 231 -10.62 14.97 -37.93
N LEU B 232 -9.36 14.99 -37.60
CA LEU B 232 -8.89 15.88 -36.58
C LEU B 232 -8.53 17.23 -37.17
N GLY B 233 -8.29 17.31 -38.47
CA GLY B 233 -7.81 18.58 -39.03
C GLY B 233 -6.39 18.88 -38.58
N THR B 234 -6.14 20.16 -38.24
CA THR B 234 -4.82 20.65 -37.92
C THR B 234 -4.80 21.22 -36.50
N ASN B 235 -5.86 20.98 -35.76
CA ASN B 235 -5.99 21.52 -34.42
C ASN B 235 -4.87 20.98 -33.47
N PHE B 236 -4.57 19.71 -33.59
CA PHE B 236 -3.58 19.08 -32.75
C PHE B 236 -2.21 19.33 -33.31
N ALA B 237 -2.06 19.42 -34.62
CA ALA B 237 -0.74 19.78 -35.17
C ALA B 237 -0.27 21.15 -34.64
N LYS B 238 -1.23 22.06 -34.47
CA LYS B 238 -0.97 23.37 -33.94
C LYS B 238 -0.67 23.31 -32.45
N MET B 239 -1.48 22.65 -31.64
CA MET B 239 -1.12 22.54 -30.20
C MET B 239 0.25 21.87 -30.00
N PHE B 240 0.61 20.86 -30.82
CA PHE B 240 1.78 20.03 -30.54
C PHE B 240 2.95 20.35 -31.44
N GLU B 241 2.75 21.29 -32.35
CA GLU B 241 3.81 21.76 -33.21
C GLU B 241 4.31 20.63 -34.09
N ILE B 242 3.34 20.03 -34.79
CA ILE B 242 3.61 18.97 -35.74
C ILE B 242 3.55 19.57 -37.15
N GLU B 243 4.73 19.83 -37.69
CA GLU B 243 4.91 20.57 -38.93
C GLU B 243 5.87 19.88 -39.85
N PHE B 244 5.69 20.10 -41.13
CA PHE B 244 6.64 19.56 -42.05
C PHE B 244 6.97 20.60 -43.11
N GLU B 245 8.14 20.43 -43.73
CA GLU B 245 8.44 21.09 -44.99
C GLU B 245 7.90 20.34 -46.19
N ASP B 246 7.02 20.97 -46.97
CA ASP B 246 6.69 20.41 -48.30
C ASP B 246 7.87 20.56 -49.24
N GLU B 247 7.62 20.15 -50.50
CA GLU B 247 8.60 20.16 -51.63
C GLU B 247 9.13 21.52 -52.03
N GLU B 248 8.32 22.56 -51.82
CA GLU B 248 8.67 23.92 -52.20
C GLU B 248 9.24 24.67 -50.99
N GLY B 249 9.87 23.95 -50.06
CA GLY B 249 10.52 24.55 -48.87
C GLY B 249 9.63 25.09 -47.75
N HIS B 250 8.31 25.08 -47.95
CA HIS B 250 7.38 25.69 -46.96
C HIS B 250 6.96 24.77 -45.78
N LYS B 251 6.75 25.39 -44.64
CA LYS B 251 6.38 24.73 -43.40
C LYS B 251 4.84 24.62 -43.26
N ARG B 252 4.32 23.40 -43.14
CA ARG B 252 2.89 23.17 -43.08
C ARG B 252 2.48 22.31 -41.85
N LEU B 253 1.27 22.52 -41.36
CA LEU B 253 0.69 21.68 -40.34
C LEU B 253 0.30 20.34 -40.91
N VAL B 254 0.35 19.28 -40.11
CA VAL B 254 -0.18 17.99 -40.57
C VAL B 254 -1.69 17.98 -40.41
N HIS B 255 -2.33 17.10 -41.16
CA HIS B 255 -3.75 16.79 -40.99
C HIS B 255 -3.87 15.36 -40.42
N GLN B 256 -4.53 15.26 -39.28
CA GLN B 256 -4.56 14.03 -38.48
C GLN B 256 -5.92 13.37 -38.37
N THR B 257 -5.87 12.05 -38.14
CA THR B 257 -7.03 11.24 -37.83
C THR B 257 -6.74 10.47 -36.56
N SER B 258 -7.79 10.06 -35.85
CA SER B 258 -7.69 8.99 -34.84
C SER B 258 -8.99 8.25 -34.79
N TRP B 259 -8.90 7.03 -34.29
CA TRP B 259 -10.00 6.09 -34.40
C TRP B 259 -9.82 4.99 -33.38
N GLY B 260 -10.92 4.51 -32.82
CA GLY B 260 -10.87 3.44 -31.88
C GLY B 260 -12.15 2.67 -31.77
N CYS B 261 -12.00 1.44 -31.26
CA CYS B 261 -13.04 0.45 -31.12
C CYS B 261 -12.64 -0.48 -30.01
N THR B 262 -13.60 -0.93 -29.22
CA THR B 262 -13.26 -1.60 -27.93
C THR B 262 -13.95 -2.94 -27.75
N THR B 263 -13.72 -3.57 -26.59
CA THR B 263 -14.43 -4.78 -26.24
C THR B 263 -15.94 -4.53 -26.07
N ARG B 264 -16.40 -3.29 -26.22
CA ARG B 264 -17.84 -2.98 -26.24
C ARG B 264 -18.51 -3.82 -27.30
N SER B 265 -17.78 -4.04 -28.39
CA SER B 265 -18.30 -4.78 -29.53
C SER B 265 -18.77 -6.16 -29.17
N LEU B 266 -18.15 -6.74 -28.18
CA LEU B 266 -18.63 -8.06 -27.81
C LEU B 266 -20.02 -7.99 -27.12
N GLY B 267 -20.25 -6.95 -26.33
CA GLY B 267 -21.49 -6.81 -25.57
C GLY B 267 -22.64 -6.54 -26.51
N VAL B 268 -22.39 -5.72 -27.50
CA VAL B 268 -23.34 -5.53 -28.58
C VAL B 268 -23.70 -6.79 -29.32
N MET B 269 -22.71 -7.61 -29.68
CA MET B 269 -23.00 -8.90 -30.24
C MET B 269 -23.93 -9.75 -29.34
N ILE B 270 -23.61 -9.83 -28.05
CA ILE B 270 -24.30 -10.71 -27.12
C ILE B 270 -25.71 -10.22 -26.99
N MET B 271 -25.89 -8.91 -26.79
CA MET B 271 -27.23 -8.35 -26.71
C MET B 271 -28.04 -8.53 -27.99
N THR B 272 -27.38 -8.49 -29.15
CA THR B 272 -28.08 -8.55 -30.43
C THR B 272 -28.59 -9.95 -30.71
N HIS B 273 -27.73 -10.96 -30.62
CA HIS B 273 -28.12 -12.32 -31.04
C HIS B 273 -28.56 -13.25 -29.93
N GLY B 274 -28.31 -12.92 -28.68
CA GLY B 274 -28.69 -13.87 -27.63
C GLY B 274 -30.20 -14.05 -27.46
N ASP B 275 -30.58 -15.14 -26.78
CA ASP B 275 -31.99 -15.53 -26.61
C ASP B 275 -32.13 -16.07 -25.22
N ASP B 276 -33.28 -16.67 -24.95
CA ASP B 276 -33.69 -17.08 -23.62
C ASP B 276 -32.84 -18.27 -23.17
N LYS B 277 -32.21 -18.97 -24.09
CA LYS B 277 -31.32 -20.07 -23.69
C LYS B 277 -29.86 -19.60 -23.52
N GLY B 278 -29.60 -18.33 -23.82
CA GLY B 278 -28.26 -17.74 -23.66
C GLY B 278 -27.60 -17.24 -24.94
N LEU B 279 -26.30 -17.47 -25.10
CA LEU B 279 -25.57 -16.88 -26.23
C LEU B 279 -25.92 -17.54 -27.52
N VAL B 280 -25.78 -16.76 -28.58
CA VAL B 280 -25.69 -17.30 -29.93
C VAL B 280 -24.52 -16.59 -30.62
N ILE B 281 -23.46 -17.33 -30.92
CA ILE B 281 -22.30 -16.74 -31.55
C ILE B 281 -22.33 -16.87 -33.08
N PRO B 282 -22.13 -15.80 -33.80
CA PRO B 282 -22.10 -15.93 -35.24
C PRO B 282 -20.89 -16.75 -35.59
N PRO B 283 -21.02 -17.64 -36.59
CA PRO B 283 -19.98 -18.56 -36.99
C PRO B 283 -18.67 -17.92 -37.39
N ARG B 284 -18.70 -16.79 -38.07
CA ARG B 284 -17.44 -16.16 -38.43
C ARG B 284 -16.53 -15.83 -37.28
N VAL B 285 -17.08 -15.70 -36.07
CA VAL B 285 -16.24 -15.40 -34.89
C VAL B 285 -16.30 -16.48 -33.84
N ALA B 286 -16.89 -17.63 -34.15
CA ALA B 286 -17.03 -18.66 -33.13
C ALA B 286 -15.78 -19.53 -33.16
N SER B 287 -15.14 -19.73 -31.99
CA SER B 287 -13.91 -20.50 -31.93
C SER B 287 -14.21 -21.94 -32.21
N VAL B 288 -15.39 -22.41 -31.75
CA VAL B 288 -15.93 -23.73 -32.06
C VAL B 288 -17.16 -23.50 -32.87
N GLN B 289 -17.12 -23.84 -34.16
CA GLN B 289 -18.28 -23.71 -35.02
C GLN B 289 -19.16 -24.91 -34.85
N VAL B 290 -18.55 -26.08 -34.74
CA VAL B 290 -19.28 -27.28 -34.64
C VAL B 290 -18.69 -28.07 -33.46
N VAL B 291 -19.58 -28.46 -32.56
CA VAL B 291 -19.20 -29.39 -31.45
C VAL B 291 -19.77 -30.76 -31.75
N ILE B 292 -18.93 -31.79 -31.69
CA ILE B 292 -19.34 -33.18 -31.81
C ILE B 292 -19.49 -33.83 -30.43
N ILE B 293 -20.68 -34.36 -30.16
CA ILE B 293 -21.05 -35.01 -28.92
C ILE B 293 -21.33 -36.53 -29.14
N PRO B 294 -20.43 -37.38 -28.65
CA PRO B 294 -20.73 -38.82 -28.63
C PRO B 294 -21.84 -39.12 -27.67
N ILE B 295 -22.81 -39.93 -28.11
CA ILE B 295 -23.85 -40.40 -27.20
C ILE B 295 -23.48 -41.80 -26.74
N LEU B 296 -23.13 -41.85 -25.46
CA LEU B 296 -22.49 -42.98 -24.81
C LEU B 296 -23.34 -43.31 -23.58
N PHE B 297 -23.87 -44.53 -23.55
CA PHE B 297 -24.88 -44.93 -22.57
C PHE B 297 -24.95 -46.45 -22.54
N LYS B 298 -24.96 -47.03 -21.32
CA LYS B 298 -24.98 -48.51 -21.08
C LYS B 298 -23.97 -49.25 -21.97
N ASP B 299 -22.79 -48.64 -22.13
CA ASP B 299 -21.66 -49.15 -22.95
C ASP B 299 -21.94 -49.50 -24.44
N GLU B 300 -22.97 -48.90 -25.02
CA GLU B 300 -23.41 -49.26 -26.39
C GLU B 300 -22.44 -48.70 -27.42
N ASN B 301 -21.67 -49.59 -28.05
CA ASN B 301 -20.83 -49.20 -29.19
C ASN B 301 -19.79 -48.12 -28.90
N THR B 302 -19.36 -47.99 -27.66
CA THR B 302 -18.60 -46.82 -27.26
C THR B 302 -17.30 -46.61 -28.07
N GLY B 303 -16.64 -47.69 -28.49
CA GLY B 303 -15.37 -47.59 -29.22
C GLY B 303 -15.56 -47.10 -30.66
N GLU B 304 -16.66 -47.50 -31.27
CA GLU B 304 -16.95 -47.23 -32.68
C GLU B 304 -17.53 -45.81 -32.83
N ILE B 305 -18.34 -45.39 -31.88
CA ILE B 305 -18.84 -44.02 -31.85
C ILE B 305 -17.66 -43.05 -31.74
N LEU B 306 -16.75 -43.30 -30.81
CA LEU B 306 -15.59 -42.39 -30.66
C LEU B 306 -14.66 -42.32 -31.89
N GLY B 307 -14.43 -43.46 -32.56
CA GLY B 307 -13.56 -43.44 -33.76
C GLY B 307 -14.18 -42.68 -34.90
N LYS B 308 -15.49 -42.79 -35.01
CA LYS B 308 -16.19 -42.10 -36.06
C LYS B 308 -16.14 -40.59 -35.79
N CYS B 309 -16.30 -40.21 -34.52
CA CYS B 309 -16.21 -38.82 -34.10
C CYS B 309 -14.89 -38.17 -34.54
N ARG B 310 -13.79 -38.86 -34.29
CA ARG B 310 -12.48 -38.41 -34.75
C ARG B 310 -12.38 -38.31 -36.27
N GLU B 311 -13.00 -39.25 -36.98
CA GLU B 311 -12.96 -39.25 -38.45
C GLU B 311 -13.77 -38.09 -39.00
N LEU B 312 -14.96 -37.91 -38.44
CA LEU B 312 -15.75 -36.76 -38.79
C LEU B 312 -15.00 -35.42 -38.59
N LYS B 313 -14.33 -35.24 -37.46
CA LYS B 313 -13.52 -34.04 -37.24
C LYS B 313 -12.42 -33.76 -38.28
N THR B 314 -11.62 -34.76 -38.57
CA THR B 314 -10.55 -34.59 -39.57
C THR B 314 -11.25 -34.23 -40.93
N MET B 315 -12.39 -34.81 -41.20
CA MET B 315 -13.09 -34.52 -42.45
C MET B 315 -13.48 -33.06 -42.48
N LEU B 316 -14.08 -32.57 -41.39
CA LEU B 316 -14.60 -31.21 -41.41
C LEU B 316 -13.48 -30.20 -41.36
N GLU B 317 -12.38 -30.50 -40.74
CA GLU B 317 -11.37 -29.46 -40.76
C GLU B 317 -10.61 -29.35 -42.08
N LYS B 318 -10.66 -30.37 -42.92
CA LYS B 318 -10.22 -30.23 -44.32
C LYS B 318 -10.97 -29.08 -45.03
N ALA B 319 -12.24 -28.90 -44.70
CA ALA B 319 -12.99 -27.71 -45.15
C ALA B 319 -12.82 -26.52 -44.25
N ASP B 320 -11.81 -26.53 -43.36
CA ASP B 320 -11.55 -25.35 -42.54
C ASP B 320 -12.67 -25.05 -41.53
N ILE B 321 -13.41 -26.07 -41.12
CA ILE B 321 -14.44 -25.87 -40.11
C ILE B 321 -13.77 -26.06 -38.74
N ARG B 322 -14.19 -25.28 -37.75
CA ARG B 322 -13.59 -25.32 -36.41
C ARG B 322 -14.37 -26.25 -35.50
N VAL B 323 -13.76 -27.39 -35.25
CA VAL B 323 -14.47 -28.51 -34.68
C VAL B 323 -13.88 -28.90 -33.36
N ARG B 324 -14.75 -29.15 -32.42
CA ARG B 324 -14.32 -29.70 -31.11
C ARG B 324 -15.09 -31.02 -30.90
N ILE B 325 -14.40 -32.09 -30.51
CA ILE B 325 -15.16 -33.20 -30.00
C ILE B 325 -15.25 -33.12 -28.47
N ASP B 326 -16.44 -33.11 -27.92
CA ASP B 326 -16.58 -33.16 -26.46
C ASP B 326 -16.76 -34.58 -26.07
N ASP B 327 -15.64 -35.26 -25.98
CA ASP B 327 -15.57 -36.64 -25.55
C ASP B 327 -15.23 -36.71 -24.05
N ARG B 328 -15.51 -35.67 -23.27
CA ARG B 328 -15.14 -35.69 -21.87
C ARG B 328 -16.02 -36.73 -21.15
N SER B 329 -15.37 -37.60 -20.41
CA SER B 329 -16.02 -38.68 -19.63
C SER B 329 -16.99 -38.23 -18.57
N ASN B 330 -16.64 -37.19 -17.83
CA ASN B 330 -17.33 -36.88 -16.59
C ASN B 330 -18.54 -36.00 -16.72
N TYR B 331 -19.14 -36.01 -17.89
CA TYR B 331 -20.33 -35.21 -18.16
C TYR B 331 -21.21 -36.02 -19.12
N THR B 332 -22.52 -35.92 -18.91
CA THR B 332 -23.47 -36.64 -19.72
C THR B 332 -23.68 -35.95 -21.06
N PRO B 333 -24.16 -36.69 -22.06
CA PRO B 333 -24.50 -36.06 -23.31
C PRO B 333 -25.50 -34.95 -23.13
N GLY B 334 -26.51 -35.12 -22.32
CA GLY B 334 -27.45 -33.99 -22.12
C GLY B 334 -26.80 -32.78 -21.44
N TRP B 335 -25.82 -33.00 -20.59
CA TRP B 335 -25.16 -31.85 -19.93
C TRP B 335 -24.37 -31.09 -21.02
N LYS B 336 -23.81 -31.83 -21.94
CA LYS B 336 -23.12 -31.23 -23.10
C LYS B 336 -24.07 -30.46 -24.03
N TYR B 337 -25.26 -30.93 -24.21
CA TYR B 337 -26.14 -30.21 -25.13
C TYR B 337 -26.36 -28.86 -24.53
N ASN B 338 -26.67 -28.87 -23.26
CA ASN B 338 -27.02 -27.66 -22.60
C ASN B 338 -25.85 -26.70 -22.53
N HIS B 339 -24.66 -27.21 -22.18
CA HIS B 339 -23.45 -26.43 -22.00
C HIS B 339 -23.08 -25.64 -23.29
N TRP B 340 -23.09 -26.33 -24.41
CA TRP B 340 -22.67 -25.76 -25.65
C TRP B 340 -23.81 -24.93 -26.26
N GLU B 341 -25.07 -25.18 -25.85
CA GLU B 341 -26.14 -24.23 -26.17
C GLU B 341 -25.95 -22.90 -25.52
N VAL B 342 -25.84 -22.89 -24.20
CA VAL B 342 -25.70 -21.65 -23.45
C VAL B 342 -24.48 -20.84 -23.93
N LYS B 343 -23.40 -21.55 -24.26
CA LYS B 343 -22.17 -20.95 -24.78
C LYS B 343 -22.30 -20.43 -26.23
N GLY B 344 -23.32 -20.90 -26.96
CA GLY B 344 -23.71 -20.33 -28.23
C GLY B 344 -23.05 -20.91 -29.44
N VAL B 345 -22.54 -22.13 -29.32
CA VAL B 345 -21.99 -22.83 -30.46
C VAL B 345 -23.03 -22.98 -31.56
N PRO B 346 -22.71 -22.55 -32.79
CA PRO B 346 -23.65 -22.51 -33.91
C PRO B 346 -24.23 -23.84 -34.30
N LEU B 347 -23.39 -24.88 -34.35
CA LEU B 347 -23.86 -26.21 -34.67
C LEU B 347 -23.46 -27.27 -33.66
N ARG B 348 -24.42 -28.15 -33.36
CA ARG B 348 -24.16 -29.31 -32.51
C ARG B 348 -24.46 -30.60 -33.27
N LEU B 349 -23.42 -31.41 -33.47
CA LEU B 349 -23.55 -32.69 -34.13
C LEU B 349 -23.54 -33.86 -33.09
N GLU B 350 -24.62 -34.61 -33.05
CA GLU B 350 -24.84 -35.72 -32.13
C GLU B 350 -24.66 -37.05 -32.84
N LEU B 351 -23.84 -37.93 -32.26
CA LEU B 351 -23.60 -39.27 -32.84
C LEU B 351 -23.81 -40.36 -31.80
N GLY B 352 -24.92 -41.10 -31.95
CA GLY B 352 -25.29 -42.22 -31.10
C GLY B 352 -25.30 -43.50 -31.93
N PRO B 353 -25.58 -44.66 -31.29
CA PRO B 353 -25.65 -46.00 -31.93
C PRO B 353 -26.52 -46.06 -33.21
N LYS B 354 -27.79 -45.65 -33.08
CA LYS B 354 -28.73 -45.59 -34.23
C LYS B 354 -28.14 -44.80 -35.45
N ASP B 355 -27.68 -43.58 -35.20
CA ASP B 355 -27.09 -42.72 -36.25
C ASP B 355 -25.90 -43.39 -36.87
N LEU B 356 -25.18 -44.14 -36.05
CA LEU B 356 -24.01 -44.86 -36.50
C LEU B 356 -24.41 -45.93 -37.51
N ALA B 357 -25.53 -46.60 -37.27
CA ALA B 357 -25.98 -47.68 -38.17
C ALA B 357 -26.42 -47.14 -39.54
N LYS B 358 -27.06 -45.98 -39.56
CA LYS B 358 -27.47 -45.36 -40.82
C LYS B 358 -26.36 -44.57 -41.55
N GLY B 359 -25.13 -44.52 -41.06
CA GLY B 359 -24.12 -43.62 -41.69
C GLY B 359 -24.51 -42.14 -41.75
N THR B 360 -25.33 -41.69 -40.81
CA THR B 360 -25.79 -40.29 -40.71
C THR B 360 -25.35 -39.65 -39.41
N ALA B 361 -25.70 -38.37 -39.22
CA ALA B 361 -25.48 -37.63 -37.98
C ALA B 361 -26.62 -36.64 -37.81
N ARG B 362 -26.92 -36.27 -36.57
CA ARG B 362 -28.00 -35.34 -36.33
C ARG B 362 -27.36 -34.02 -35.96
N VAL B 363 -27.73 -32.96 -36.67
CA VAL B 363 -27.12 -31.67 -36.52
C VAL B 363 -28.22 -30.71 -36.11
N VAL B 364 -27.99 -29.98 -35.01
CA VAL B 364 -28.91 -28.97 -34.51
C VAL B 364 -28.25 -27.61 -34.61
N ARG B 365 -28.90 -26.71 -35.32
CA ARG B 365 -28.46 -25.31 -35.40
C ARG B 365 -28.99 -24.50 -34.26
N ARG B 366 -28.14 -23.64 -33.76
CA ARG B 366 -28.39 -23.04 -32.46
C ARG B 366 -29.33 -21.91 -32.54
N ASP B 367 -29.28 -21.12 -33.61
CA ASP B 367 -30.21 -19.99 -33.74
C ASP B 367 -31.71 -20.34 -33.79
N THR B 368 -32.10 -21.35 -34.54
CA THR B 368 -33.54 -21.64 -34.73
C THR B 368 -33.92 -22.94 -34.05
N GLY B 369 -32.91 -23.74 -33.71
CA GLY B 369 -33.19 -25.00 -33.06
C GLY B 369 -33.58 -26.04 -34.07
N GLU B 370 -33.54 -25.73 -35.35
CA GLU B 370 -33.87 -26.76 -36.35
C GLU B 370 -32.81 -27.89 -36.44
N ALA B 371 -33.32 -29.09 -36.62
CA ALA B 371 -32.55 -30.31 -36.72
C ALA B 371 -32.51 -30.85 -38.15
N TYR B 372 -31.38 -31.47 -38.51
CA TYR B 372 -31.17 -32.08 -39.80
C TYR B 372 -30.55 -33.46 -39.64
N GLN B 373 -30.91 -34.37 -40.54
CA GLN B 373 -30.30 -35.69 -40.68
C GLN B 373 -29.39 -35.64 -41.87
N ILE B 374 -28.11 -35.91 -41.66
CA ILE B 374 -27.14 -35.69 -42.73
C ILE B 374 -26.13 -36.80 -42.83
N SER B 375 -25.91 -37.27 -44.04
CA SER B 375 -25.02 -38.38 -44.28
C SER B 375 -23.62 -37.88 -44.13
N TRP B 376 -22.77 -38.77 -43.70
CA TRP B 376 -21.39 -38.46 -43.46
C TRP B 376 -20.74 -37.78 -44.65
N ALA B 377 -21.13 -38.19 -45.84
CA ALA B 377 -20.53 -37.67 -47.07
C ALA B 377 -20.96 -36.24 -47.40
N ASP B 378 -22.17 -35.81 -47.00
CA ASP B 378 -22.60 -34.41 -47.25
C ASP B 378 -22.31 -33.41 -46.10
N LEU B 379 -21.71 -33.86 -45.00
CA LEU B 379 -21.54 -33.01 -43.85
C LEU B 379 -20.78 -31.74 -44.17
N ALA B 380 -19.58 -31.88 -44.71
CA ALA B 380 -18.76 -30.71 -44.94
C ALA B 380 -19.54 -29.65 -45.72
N PRO B 381 -20.00 -29.99 -46.94
CA PRO B 381 -20.71 -28.94 -47.70
C PRO B 381 -22.06 -28.51 -47.04
N LYS B 382 -22.81 -29.44 -46.42
CA LYS B 382 -24.03 -29.05 -45.71
C LYS B 382 -23.77 -28.15 -44.48
N LEU B 383 -22.75 -28.44 -43.66
CA LEU B 383 -22.36 -27.54 -42.53
C LEU B 383 -21.90 -26.16 -43.00
N LEU B 384 -21.12 -26.12 -44.07
CA LEU B 384 -20.69 -24.83 -44.60
C LEU B 384 -21.91 -24.04 -45.05
N GLU B 385 -22.85 -24.70 -45.69
CA GLU B 385 -24.05 -24.00 -46.12
C GLU B 385 -24.80 -23.53 -44.89
N LEU B 386 -24.93 -24.37 -43.88
CA LEU B 386 -25.69 -23.94 -42.71
C LEU B 386 -25.03 -22.79 -41.97
N MET B 387 -23.70 -22.78 -41.95
CA MET B 387 -23.01 -21.74 -41.23
C MET B 387 -23.12 -20.41 -41.94
N GLU B 388 -23.14 -20.45 -43.27
CA GLU B 388 -23.41 -19.23 -44.05
C GLU B 388 -24.87 -18.76 -43.83
N GLY B 389 -25.80 -19.71 -43.64
CA GLY B 389 -27.20 -19.33 -43.43
C GLY B 389 -27.43 -18.80 -42.00
N ILE B 390 -26.77 -19.42 -41.00
CA ILE B 390 -26.84 -18.88 -39.65
C ILE B 390 -26.33 -17.44 -39.64
N GLN B 391 -25.11 -17.22 -40.18
CA GLN B 391 -24.49 -15.93 -40.18
C GLN B 391 -25.35 -14.90 -40.87
N ARG B 392 -25.87 -15.22 -42.04
CA ARG B 392 -26.73 -14.24 -42.77
C ARG B 392 -28.07 -14.05 -42.04
N SER B 393 -28.62 -15.12 -41.53
CA SER B 393 -29.88 -15.02 -40.89
C SER B 393 -29.84 -14.19 -39.60
N LEU B 394 -28.75 -14.31 -38.84
CA LEU B 394 -28.53 -13.50 -37.63
C LEU B 394 -28.48 -12.04 -37.99
N PHE B 395 -27.79 -11.72 -39.07
CA PHE B 395 -27.66 -10.37 -39.43
C PHE B 395 -29.03 -9.79 -39.90
N GLU B 396 -29.68 -10.51 -40.79
CA GLU B 396 -30.94 -9.97 -41.40
C GLU B 396 -32.05 -9.77 -40.36
N LYS B 397 -32.17 -10.70 -39.43
CA LYS B 397 -33.15 -10.55 -38.36
C LYS B 397 -32.75 -9.37 -37.50
N ALA B 398 -31.45 -9.17 -37.31
CA ALA B 398 -31.06 -8.01 -36.46
C ALA B 398 -31.29 -6.71 -37.23
N LYS B 399 -31.02 -6.72 -38.53
CA LYS B 399 -31.27 -5.54 -39.37
C LYS B 399 -32.77 -5.11 -39.41
N ALA B 400 -33.64 -6.09 -39.56
CA ALA B 400 -35.10 -5.84 -39.55
C ALA B 400 -35.51 -5.32 -38.20
N ARG B 401 -34.93 -5.85 -37.11
CA ARG B 401 -35.22 -5.26 -35.79
C ARG B 401 -34.68 -3.84 -35.68
N LEU B 402 -33.49 -3.61 -36.19
CA LEU B 402 -32.99 -2.26 -36.19
C LEU B 402 -34.01 -1.32 -36.88
N HIS B 403 -34.44 -1.73 -38.08
CA HIS B 403 -35.35 -0.92 -38.94
C HIS B 403 -36.70 -0.75 -38.31
N GLU B 404 -37.23 -1.80 -37.67
CA GLU B 404 -38.49 -1.70 -36.92
C GLU B 404 -38.35 -0.70 -35.76
N GLY B 405 -37.12 -0.35 -35.36
CA GLY B 405 -36.89 0.38 -34.12
C GLY B 405 -36.68 1.86 -34.32
N ILE B 406 -36.71 2.30 -35.57
CA ILE B 406 -36.50 3.69 -35.91
C ILE B 406 -37.77 4.28 -36.59
N GLU B 407 -38.19 5.44 -36.14
CA GLU B 407 -39.43 6.06 -36.56
C GLU B 407 -39.14 7.40 -37.17
N LYS B 408 -39.52 7.51 -38.44
CA LYS B 408 -39.39 8.74 -39.20
C LYS B 408 -40.51 9.68 -38.70
N ILE B 409 -40.13 10.89 -38.26
CA ILE B 409 -41.07 11.86 -37.69
C ILE B 409 -40.82 13.30 -38.19
N SER B 410 -41.82 14.16 -37.95
CA SER B 410 -41.76 15.55 -38.42
C SER B 410 -41.84 16.61 -37.30
N THR B 411 -42.40 16.27 -36.14
CA THR B 411 -42.56 17.32 -35.12
C THR B 411 -42.22 16.82 -33.76
N PHE B 412 -41.83 17.72 -32.87
CA PHE B 412 -41.47 17.35 -31.52
C PHE B 412 -42.56 16.58 -30.79
N ASP B 413 -43.80 16.83 -31.13
CA ASP B 413 -44.93 16.16 -30.47
C ASP B 413 -44.88 14.66 -30.60
N GLU B 414 -44.18 14.17 -31.63
CA GLU B 414 -44.10 12.72 -31.93
C GLU B 414 -43.03 12.00 -31.08
N VAL B 415 -42.13 12.78 -30.47
CA VAL B 415 -40.94 12.26 -29.79
C VAL B 415 -41.20 11.39 -28.54
N MET B 416 -41.82 11.96 -27.52
CA MET B 416 -42.03 11.18 -26.29
C MET B 416 -42.81 9.92 -26.53
N PRO B 417 -43.79 9.95 -27.44
CA PRO B 417 -44.39 8.65 -27.69
C PRO B 417 -43.42 7.62 -28.32
N ALA B 418 -42.53 8.08 -29.16
CA ALA B 418 -41.63 7.16 -29.85
C ALA B 418 -40.63 6.57 -28.86
N LEU B 419 -40.11 7.42 -27.96
CA LEU B 419 -39.28 7.00 -26.86
C LEU B 419 -39.95 5.99 -25.91
N ASN B 420 -41.23 6.18 -25.66
CA ASN B 420 -41.97 5.21 -24.83
C ASN B 420 -42.15 3.88 -25.49
N ARG B 421 -42.30 3.86 -26.81
CA ARG B 421 -42.25 2.61 -27.54
C ARG B 421 -40.77 2.04 -27.64
N LYS B 422 -39.79 2.71 -27.04
CA LYS B 422 -38.38 2.23 -27.04
C LYS B 422 -37.87 2.23 -28.47
N HIS B 423 -37.98 3.38 -29.10
CA HIS B 423 -37.61 3.52 -30.48
C HIS B 423 -36.67 4.68 -30.65
N LEU B 424 -36.02 4.68 -31.78
CA LEU B 424 -35.24 5.84 -32.14
C LEU B 424 -36.08 6.70 -33.06
N VAL B 425 -35.73 7.96 -33.16
CA VAL B 425 -36.34 8.81 -34.16
C VAL B 425 -35.36 9.40 -35.17
N LEU B 426 -35.82 9.37 -36.43
CA LEU B 426 -35.23 10.08 -37.52
C LEU B 426 -36.09 11.31 -37.81
N ALA B 427 -35.47 12.47 -37.63
CA ALA B 427 -36.15 13.75 -37.58
C ALA B 427 -35.32 14.81 -38.33
N PRO B 428 -36.02 15.73 -39.03
CA PRO B 428 -35.30 16.79 -39.73
C PRO B 428 -34.87 17.85 -38.74
N TRP B 429 -33.66 18.39 -38.86
CA TRP B 429 -33.11 19.25 -37.80
C TRP B 429 -32.25 20.34 -38.39
N CYS B 430 -32.28 21.51 -37.77
CA CYS B 430 -31.54 22.66 -38.27
C CYS B 430 -30.01 22.54 -37.98
N GLU B 431 -29.67 21.71 -37.00
CA GLU B 431 -28.26 21.37 -36.67
C GLU B 431 -27.63 22.49 -35.87
N ASP B 432 -28.48 23.29 -35.23
CA ASP B 432 -27.98 24.36 -34.40
C ASP B 432 -27.56 23.74 -33.07
N PRO B 433 -26.33 24.00 -32.66
CA PRO B 433 -25.87 23.55 -31.34
C PRO B 433 -26.81 23.87 -30.17
N GLU B 434 -27.22 25.13 -30.00
CA GLU B 434 -28.14 25.46 -28.88
C GLU B 434 -29.39 24.51 -28.81
N SER B 435 -29.94 24.07 -29.94
CA SER B 435 -31.18 23.27 -29.90
C SER B 435 -31.00 21.87 -29.32
N GLU B 436 -29.89 21.19 -29.63
CA GLU B 436 -29.64 19.85 -29.03
C GLU B 436 -29.65 19.95 -27.53
N GLU B 437 -28.99 21.00 -27.00
CA GLU B 437 -28.98 21.20 -25.54
C GLU B 437 -30.42 21.41 -25.02
N GLN B 438 -31.18 22.29 -25.68
CA GLN B 438 -32.59 22.52 -25.33
C GLN B 438 -33.37 21.20 -25.39
N ILE B 439 -33.18 20.47 -26.48
CA ILE B 439 -33.90 19.20 -26.66
C ILE B 439 -33.59 18.20 -25.58
N LYS B 440 -32.31 18.04 -25.24
CA LYS B 440 -32.02 17.02 -24.25
C LYS B 440 -32.52 17.44 -22.87
N LYS B 441 -32.35 18.72 -22.51
CA LYS B 441 -32.83 19.21 -21.19
C LYS B 441 -34.35 18.98 -21.11
N GLU B 442 -35.03 19.17 -22.24
CA GLU B 442 -36.48 19.06 -22.32
C GLU B 442 -36.97 17.62 -22.21
N THR B 443 -36.36 16.74 -22.99
CA THR B 443 -36.79 15.34 -22.95
C THR B 443 -36.48 14.76 -21.58
N GLN B 444 -35.43 15.24 -20.94
CA GLN B 444 -35.16 14.76 -19.59
C GLN B 444 -36.31 15.14 -18.67
N LYS B 445 -36.70 16.40 -18.74
CA LYS B 445 -37.76 16.94 -17.91
C LYS B 445 -38.98 16.03 -18.07
N LEU B 446 -39.48 15.89 -19.31
CA LEU B 446 -40.68 15.07 -19.58
C LEU B 446 -40.53 13.61 -19.23
N SER B 447 -39.31 13.08 -19.30
CA SER B 447 -39.07 11.71 -18.86
C SER B 447 -39.19 11.60 -17.31
N GLU B 448 -38.54 12.49 -16.56
CA GLU B 448 -38.68 12.48 -15.08
C GLU B 448 -40.16 12.53 -14.67
N ILE B 449 -40.81 13.61 -15.09
CA ILE B 449 -42.26 13.81 -14.92
C ILE B 449 -43.09 12.55 -15.21
N GLN B 450 -42.87 11.88 -16.35
CA GLN B 450 -43.74 10.75 -16.75
C GLN B 450 -43.73 9.59 -15.74
N ALA B 451 -42.59 9.38 -15.07
CA ALA B 451 -42.45 8.30 -14.07
C ALA B 451 -43.25 8.55 -12.77
N THR B 462 -36.84 7.93 -17.62
CA THR B 462 -35.86 6.89 -17.85
C THR B 462 -34.64 7.42 -18.71
N GLY B 463 -34.47 8.75 -18.85
CA GLY B 463 -33.32 9.34 -19.59
C GLY B 463 -33.59 10.42 -20.66
N ALA B 464 -32.60 11.28 -20.89
CA ALA B 464 -32.70 12.30 -21.96
C ALA B 464 -32.49 11.74 -23.38
N MET B 465 -32.95 12.48 -24.36
CA MET B 465 -32.76 12.04 -25.73
C MET B 465 -31.67 12.87 -26.31
N LYS B 466 -30.79 12.25 -27.08
CA LYS B 466 -29.75 13.01 -27.71
C LYS B 466 -29.60 12.63 -29.17
N THR B 467 -28.73 13.32 -29.90
CA THR B 467 -28.41 12.89 -31.24
C THR B 467 -27.41 11.71 -31.15
N LEU B 468 -27.61 10.74 -32.05
CA LEU B 468 -26.80 9.56 -32.13
C LEU B 468 -25.90 9.88 -33.28
N CYS B 469 -26.50 10.12 -34.43
CA CYS B 469 -25.75 10.62 -35.56
C CYS B 469 -26.66 11.21 -36.61
N ILE B 470 -26.02 11.91 -37.51
CA ILE B 470 -26.59 12.33 -38.76
C ILE B 470 -26.22 11.35 -39.83
N PRO B 471 -27.18 10.52 -40.29
CA PRO B 471 -26.67 9.40 -41.08
C PRO B 471 -26.12 9.83 -42.44
N PHE B 472 -25.13 9.09 -42.91
CA PHE B 472 -24.57 9.33 -44.24
C PHE B 472 -25.63 9.14 -45.30
N ASP B 473 -26.43 8.09 -45.13
CA ASP B 473 -27.52 7.78 -46.02
C ASP B 473 -28.74 8.68 -45.70
N GLN B 474 -28.83 9.78 -46.44
CA GLN B 474 -29.88 10.76 -46.16
C GLN B 474 -31.07 10.45 -47.04
N PRO B 475 -32.25 10.35 -46.46
CA PRO B 475 -33.46 10.34 -47.27
C PRO B 475 -33.67 11.72 -47.89
N PRO B 476 -34.51 11.81 -48.94
CA PRO B 476 -34.87 13.11 -49.55
C PRO B 476 -35.37 14.17 -48.53
N MET B 477 -35.06 15.42 -48.79
CA MET B 477 -35.52 16.49 -47.94
C MET B 477 -36.29 17.49 -48.79
N PRO B 478 -37.60 17.56 -48.59
CA PRO B 478 -38.45 18.45 -49.37
C PRO B 478 -38.19 19.91 -49.10
N GLU B 479 -38.42 20.75 -50.08
CA GLU B 479 -38.02 22.14 -50.01
C GLU B 479 -38.48 22.94 -48.84
N GLY B 480 -39.71 22.78 -48.41
CA GLY B 480 -40.19 23.54 -47.28
C GLY B 480 -40.10 22.88 -45.93
N THR B 481 -39.44 21.74 -45.85
CA THR B 481 -39.36 21.00 -44.60
C THR B 481 -38.76 21.79 -43.50
N LYS B 482 -39.34 21.73 -42.33
CA LYS B 482 -38.87 22.48 -41.18
C LYS B 482 -38.26 21.60 -40.09
N CYS B 483 -37.45 22.18 -39.22
CA CYS B 483 -36.83 21.41 -38.14
C CYS B 483 -37.94 21.02 -37.18
N PHE B 484 -38.01 19.75 -36.86
CA PHE B 484 -39.01 19.19 -35.95
C PHE B 484 -39.12 19.91 -34.63
N TYR B 485 -38.18 20.82 -34.31
CA TYR B 485 -38.16 21.35 -32.92
C TYR B 485 -38.17 22.84 -32.85
N THR B 486 -37.29 23.49 -33.61
CA THR B 486 -37.22 24.95 -33.55
C THR B 486 -38.32 25.50 -34.45
N GLY B 487 -38.40 24.96 -35.66
CA GLY B 487 -39.30 25.43 -36.67
C GLY B 487 -38.50 26.06 -37.79
N LYS B 488 -37.22 26.36 -37.55
CA LYS B 488 -36.39 26.94 -38.62
C LYS B 488 -36.27 25.93 -39.74
N PRO B 489 -35.74 26.32 -40.90
CA PRO B 489 -35.62 25.31 -41.96
C PRO B 489 -34.64 24.20 -41.56
N ALA B 490 -34.99 22.96 -41.87
CA ALA B 490 -34.10 21.86 -41.54
C ALA B 490 -32.98 21.75 -42.56
N LYS B 491 -31.84 21.16 -42.17
CA LYS B 491 -30.78 20.80 -43.12
C LYS B 491 -30.78 19.32 -43.47
N ARG B 492 -30.68 18.48 -42.45
CA ARG B 492 -30.53 17.02 -42.65
C ARG B 492 -31.36 16.19 -41.66
N TRP B 493 -31.67 14.96 -42.05
CA TRP B 493 -32.31 14.01 -41.15
C TRP B 493 -31.23 13.58 -40.18
N THR B 494 -31.56 13.70 -38.92
CA THR B 494 -30.76 13.35 -37.81
C THR B 494 -31.46 12.29 -36.95
N LEU B 495 -30.67 11.33 -36.48
CA LEU B 495 -31.17 10.23 -35.68
C LEU B 495 -30.89 10.56 -34.21
N TRP B 496 -31.92 10.39 -33.42
CA TRP B 496 -31.92 10.79 -32.04
C TRP B 496 -32.43 9.64 -31.25
N GLY B 497 -32.07 9.57 -29.97
CA GLY B 497 -32.71 8.61 -29.07
C GLY B 497 -32.03 8.65 -27.72
N ARG B 498 -32.50 7.79 -26.83
CA ARG B 498 -31.80 7.55 -25.61
C ARG B 498 -30.58 6.71 -25.96
N SER B 499 -29.62 6.68 -25.06
CA SER B 499 -28.32 6.09 -25.37
C SER B 499 -27.56 5.60 -24.17
N TYR B 500 -26.60 4.70 -24.43
CA TYR B 500 -25.58 4.31 -23.43
C TYR B 500 -24.56 5.41 -23.32
N MET C 3 -19.91 -15.04 34.88
CA MET C 3 -20.17 -13.74 35.60
C MET C 3 -21.21 -12.86 34.87
N VAL C 4 -21.13 -12.73 33.54
CA VAL C 4 -22.09 -11.92 32.80
C VAL C 4 -23.50 -12.61 32.78
N THR C 5 -24.55 -11.85 33.11
CA THR C 5 -25.94 -12.39 33.13
C THR C 5 -26.90 -11.62 32.24
N ALA C 6 -26.65 -10.33 32.01
CA ALA C 6 -27.51 -9.58 31.08
C ALA C 6 -27.18 -10.05 29.67
N LYS C 7 -28.17 -9.97 28.78
CA LYS C 7 -27.98 -10.47 27.42
C LYS C 7 -27.78 -9.31 26.46
N LYS C 8 -26.88 -9.51 25.52
CA LYS C 8 -26.45 -8.43 24.67
C LYS C 8 -27.61 -7.99 23.76
N ASP C 9 -28.43 -8.95 23.32
CA ASP C 9 -29.60 -8.67 22.47
C ASP C 9 -30.87 -8.24 23.24
N GLU C 10 -30.79 -8.07 24.55
CA GLU C 10 -31.96 -7.63 25.31
C GLU C 10 -31.78 -6.25 25.85
N ASN C 11 -30.94 -6.07 26.86
CA ASN C 11 -30.64 -4.73 27.44
CA ASN C 11 -30.65 -4.74 27.44
C ASN C 11 -29.15 -4.44 27.20
N PHE C 12 -28.86 -3.65 26.20
CA PHE C 12 -27.52 -3.48 25.70
C PHE C 12 -26.68 -2.70 26.73
N SER C 13 -27.22 -1.62 27.32
CA SER C 13 -26.46 -0.80 28.24
C SER C 13 -26.05 -1.56 29.46
N GLU C 14 -26.97 -2.35 29.99
CA GLU C 14 -26.66 -3.11 31.17
C GLU C 14 -25.66 -4.22 30.78
N TRP C 15 -25.78 -4.78 29.56
CA TRP C 15 -24.84 -5.82 29.18
C TRP C 15 -23.41 -5.16 29.09
N TYR C 16 -23.31 -4.02 28.43
CA TYR C 16 -22.00 -3.30 28.25
C TYR C 16 -21.39 -3.08 29.62
N THR C 17 -22.17 -2.53 30.53
CA THR C 17 -21.71 -2.29 31.91
C THR C 17 -21.15 -3.51 32.61
N GLN C 18 -21.94 -4.59 32.62
CA GLN C 18 -21.47 -5.83 33.22
C GLN C 18 -20.18 -6.34 32.57
N ALA C 19 -20.09 -6.14 31.26
CA ALA C 19 -18.98 -6.66 30.56
C ALA C 19 -17.74 -5.91 31.01
N ILE C 20 -17.78 -4.59 31.02
CA ILE C 20 -16.56 -3.83 31.38
C ILE C 20 -16.23 -3.92 32.86
N VAL C 21 -17.24 -4.15 33.68
CA VAL C 21 -16.96 -4.23 35.13
C VAL C 21 -16.40 -5.56 35.51
N ARG C 22 -17.04 -6.63 35.05
CA ARG C 22 -16.66 -7.97 35.47
C ARG C 22 -15.41 -8.50 34.78
N SER C 23 -15.09 -7.93 33.63
CA SER C 23 -13.80 -8.20 33.02
C SER C 23 -12.68 -7.41 33.66
N GLU C 24 -13.00 -6.53 34.62
CA GLU C 24 -11.98 -5.71 35.27
C GLU C 24 -11.33 -4.68 34.33
N MET C 25 -12.09 -4.16 33.37
CA MET C 25 -11.61 -3.11 32.52
C MET C 25 -11.76 -1.75 33.13
N ILE C 26 -12.90 -1.47 33.76
CA ILE C 26 -13.09 -0.17 34.37
C ILE C 26 -13.52 -0.25 35.79
N GLU C 27 -13.16 0.77 36.55
CA GLU C 27 -13.73 0.98 37.87
C GLU C 27 -14.36 2.35 37.90
N TYR C 28 -15.52 2.41 38.58
CA TYR C 28 -16.27 3.65 38.76
C TYR C 28 -15.57 4.60 39.74
N TYR C 29 -15.98 5.85 39.68
CA TYR C 29 -15.32 6.92 40.34
C TYR C 29 -16.33 8.00 40.66
N ASP C 30 -15.98 8.84 41.61
CA ASP C 30 -16.93 9.81 42.18
C ASP C 30 -16.99 11.11 41.36
N ILE C 31 -16.17 11.29 40.32
CA ILE C 31 -16.36 12.45 39.47
C ILE C 31 -17.03 12.01 38.18
N SER C 32 -18.17 12.61 37.94
CA SER C 32 -19.08 12.25 36.91
C SER C 32 -18.38 12.24 35.55
N GLY C 33 -18.54 11.16 34.81
CA GLY C 33 -17.93 11.06 33.46
C GLY C 33 -16.45 10.70 33.39
N CYS C 34 -15.89 10.32 34.55
CA CYS C 34 -14.54 9.87 34.68
C CYS C 34 -14.59 8.48 35.26
N TYR C 35 -13.69 7.63 34.78
CA TYR C 35 -13.65 6.23 35.15
C TYR C 35 -12.18 5.83 35.23
N ILE C 36 -11.87 4.87 36.10
CA ILE C 36 -10.54 4.31 36.21
C ILE C 36 -10.39 3.25 35.14
N MET C 37 -9.27 3.34 34.42
CA MET C 37 -8.84 2.33 33.47
C MET C 37 -7.92 1.38 34.17
N ARG C 38 -8.46 0.21 34.44
CA ARG C 38 -7.70 -0.90 35.01
C ARG C 38 -6.75 -1.54 34.00
N PRO C 39 -5.77 -2.28 34.51
CA PRO C 39 -4.78 -2.89 33.66
C PRO C 39 -5.32 -3.67 32.53
N TRP C 40 -6.44 -4.36 32.72
CA TRP C 40 -6.92 -5.17 31.63
C TRP C 40 -7.31 -4.33 30.41
N ALA C 41 -7.88 -3.14 30.65
CA ALA C 41 -8.27 -2.30 29.52
C ALA C 41 -6.98 -1.63 29.01
N PHE C 42 -6.18 -1.25 29.97
CA PHE C 42 -4.98 -0.50 29.64
C PHE C 42 -4.03 -1.22 28.71
N HIS C 43 -3.90 -2.53 28.88
CA HIS C 43 -3.01 -3.33 28.06
C HIS C 43 -3.40 -3.16 26.58
N ILE C 44 -4.68 -2.94 26.33
CA ILE C 44 -5.17 -2.92 24.98
C ILE C 44 -4.81 -1.57 24.40
N TRP C 45 -4.95 -0.53 25.21
CA TRP C 45 -4.60 0.80 24.79
C TRP C 45 -3.10 0.83 24.45
N GLU C 46 -2.30 0.23 25.29
CA GLU C 46 -0.89 0.04 24.98
C GLU C 46 -0.65 -0.52 23.61
N LYS C 47 -1.40 -1.53 23.22
CA LYS C 47 -1.10 -2.18 21.93
C LYS C 47 -1.42 -1.26 20.77
N VAL C 48 -2.65 -0.70 20.76
CA VAL C 48 -3.03 0.19 19.64
C VAL C 48 -2.20 1.47 19.64
N GLN C 49 -1.74 1.89 20.83
CA GLN C 49 -0.86 3.03 20.91
C GLN C 49 0.52 2.74 20.27
N ARG C 50 1.11 1.59 20.61
CA ARG C 50 2.37 1.18 20.07
C ARG C 50 2.22 1.03 18.56
N PHE C 51 1.19 0.35 18.10
CA PHE C 51 0.96 0.30 16.68
C PHE C 51 0.97 1.69 16.01
N PHE C 52 0.13 2.60 16.48
CA PHE C 52 -0.09 3.84 15.71
C PHE C 52 1.19 4.66 15.79
N ASP C 53 1.78 4.67 16.97
CA ASP C 53 2.96 5.42 17.24
C ASP C 53 4.13 4.91 16.40
N ASP C 54 4.35 3.61 16.31
CA ASP C 54 5.42 3.10 15.38
C ASP C 54 5.08 3.51 13.96
N GLU C 55 3.81 3.59 13.59
CA GLU C 55 3.55 3.93 12.18
C GLU C 55 3.73 5.39 11.92
N ILE C 56 3.51 6.25 12.91
CA ILE C 56 3.63 7.65 12.52
C ILE C 56 5.14 8.04 12.58
N LYS C 57 5.88 7.40 13.47
CA LYS C 57 7.36 7.52 13.40
C LYS C 57 7.90 7.24 12.03
N LYS C 58 7.40 6.20 11.34
CA LYS C 58 7.79 5.93 9.96
C LYS C 58 7.45 7.03 9.02
N MET C 59 6.32 7.70 9.21
CA MET C 59 6.07 8.91 8.44
C MET C 59 6.96 10.12 8.84
N GLY C 60 7.83 10.02 9.85
CA GLY C 60 8.60 11.20 10.28
C GLY C 60 7.90 12.14 11.28
N VAL C 61 6.79 11.66 11.88
CA VAL C 61 6.15 12.42 12.92
C VAL C 61 6.89 12.17 14.24
N GLU C 62 7.08 13.21 15.01
CA GLU C 62 7.84 13.16 16.23
C GLU C 62 6.94 13.56 17.35
N ASN C 63 7.14 12.92 18.46
CA ASN C 63 6.36 13.21 19.62
C ASN C 63 6.96 14.35 20.41
N SER C 64 6.05 15.05 21.07
CA SER C 64 6.32 16.21 21.88
C SER C 64 5.43 16.15 23.12
N TYR C 65 5.60 17.12 24.03
CA TYR C 65 4.62 17.37 25.06
C TYR C 65 4.47 18.85 25.41
N PHE C 66 3.29 19.38 25.08
CA PHE C 66 2.87 20.75 25.38
C PHE C 66 2.02 20.74 26.65
N PRO C 67 1.91 21.89 27.33
CA PRO C 67 1.30 21.84 28.67
C PRO C 67 -0.19 21.57 28.64
N MET C 68 -0.70 21.19 29.79
CA MET C 68 -2.09 20.86 29.92
C MET C 68 -2.91 22.11 30.17
N PHE C 69 -2.28 23.25 30.45
CA PHE C 69 -3.00 24.44 30.83
C PHE C 69 -2.81 25.40 29.73
N VAL C 70 -3.89 26.10 29.42
CA VAL C 70 -3.81 27.18 28.46
C VAL C 70 -4.44 28.41 29.07
N SER C 71 -3.74 29.53 29.00
CA SER C 71 -4.29 30.77 29.62
C SER C 71 -5.57 31.28 28.90
N ARG C 72 -6.40 32.03 29.61
CA ARG C 72 -7.69 32.52 29.04
CA ARG C 72 -7.68 32.52 29.04
C ARG C 72 -7.44 33.21 27.70
N HIS C 73 -6.49 34.14 27.68
CA HIS C 73 -6.25 34.92 26.51
C HIS C 73 -5.76 34.09 25.33
N LYS C 74 -5.00 33.01 25.56
CA LYS C 74 -4.69 32.12 24.46
C LYS C 74 -5.87 31.26 23.96
N LEU C 75 -6.64 30.70 24.87
CA LEU C 75 -7.77 29.88 24.48
C LEU C 75 -8.81 30.72 23.76
N GLU C 76 -9.03 31.94 24.24
CA GLU C 76 -10.02 32.83 23.61
C GLU C 76 -9.44 33.70 22.48
N LYS C 77 -8.41 33.19 21.78
CA LYS C 77 -8.01 33.45 20.36
C LYS C 77 -6.50 33.72 20.19
N PHE C 85 -18.82 25.38 22.19
CA PHE C 85 -17.67 24.82 22.91
C PHE C 85 -17.50 25.35 24.36
N SER C 86 -17.63 26.68 24.53
CA SER C 86 -17.39 27.40 25.80
C SER C 86 -17.86 26.76 27.10
N PRO C 87 -19.09 26.21 27.19
CA PRO C 87 -19.54 25.46 28.44
C PRO C 87 -18.76 24.17 28.81
N GLU C 88 -18.08 23.58 27.84
CA GLU C 88 -17.24 22.40 28.04
C GLU C 88 -15.87 22.67 28.65
N VAL C 89 -15.44 23.92 28.75
CA VAL C 89 -14.10 24.18 29.22
C VAL C 89 -13.98 24.21 30.75
N ALA C 90 -13.06 23.44 31.29
CA ALA C 90 -12.78 23.43 32.77
C ALA C 90 -11.68 24.44 33.13
N TRP C 91 -12.04 25.38 34.03
CA TRP C 91 -11.25 26.54 34.46
C TRP C 91 -10.68 26.36 35.84
N VAL C 92 -9.36 26.45 35.91
CA VAL C 92 -8.63 26.67 37.15
C VAL C 92 -8.55 28.15 37.48
N THR C 93 -8.93 28.53 38.68
CA THR C 93 -8.94 29.97 39.06
C THR C 93 -8.13 30.29 40.31
N HIS C 94 -7.80 29.25 41.07
CA HIS C 94 -7.11 29.44 42.37
C HIS C 94 -6.03 28.36 42.55
N TYR C 95 -4.99 28.70 43.27
CA TYR C 95 -4.04 27.73 43.76
C TYR C 95 -4.07 27.91 45.25
N GLY C 96 -4.24 26.81 45.98
CA GLY C 96 -4.61 26.89 47.39
C GLY C 96 -5.86 27.77 47.50
N ASP C 97 -5.80 28.78 48.38
CA ASP C 97 -6.89 29.78 48.52
C ASP C 97 -6.59 31.11 47.79
N SER C 98 -5.52 31.20 46.99
CA SER C 98 -5.19 32.44 46.28
C SER C 98 -5.62 32.45 44.81
N PRO C 99 -6.21 33.54 44.35
CA PRO C 99 -6.68 33.73 42.97
C PRO C 99 -5.58 33.88 41.96
N LEU C 100 -5.67 33.16 40.82
CA LEU C 100 -4.74 33.38 39.74
C LEU C 100 -4.98 34.81 39.16
N PRO C 101 -3.95 35.52 38.75
CA PRO C 101 -4.21 36.76 38.02
C PRO C 101 -5.03 36.65 36.73
N GLU C 102 -4.86 35.51 36.06
CA GLU C 102 -5.57 35.17 34.84
C GLU C 102 -6.02 33.69 34.98
N LYS C 103 -7.28 33.39 34.78
CA LYS C 103 -7.66 31.98 34.84
C LYS C 103 -7.05 31.16 33.69
N ILE C 104 -6.88 29.88 33.96
CA ILE C 104 -6.28 28.97 33.04
C ILE C 104 -7.21 27.78 32.82
N ALA C 105 -7.33 27.38 31.57
CA ALA C 105 -8.11 26.18 31.23
C ALA C 105 -7.27 24.92 31.13
N ILE C 106 -7.91 23.80 31.41
CA ILE C 106 -7.33 22.51 31.09
C ILE C 106 -7.62 22.23 29.59
N ARG C 107 -6.57 21.84 28.88
CA ARG C 107 -6.71 21.65 27.43
C ARG C 107 -7.94 20.79 27.06
N PRO C 108 -8.79 21.35 26.19
CA PRO C 108 -9.83 20.55 25.59
C PRO C 108 -9.33 19.92 24.29
N THR C 109 -8.24 20.52 23.84
CA THR C 109 -7.55 20.20 22.62
C THR C 109 -6.48 21.28 22.57
N SER C 110 -5.46 21.07 21.78
CA SER C 110 -4.25 21.87 21.88
C SER C 110 -3.85 22.87 20.79
N GLU C 111 -4.73 23.16 19.86
CA GLU C 111 -4.49 24.18 18.81
C GLU C 111 -3.97 25.51 19.38
N THR C 112 -4.60 26.00 20.45
CA THR C 112 -4.25 27.41 21.01
C THR C 112 -2.98 27.43 21.85
N ILE C 113 -2.45 26.24 22.12
CA ILE C 113 -1.18 26.02 22.88
C ILE C 113 -0.03 25.77 21.91
N MET C 114 -0.28 24.94 20.92
CA MET C 114 0.69 24.62 19.93
C MET C 114 0.86 25.65 18.85
N TYR C 115 -0.23 26.24 18.36
CA TYR C 115 -0.07 27.01 17.08
C TYR C 115 0.69 28.31 17.27
N PRO C 116 0.65 28.92 18.50
CA PRO C 116 1.56 30.06 18.67
C PRO C 116 2.99 29.66 18.68
N ALA C 117 3.29 28.43 19.10
CA ALA C 117 4.68 28.02 19.03
C ALA C 117 5.06 27.78 17.60
N TYR C 118 4.12 27.24 16.82
CA TYR C 118 4.37 26.92 15.40
C TYR C 118 4.71 28.20 14.63
N ALA C 119 3.94 29.26 14.85
CA ALA C 119 4.26 30.63 14.32
C ALA C 119 5.69 31.14 14.60
N LYS C 120 6.19 30.87 15.81
CA LYS C 120 7.55 31.16 16.21
C LYS C 120 8.58 30.23 15.51
N TRP C 121 8.36 28.92 15.48
CA TRP C 121 9.38 27.99 14.94
C TRP C 121 9.45 28.01 13.39
N ILE C 122 8.35 28.33 12.70
CA ILE C 122 8.38 28.29 11.23
C ILE C 122 8.80 29.64 10.62
N ARG C 123 9.98 29.70 10.01
CA ARG C 123 10.51 30.92 9.34
C ARG C 123 10.68 30.76 7.82
N SER C 124 11.09 29.55 7.40
CA SER C 124 11.48 29.25 6.06
C SER C 124 10.96 27.91 5.57
N HIS C 125 11.01 27.72 4.26
CA HIS C 125 10.60 26.47 3.66
C HIS C 125 11.49 25.36 4.23
N ARG C 126 12.67 25.73 4.70
CA ARG C 126 13.58 24.74 5.28
C ARG C 126 13.12 24.21 6.65
N ASP C 127 12.09 24.81 7.22
CA ASP C 127 11.59 24.36 8.53
C ASP C 127 10.44 23.40 8.33
N LEU C 128 10.02 23.24 7.06
CA LEU C 128 8.87 22.44 6.74
C LEU C 128 9.26 21.16 6.02
N PRO C 129 8.49 20.06 6.20
CA PRO C 129 7.24 20.00 6.94
C PRO C 129 7.52 19.94 8.46
N LEU C 130 6.65 20.50 9.27
CA LEU C 130 6.71 20.31 10.72
C LEU C 130 5.60 19.34 11.08
N LYS C 131 6.03 18.23 11.68
CA LYS C 131 5.12 17.13 12.00
C LYS C 131 5.27 16.66 13.45
N LEU C 132 4.26 16.94 14.27
CA LEU C 132 4.32 16.64 15.69
C LEU C 132 3.07 15.96 16.13
N ASN C 133 3.17 15.21 17.21
CA ASN C 133 2.06 14.48 17.82
C ASN C 133 2.28 14.50 19.32
N GLN C 134 1.21 14.30 20.08
CA GLN C 134 1.36 14.04 21.46
C GLN C 134 0.28 13.08 22.00
N TRP C 135 0.68 12.24 22.95
CA TRP C 135 -0.15 11.31 23.66
C TRP C 135 -0.42 12.01 24.95
N CYS C 136 -1.68 12.26 25.26
CA CYS C 136 -2.07 12.98 26.49
C CYS C 136 -3.52 12.74 26.82
N SER C 137 -4.01 13.39 27.84
CA SER C 137 -5.45 13.38 28.08
C SER C 137 -5.98 14.74 27.84
N VAL C 138 -7.25 14.83 27.59
CA VAL C 138 -7.89 16.10 27.46
C VAL C 138 -9.13 16.07 28.25
N VAL C 139 -9.66 17.27 28.53
CA VAL C 139 -10.81 17.36 29.37
C VAL C 139 -11.91 18.19 28.71
N ARG C 140 -13.14 17.74 28.80
CA ARG C 140 -14.30 18.46 28.32
C ARG C 140 -15.50 18.10 29.14
N TRP C 141 -16.23 19.12 29.55
CA TRP C 141 -17.27 18.91 30.50
C TRP C 141 -18.47 18.62 29.70
N GLU C 142 -18.52 17.41 29.16
CA GLU C 142 -19.50 16.96 28.20
C GLU C 142 -20.91 17.12 28.79
N PHE C 143 -21.86 17.60 27.98
CA PHE C 143 -23.24 17.72 28.39
C PHE C 143 -23.99 16.40 28.19
N LYS C 144 -23.71 15.66 27.13
CA LYS C 144 -24.34 14.31 26.92
C LYS C 144 -23.99 13.33 28.00
N GLN C 145 -24.88 12.40 28.25
CA GLN C 145 -24.74 11.34 29.24
CA GLN C 145 -24.67 11.54 29.37
C GLN C 145 -23.38 10.73 29.06
N PRO C 146 -22.61 10.45 30.12
CA PRO C 146 -21.28 9.84 29.78
C PRO C 146 -21.39 8.33 29.54
N THR C 147 -20.48 7.73 28.79
CA THR C 147 -20.47 6.29 28.59
C THR C 147 -19.03 5.86 28.69
N PRO C 148 -18.73 4.92 29.56
CA PRO C 148 -17.36 4.46 29.59
C PRO C 148 -16.73 4.20 28.21
N PHE C 149 -15.51 4.73 28.03
CA PHE C 149 -14.79 4.72 26.77
C PHE C 149 -15.32 5.65 25.70
N LEU C 150 -16.58 5.49 25.34
CA LEU C 150 -17.15 6.19 24.20
C LEU C 150 -17.25 7.67 24.40
N ARG C 151 -17.50 8.08 25.61
CA ARG C 151 -17.73 9.54 25.84
C ARG C 151 -17.51 9.88 27.31
N THR C 152 -16.32 10.32 27.64
CA THR C 152 -15.91 10.57 28.99
C THR C 152 -15.48 12.01 29.05
N ARG C 153 -15.40 12.55 30.24
CA ARG C 153 -15.09 13.95 30.45
C ARG C 153 -13.60 14.21 30.46
N GLU C 154 -12.84 13.19 30.82
CA GLU C 154 -11.38 13.16 30.63
C GLU C 154 -11.18 11.93 29.78
N PHE C 155 -10.58 12.09 28.60
CA PHE C 155 -10.24 10.90 27.81
C PHE C 155 -8.77 10.97 27.37
N LEU C 156 -8.11 9.81 27.26
CA LEU C 156 -6.75 9.70 26.64
C LEU C 156 -6.91 9.76 25.12
N TRP C 157 -5.97 10.44 24.46
CA TRP C 157 -5.89 10.43 23.03
C TRP C 157 -4.47 10.69 22.49
N GLN C 158 -4.31 10.72 21.17
CA GLN C 158 -3.22 11.45 20.59
C GLN C 158 -3.86 12.48 19.71
N GLU C 159 -3.11 13.53 19.45
CA GLU C 159 -3.50 14.62 18.59
C GLU C 159 -2.26 14.97 17.83
N GLY C 160 -2.35 14.88 16.52
CA GLY C 160 -1.27 15.27 15.64
C GLY C 160 -1.60 16.54 14.94
N HIS C 161 -0.56 17.33 14.72
CA HIS C 161 -0.66 18.63 14.11
C HIS C 161 0.55 18.85 13.20
N THR C 162 0.28 19.00 11.91
CA THR C 162 1.33 19.18 10.95
C THR C 162 1.13 20.42 10.14
N ALA C 163 2.28 20.96 9.72
CA ALA C 163 2.36 22.08 8.82
C ALA C 163 3.22 21.76 7.64
N HIS C 164 2.76 22.21 6.45
CA HIS C 164 3.32 21.89 5.11
C HIS C 164 3.32 23.13 4.19
N ALA C 165 4.31 23.18 3.33
CA ALA C 165 4.47 24.19 2.31
C ALA C 165 3.34 24.25 1.27
N THR C 166 2.67 23.12 1.02
CA THR C 166 1.63 23.02 0.02
C THR C 166 0.43 22.25 0.44
N GLU C 167 -0.71 22.58 -0.13
CA GLU C 167 -1.90 21.85 0.15
C GLU C 167 -1.80 20.36 -0.17
N GLU C 168 -1.23 20.05 -1.32
CA GLU C 168 -1.17 18.65 -1.79
C GLU C 168 -0.37 17.75 -0.84
N GLU C 169 0.73 18.24 -0.33
CA GLU C 169 1.47 17.50 0.74
C GLU C 169 0.63 17.32 2.02
N ALA C 170 -0.03 18.39 2.48
CA ALA C 170 -0.91 18.25 3.64
C ALA C 170 -2.02 17.22 3.41
N TRP C 171 -2.61 17.22 2.22
CA TRP C 171 -3.74 16.30 1.93
C TRP C 171 -3.30 14.84 1.86
N GLU C 172 -2.13 14.65 1.27
CA GLU C 172 -1.53 13.35 1.27
C GLU C 172 -1.39 12.85 2.72
N LEU C 173 -0.86 13.69 3.65
CA LEU C 173 -0.71 13.28 5.03
C LEU C 173 -2.06 13.00 5.72
N VAL C 174 -3.06 13.86 5.48
CA VAL C 174 -4.41 13.59 5.94
C VAL C 174 -4.87 12.17 5.60
N LEU C 175 -4.82 11.80 4.33
CA LEU C 175 -5.16 10.42 3.95
C LEU C 175 -4.23 9.33 4.48
N ASP C 176 -2.93 9.55 4.51
CA ASP C 176 -2.07 8.55 5.17
C ASP C 176 -2.52 8.27 6.63
N ILE C 177 -2.90 9.32 7.36
CA ILE C 177 -3.27 9.17 8.77
C ILE C 177 -4.60 8.46 8.82
N LEU C 178 -5.49 8.84 7.92
CA LEU C 178 -6.80 8.21 7.88
C LEU C 178 -6.68 6.68 7.64
N GLU C 179 -5.77 6.34 6.72
CA GLU C 179 -5.49 4.91 6.50
C GLU C 179 -4.91 4.24 7.81
N LEU C 180 -4.07 4.95 8.53
CA LEU C 180 -3.63 4.46 9.84
C LEU C 180 -4.76 4.21 10.85
N TYR C 181 -5.78 5.04 10.80
CA TYR C 181 -6.95 4.90 11.63
C TYR C 181 -7.76 3.74 11.20
N ARG C 182 -8.02 3.58 9.90
CA ARG C 182 -8.60 2.32 9.45
C ARG C 182 -7.85 1.09 9.93
N ARG C 183 -6.53 1.10 9.91
CA ARG C 183 -5.83 -0.05 10.38
C ARG C 183 -5.95 -0.25 11.91
N TRP C 184 -5.90 0.85 12.67
CA TRP C 184 -6.07 0.84 14.08
C TRP C 184 -7.34 0.02 14.40
N TYR C 185 -8.44 0.39 13.76
CA TYR C 185 -9.70 -0.32 13.95
C TYR C 185 -9.80 -1.69 13.25
N GLU C 186 -9.52 -1.75 11.97
CA GLU C 186 -9.74 -2.94 11.20
C GLU C 186 -8.60 -4.00 11.40
N GLU C 187 -7.33 -3.60 11.36
CA GLU C 187 -6.26 -4.57 11.49
C GLU C 187 -6.05 -4.95 12.95
N CYS C 188 -6.04 -3.96 13.88
CA CYS C 188 -5.81 -4.26 15.31
C CYS C 188 -7.05 -4.73 16.05
N LEU C 189 -8.12 -3.98 15.92
CA LEU C 189 -9.30 -4.22 16.72
C LEU C 189 -10.35 -5.02 16.03
N ALA C 190 -10.14 -5.29 14.73
CA ALA C 190 -11.06 -6.10 13.96
C ALA C 190 -12.45 -5.50 13.93
N VAL C 191 -12.51 -4.17 13.94
CA VAL C 191 -13.78 -3.43 13.81
C VAL C 191 -13.82 -2.83 12.42
N PRO C 192 -14.84 -3.15 11.59
CA PRO C 192 -14.94 -2.44 10.30
C PRO C 192 -15.44 -0.97 10.41
N VAL C 193 -14.92 -0.12 9.52
CA VAL C 193 -15.17 1.28 9.47
C VAL C 193 -15.29 1.72 8.01
N ILE C 194 -15.95 2.86 7.82
CA ILE C 194 -16.10 3.44 6.54
C ILE C 194 -15.41 4.80 6.46
N LYS C 195 -14.45 4.92 5.54
CA LYS C 195 -13.84 6.19 5.31
C LYS C 195 -14.80 7.10 4.60
N GLY C 196 -14.70 8.38 4.93
CA GLY C 196 -15.57 9.34 4.33
C GLY C 196 -15.26 10.78 4.64
N GLU C 197 -16.08 11.65 4.13
CA GLU C 197 -15.94 13.05 4.32
C GLU C 197 -17.10 13.54 5.11
N LYS C 198 -16.84 14.45 6.07
CA LYS C 198 -17.90 15.01 6.82
C LYS C 198 -18.61 16.07 6.01
N SER C 199 -19.90 16.21 6.24
CA SER C 199 -20.65 17.31 5.62
C SER C 199 -20.20 18.67 6.11
N GLU C 200 -20.65 19.69 5.42
CA GLU C 200 -20.37 21.07 5.85
C GLU C 200 -20.80 21.37 7.30
N GLY C 201 -21.97 20.89 7.72
CA GLY C 201 -22.43 21.10 9.08
C GLY C 201 -21.70 20.29 10.14
N GLU C 202 -21.19 19.13 9.76
CA GLU C 202 -20.56 18.23 10.72
C GLU C 202 -19.04 18.35 10.77
N LYS C 203 -18.42 19.00 9.83
CA LYS C 203 -16.95 19.04 9.83
C LYS C 203 -16.47 19.98 10.95
N PHE C 204 -15.18 19.92 11.25
CA PHE C 204 -14.48 20.92 12.08
C PHE C 204 -14.42 22.31 11.44
N ALA C 205 -14.88 23.31 12.19
CA ALA C 205 -15.22 24.60 11.62
C ALA C 205 -13.96 25.39 11.41
N GLY C 206 -12.96 25.12 12.21
CA GLY C 206 -11.68 25.72 11.91
C GLY C 206 -10.93 25.09 10.76
N GLY C 207 -11.52 24.07 10.10
CA GLY C 207 -10.89 23.42 8.97
C GLY C 207 -11.53 23.64 7.60
N LYS C 208 -10.86 23.11 6.61
CA LYS C 208 -11.36 23.08 5.22
C LYS C 208 -12.19 21.84 4.88
N LYS C 209 -11.63 20.67 5.20
CA LYS C 209 -12.27 19.40 4.93
C LYS C 209 -11.94 18.45 6.09
N THR C 210 -12.95 17.79 6.63
CA THR C 210 -12.73 16.77 7.62
C THR C 210 -13.01 15.42 7.03
N THR C 211 -12.05 14.51 7.22
CA THR C 211 -12.22 13.12 6.85
C THR C 211 -12.41 12.36 8.15
N THR C 212 -13.06 11.23 8.01
CA THR C 212 -13.49 10.45 9.16
C THR C 212 -13.47 8.98 8.84
N VAL C 213 -13.36 8.19 9.91
CA VAL C 213 -13.73 6.82 9.80
C VAL C 213 -14.87 6.61 10.74
N GLU C 214 -15.94 6.00 10.23
CA GLU C 214 -17.19 5.82 11.01
C GLU C 214 -17.51 4.36 11.30
N ALA C 215 -17.88 4.02 12.53
CA ALA C 215 -18.27 2.68 12.84
C ALA C 215 -19.78 2.62 13.20
N PHE C 216 -20.27 1.45 13.53
CA PHE C 216 -21.72 1.24 13.70
C PHE C 216 -21.93 0.27 14.85
N ILE C 217 -22.91 0.55 15.70
CA ILE C 217 -23.27 -0.36 16.76
C ILE C 217 -24.68 -0.92 16.49
N PRO C 218 -24.78 -2.15 15.97
CA PRO C 218 -26.05 -2.77 15.60
C PRO C 218 -27.09 -2.79 16.73
N GLU C 219 -26.65 -2.98 17.97
CA GLU C 219 -27.59 -3.22 19.03
C GLU C 219 -28.40 -2.00 19.32
N ASN C 220 -27.89 -0.80 19.10
CA ASN C 220 -28.76 0.40 19.29
C ASN C 220 -28.97 1.24 18.03
N GLY C 221 -28.52 0.75 16.88
CA GLY C 221 -28.67 1.46 15.60
C GLY C 221 -27.82 2.72 15.41
N ARG C 222 -26.77 2.89 16.21
CA ARG C 222 -26.07 4.17 16.19
C ARG C 222 -24.75 4.09 15.42
N GLY C 223 -24.51 5.06 14.55
CA GLY C 223 -23.17 5.31 14.04
C GLY C 223 -22.31 6.02 15.06
N ILE C 224 -21.01 5.94 14.88
CA ILE C 224 -20.14 6.57 15.83
C ILE C 224 -18.84 6.95 15.12
N GLN C 225 -18.39 8.19 15.30
CA GLN C 225 -17.18 8.60 14.67
C GLN C 225 -16.00 7.94 15.39
N ALA C 226 -15.27 7.13 14.65
CA ALA C 226 -14.23 6.35 15.23
C ALA C 226 -12.90 7.10 15.30
N ALA C 227 -12.67 8.04 14.37
CA ALA C 227 -11.47 8.88 14.35
C ALA C 227 -11.62 9.95 13.27
N THR C 228 -10.75 10.95 13.30
CA THR C 228 -10.84 12.04 12.40
C THR C 228 -9.47 12.58 12.02
N SER C 229 -9.45 13.13 10.81
CA SER C 229 -8.26 13.68 10.17
C SER C 229 -8.68 14.81 9.24
N HIS C 230 -8.13 16.01 9.52
CA HIS C 230 -8.58 17.26 8.97
C HIS C 230 -7.57 17.84 8.07
N LEU C 231 -8.05 18.30 6.91
CA LEU C 231 -7.23 19.19 6.08
C LEU C 231 -7.62 20.54 6.58
N LEU C 232 -6.72 21.24 7.26
CA LEU C 232 -7.08 22.53 7.82
C LEU C 232 -6.88 23.69 6.83
N GLY C 233 -6.20 23.47 5.71
CA GLY C 233 -5.92 24.61 4.78
C GLY C 233 -5.08 25.63 5.51
N THR C 234 -5.27 26.90 5.24
CA THR C 234 -4.41 27.98 5.74
C THR C 234 -5.11 28.88 6.77
N ASN C 235 -6.32 28.52 7.15
CA ASN C 235 -7.19 29.31 8.05
C ASN C 235 -6.50 29.51 9.42
N PHE C 236 -5.92 28.47 9.97
CA PHE C 236 -5.21 28.61 11.24
C PHE C 236 -3.92 29.36 10.99
N ALA C 237 -3.36 29.18 9.83
CA ALA C 237 -2.12 29.92 9.54
C ALA C 237 -2.40 31.42 9.54
N LYS C 238 -3.58 31.81 9.08
CA LYS C 238 -3.90 33.24 8.97
C LYS C 238 -4.06 33.80 10.41
N MET C 239 -4.87 33.11 11.20
CA MET C 239 -5.14 33.51 12.55
C MET C 239 -3.93 33.55 13.40
N PHE C 240 -3.03 32.57 13.34
CA PHE C 240 -1.87 32.57 14.26
C PHE C 240 -0.64 33.15 13.58
N GLU C 241 -0.77 33.52 12.29
CA GLU C 241 0.36 34.06 11.55
C GLU C 241 1.51 33.09 11.42
N ILE C 242 1.21 31.90 10.88
CA ILE C 242 2.24 30.90 10.61
C ILE C 242 2.54 30.97 9.14
N GLU C 243 3.65 31.62 8.83
CA GLU C 243 4.01 32.01 7.47
C GLU C 243 5.46 31.63 7.32
N PHE C 244 5.87 31.37 6.09
CA PHE C 244 7.22 30.97 5.83
C PHE C 244 7.67 31.65 4.54
N GLU C 245 8.96 31.84 4.44
CA GLU C 245 9.58 32.37 3.26
C GLU C 245 9.88 31.22 2.29
N ASP C 246 9.33 31.27 1.09
CA ASP C 246 9.58 30.24 0.10
C ASP C 246 10.97 30.38 -0.54
N GLU C 247 11.25 29.54 -1.53
CA GLU C 247 12.59 29.53 -2.18
C GLU C 247 12.88 30.86 -2.82
N GLU C 248 11.84 31.60 -3.21
CA GLU C 248 12.00 32.84 -3.96
C GLU C 248 11.96 34.10 -3.10
N GLY C 249 12.02 33.97 -1.78
CA GLY C 249 11.92 35.13 -0.86
C GLY C 249 10.48 35.60 -0.59
N HIS C 250 9.46 34.92 -1.13
CA HIS C 250 8.06 35.30 -0.82
C HIS C 250 7.46 34.61 0.41
N LYS C 251 6.70 35.40 1.17
CA LYS C 251 6.03 34.99 2.41
C LYS C 251 4.72 34.29 2.08
N ARG C 252 4.54 33.10 2.65
CA ARG C 252 3.40 32.28 2.36
C ARG C 252 2.85 31.64 3.64
N LEU C 253 1.56 31.36 3.64
CA LEU C 253 0.95 30.61 4.73
C LEU C 253 1.20 29.11 4.65
N VAL C 254 1.39 28.48 5.82
CA VAL C 254 1.48 27.02 5.82
C VAL C 254 0.12 26.41 5.61
N HIS C 255 0.12 25.17 5.13
CA HIS C 255 -1.07 24.36 5.02
C HIS C 255 -0.96 23.27 6.09
N GLN C 256 -2.03 23.10 6.86
CA GLN C 256 -1.94 22.32 8.07
C GLN C 256 -2.87 21.14 8.06
N THR C 257 -2.60 20.22 8.99
CA THR C 257 -3.50 19.10 9.28
C THR C 257 -3.55 18.95 10.79
N SER C 258 -4.64 18.31 11.25
CA SER C 258 -4.75 17.81 12.61
C SER C 258 -5.54 16.56 12.58
N TRP C 259 -5.32 15.69 13.56
CA TRP C 259 -5.92 14.36 13.57
C TRP C 259 -5.89 13.79 15.00
N GLY C 260 -6.89 12.98 15.35
CA GLY C 260 -6.91 12.37 16.65
C GLY C 260 -7.82 11.20 16.80
N CYS C 261 -7.58 10.42 17.84
CA CYS C 261 -8.24 9.16 18.10
C CYS C 261 -8.04 8.87 19.58
N THR C 262 -9.07 8.32 20.21
CA THR C 262 -9.09 8.24 21.69
C THR C 262 -9.39 6.86 22.18
N THR C 263 -9.52 6.72 23.52
CA THR C 263 -9.88 5.47 24.12
C THR C 263 -11.28 5.00 23.73
N ARG C 264 -12.07 5.85 23.08
CA ARG C 264 -13.32 5.40 22.47
C ARG C 264 -13.15 4.11 21.65
N SER C 265 -12.00 3.97 20.98
CA SER C 265 -11.69 2.79 20.18
C SER C 265 -11.90 1.53 20.96
N LEU C 266 -11.49 1.55 22.21
CA LEU C 266 -11.70 0.39 23.11
C LEU C 266 -13.19 0.02 23.35
N GLY C 267 -14.01 1.04 23.54
CA GLY C 267 -15.44 0.85 23.73
C GLY C 267 -16.07 0.24 22.54
N VAL C 268 -15.79 0.79 21.35
CA VAL C 268 -16.25 0.20 20.10
C VAL C 268 -15.83 -1.28 19.89
N MET C 269 -14.56 -1.62 20.16
CA MET C 269 -14.14 -3.02 20.13
C MET C 269 -14.98 -3.87 21.06
N ILE C 270 -15.13 -3.42 22.30
CA ILE C 270 -15.85 -4.21 23.28
C ILE C 270 -17.29 -4.49 22.75
N MET C 271 -17.94 -3.44 22.31
CA MET C 271 -19.33 -3.57 21.84
C MET C 271 -19.44 -4.44 20.60
N THR C 272 -18.39 -4.43 19.77
CA THR C 272 -18.47 -5.13 18.48
C THR C 272 -18.33 -6.65 18.69
N HIS C 273 -17.37 -7.08 19.45
CA HIS C 273 -17.02 -8.50 19.58
C HIS C 273 -17.64 -9.11 20.82
N GLY C 274 -17.97 -8.34 21.83
CA GLY C 274 -18.46 -9.01 23.07
C GLY C 274 -19.67 -9.98 22.83
N ASP C 275 -19.90 -10.88 23.75
CA ASP C 275 -21.02 -11.77 23.66
C ASP C 275 -21.59 -11.96 25.03
N ASP C 276 -22.53 -12.89 25.15
CA ASP C 276 -23.26 -13.08 26.41
C ASP C 276 -22.34 -13.57 27.51
N LYS C 277 -21.19 -14.11 27.15
CA LYS C 277 -20.22 -14.49 28.17
C LYS C 277 -19.31 -13.33 28.59
N GLY C 278 -19.24 -12.24 27.82
CA GLY C 278 -18.35 -11.15 28.15
C GLY C 278 -17.48 -10.72 26.99
N LEU C 279 -16.27 -10.26 27.28
CA LEU C 279 -15.37 -9.79 26.24
C LEU C 279 -14.86 -10.93 25.36
N VAL C 280 -14.63 -10.56 24.11
CA VAL C 280 -13.85 -11.32 23.15
C VAL C 280 -12.74 -10.35 22.60
N ILE C 281 -11.49 -10.59 22.94
CA ILE C 281 -10.42 -9.67 22.57
C ILE C 281 -9.72 -10.22 21.34
N PRO C 282 -9.67 -9.45 20.26
CA PRO C 282 -9.00 -9.91 19.06
C PRO C 282 -7.54 -10.22 19.39
N PRO C 283 -7.01 -11.35 18.88
CA PRO C 283 -5.66 -11.76 19.20
C PRO C 283 -4.59 -10.73 18.94
N ARG C 284 -4.75 -9.86 17.95
CA ARG C 284 -3.73 -8.87 17.64
CA ARG C 284 -3.69 -8.90 17.66
C ARG C 284 -3.56 -7.86 18.76
N VAL C 285 -4.59 -7.69 19.58
CA VAL C 285 -4.48 -6.74 20.71
C VAL C 285 -4.59 -7.38 22.07
N ALA C 286 -4.60 -8.69 22.19
CA ALA C 286 -4.70 -9.34 23.52
C ALA C 286 -3.29 -9.46 24.11
N SER C 287 -3.11 -8.89 25.29
CA SER C 287 -1.87 -9.04 26.05
C SER C 287 -1.60 -10.50 26.38
N VAL C 288 -2.65 -11.26 26.69
CA VAL C 288 -2.63 -12.73 26.87
C VAL C 288 -3.40 -13.31 25.73
N GLN C 289 -2.69 -14.03 24.84
CA GLN C 289 -3.32 -14.60 23.66
C GLN C 289 -3.75 -16.02 24.00
N VAL C 290 -2.96 -16.63 24.88
CA VAL C 290 -3.18 -18.03 25.34
C VAL C 290 -2.96 -18.11 26.84
N VAL C 291 -4.00 -18.52 27.59
CA VAL C 291 -3.84 -18.82 28.99
C VAL C 291 -3.72 -20.33 29.18
N ILE C 292 -2.70 -20.75 29.89
CA ILE C 292 -2.50 -22.14 30.13
C ILE C 292 -2.96 -22.37 31.54
N ILE C 293 -3.85 -23.34 31.69
CA ILE C 293 -4.40 -23.70 32.97
C ILE C 293 -4.02 -25.12 33.33
N PRO C 294 -3.17 -25.28 34.34
CA PRO C 294 -2.77 -26.59 34.78
C PRO C 294 -3.88 -27.19 35.64
N ILE C 295 -4.12 -28.47 35.49
CA ILE C 295 -5.10 -29.15 36.33
C ILE C 295 -4.35 -30.07 37.30
N LEU C 296 -4.16 -29.58 38.53
CA LEU C 296 -3.34 -30.22 39.54
C LEU C 296 -4.11 -31.35 40.22
N PHE C 297 -3.45 -32.52 40.36
CA PHE C 297 -4.01 -33.74 40.98
C PHE C 297 -3.12 -34.27 42.13
N LYS C 298 -3.74 -34.31 43.32
CA LYS C 298 -3.15 -34.81 44.57
C LYS C 298 -1.64 -34.59 44.76
N ASP C 299 -1.19 -33.34 44.65
CA ASP C 299 0.20 -32.95 44.96
C ASP C 299 1.21 -33.85 44.22
N ASN C 301 2.10 -35.74 41.36
CA ASN C 301 1.76 -35.41 39.99
C ASN C 301 1.78 -33.89 39.71
N THR C 302 2.16 -33.10 40.72
CA THR C 302 2.03 -31.63 40.67
C THR C 302 3.21 -30.95 39.96
N GLY C 303 4.41 -31.27 40.41
CA GLY C 303 5.63 -30.68 39.86
C GLY C 303 5.80 -31.00 38.40
N GLU C 304 5.32 -32.18 37.97
CA GLU C 304 5.43 -32.61 36.57
C GLU C 304 4.53 -31.75 35.64
N ILE C 305 3.30 -31.48 36.09
CA ILE C 305 2.34 -30.67 35.32
C ILE C 305 2.85 -29.24 35.12
N LEU C 306 3.16 -28.55 36.21
CA LEU C 306 3.64 -27.20 36.15
C LEU C 306 4.93 -27.13 35.38
N GLY C 307 5.72 -28.20 35.52
CA GLY C 307 6.87 -28.39 34.67
C GLY C 307 6.58 -28.28 33.19
N LYS C 308 5.74 -29.14 32.62
CA LYS C 308 5.50 -29.05 31.17
C LYS C 308 4.81 -27.72 30.82
N CYS C 309 3.96 -27.18 31.70
CA CYS C 309 3.33 -25.87 31.43
C CYS C 309 4.38 -24.81 31.16
N ARG C 310 5.40 -24.74 32.02
CA ARG C 310 6.46 -23.77 31.83
C ARG C 310 7.23 -24.06 30.54
N GLU C 311 7.46 -25.34 30.24
CA GLU C 311 8.09 -25.73 28.96
C GLU C 311 7.24 -25.35 27.75
N LEU C 312 5.93 -25.52 27.88
CA LEU C 312 5.02 -25.13 26.77
C LEU C 312 4.98 -23.59 26.53
N LYS C 313 4.96 -22.81 27.58
CA LYS C 313 5.04 -21.32 27.48
C LYS C 313 6.29 -20.86 26.74
N THR C 314 7.45 -21.26 27.29
CA THR C 314 8.79 -21.03 26.68
C THR C 314 8.72 -21.40 25.21
N MET C 315 8.18 -22.56 24.91
CA MET C 315 8.11 -22.96 23.52
C MET C 315 7.19 -22.07 22.66
N LEU C 316 6.02 -21.67 23.15
CA LEU C 316 5.11 -20.81 22.32
C LEU C 316 5.58 -19.37 22.21
N GLU C 317 6.19 -18.85 23.28
CA GLU C 317 6.70 -17.47 23.20
C GLU C 317 7.94 -17.41 22.30
N LYS C 318 8.60 -18.55 22.12
CA LYS C 318 9.61 -18.67 21.06
C LYS C 318 8.97 -18.36 19.69
N ALA C 319 7.70 -18.72 19.47
CA ALA C 319 7.01 -18.33 18.21
C ALA C 319 6.25 -16.98 18.24
N ASP C 320 6.56 -16.12 19.25
CA ASP C 320 5.90 -14.80 19.49
C ASP C 320 4.42 -14.90 19.84
N ILE C 321 4.07 -15.85 20.71
CA ILE C 321 2.75 -16.01 21.21
C ILE C 321 2.83 -15.50 22.61
N ARG C 322 1.87 -14.66 22.97
CA ARG C 322 1.82 -14.12 24.29
C ARG C 322 0.97 -15.03 25.21
N VAL C 323 1.65 -15.50 26.22
CA VAL C 323 1.22 -16.61 27.01
C VAL C 323 1.32 -16.28 28.45
N ARG C 324 0.22 -16.59 29.18
CA ARG C 324 0.17 -16.58 30.65
CA ARG C 324 0.29 -16.65 30.63
C ARG C 324 -0.14 -17.99 31.15
N ILE C 325 0.57 -18.44 32.18
CA ILE C 325 0.20 -19.66 32.87
C ILE C 325 -0.54 -19.22 34.12
N ASP C 326 -1.81 -19.60 34.27
CA ASP C 326 -2.53 -19.31 35.51
C ASP C 326 -2.37 -20.49 36.46
N ASP C 327 -1.30 -20.46 37.24
CA ASP C 327 -0.92 -21.53 38.18
C ASP C 327 -1.22 -21.15 39.60
N ARG C 328 -2.11 -20.19 39.80
CA ARG C 328 -2.47 -19.76 41.15
C ARG C 328 -3.22 -20.91 41.85
N SER C 329 -2.75 -21.32 43.01
CA SER C 329 -3.28 -22.50 43.62
C SER C 329 -4.55 -22.18 44.46
N ASN C 330 -4.91 -20.91 44.62
CA ASN C 330 -6.12 -20.60 45.38
C ASN C 330 -7.37 -20.35 44.59
N TYR C 331 -7.40 -20.84 43.36
CA TYR C 331 -8.60 -20.84 42.58
C TYR C 331 -8.67 -22.19 41.94
N THR C 332 -9.89 -22.61 41.63
CA THR C 332 -10.11 -23.85 40.96
C THR C 332 -10.04 -23.67 39.47
N PRO C 333 -9.73 -24.75 38.75
CA PRO C 333 -9.74 -24.67 37.30
C PRO C 333 -11.01 -24.09 36.75
N GLY C 334 -12.16 -24.48 37.28
CA GLY C 334 -13.46 -24.03 36.75
C GLY C 334 -13.59 -22.51 36.89
N TRP C 335 -13.12 -21.99 38.01
CA TRP C 335 -13.11 -20.56 38.26
C TRP C 335 -12.23 -19.83 37.22
N LYS C 336 -11.04 -20.40 36.95
CA LYS C 336 -10.09 -19.84 36.01
C LYS C 336 -10.67 -19.84 34.62
N TYR C 337 -11.39 -20.91 34.27
CA TYR C 337 -12.03 -21.02 32.94
C TYR C 337 -12.98 -19.91 32.79
N ASN C 338 -13.72 -19.61 33.83
CA ASN C 338 -14.73 -18.62 33.68
C ASN C 338 -14.11 -17.19 33.65
N HIS C 339 -13.17 -16.95 34.56
CA HIS C 339 -12.51 -15.69 34.72
C HIS C 339 -11.85 -15.23 33.36
N TRP C 340 -11.15 -16.13 32.68
CA TRP C 340 -10.45 -15.76 31.43
C TRP C 340 -11.37 -15.70 30.24
N GLU C 341 -12.49 -16.43 30.29
CA GLU C 341 -13.57 -16.25 29.37
C GLU C 341 -14.19 -14.87 29.43
N VAL C 342 -14.51 -14.39 30.63
CA VAL C 342 -15.14 -13.08 30.80
C VAL C 342 -14.18 -11.99 30.36
N LYS C 343 -12.89 -12.22 30.59
CA LYS C 343 -11.86 -11.33 30.11
C LYS C 343 -11.60 -11.38 28.63
N GLY C 344 -12.18 -12.35 27.91
CA GLY C 344 -11.98 -12.57 26.46
C GLY C 344 -10.62 -13.04 25.89
N VAL C 345 -9.82 -13.73 26.67
CA VAL C 345 -8.54 -14.29 26.20
C VAL C 345 -8.86 -15.24 25.07
N PRO C 346 -8.26 -15.07 23.88
CA PRO C 346 -8.75 -15.81 22.72
C PRO C 346 -8.64 -17.33 22.79
N LEU C 347 -7.58 -17.83 23.42
CA LEU C 347 -7.36 -19.25 23.57
C LEU C 347 -6.95 -19.69 24.98
N ARG C 348 -7.45 -20.85 25.36
CA ARG C 348 -7.28 -21.42 26.68
C ARG C 348 -6.65 -22.79 26.39
N LEU C 349 -5.63 -23.14 27.13
CA LEU C 349 -4.99 -24.42 26.94
C LEU C 349 -5.01 -25.12 28.28
N GLU C 350 -5.53 -26.35 28.26
CA GLU C 350 -5.65 -27.14 29.49
C GLU C 350 -4.68 -28.30 29.46
N LEU C 351 -3.96 -28.47 30.57
CA LEU C 351 -3.00 -29.53 30.71
C LEU C 351 -3.25 -30.28 32.02
N GLY C 352 -3.89 -31.44 31.92
CA GLY C 352 -4.06 -32.33 33.06
C GLY C 352 -3.03 -33.47 33.10
N PRO C 353 -3.22 -34.42 34.03
CA PRO C 353 -2.30 -35.56 34.13
C PRO C 353 -2.44 -36.54 32.94
N LYS C 354 -3.69 -36.86 32.58
CA LYS C 354 -4.02 -37.58 31.35
C LYS C 354 -3.20 -37.04 30.14
N ASP C 355 -3.48 -35.79 29.75
CA ASP C 355 -2.76 -35.08 28.65
C ASP C 355 -1.24 -35.22 28.75
N LEU C 356 -0.76 -35.26 29.98
CA LEU C 356 0.67 -35.24 30.24
C LEU C 356 1.30 -36.48 29.66
N ALA C 357 0.54 -37.56 29.64
CA ALA C 357 1.03 -38.83 29.16
C ALA C 357 0.87 -38.91 27.65
N LYS C 358 -0.23 -38.35 27.13
CA LYS C 358 -0.53 -38.45 25.71
C LYS C 358 0.36 -37.51 24.87
N GLY C 359 1.19 -36.65 25.48
CA GLY C 359 1.97 -35.64 24.70
C GLY C 359 1.11 -34.63 23.92
N THR C 360 -0.10 -34.35 24.47
CA THR C 360 -1.13 -33.43 23.88
C THR C 360 -1.65 -32.36 24.85
N ALA C 361 -2.47 -31.46 24.34
CA ALA C 361 -3.22 -30.53 25.20
C ALA C 361 -4.58 -30.24 24.60
N ARG C 362 -5.54 -29.86 25.43
CA ARG C 362 -6.85 -29.44 24.95
C ARG C 362 -6.88 -27.91 24.85
N VAL C 363 -7.22 -27.36 23.69
CA VAL C 363 -7.36 -25.91 23.57
C VAL C 363 -8.73 -25.54 23.03
N VAL C 364 -9.29 -24.49 23.62
CA VAL C 364 -10.62 -24.01 23.33
C VAL C 364 -10.51 -22.55 22.91
N ARG C 365 -11.18 -22.22 21.80
CA ARG C 365 -11.27 -20.89 21.33
C ARG C 365 -12.43 -20.20 22.01
N ARG C 366 -12.20 -18.94 22.35
CA ARG C 366 -13.17 -18.15 23.10
C ARG C 366 -14.33 -17.75 22.19
N ASP C 367 -14.07 -17.47 20.91
CA ASP C 367 -15.12 -16.96 20.04
C ASP C 367 -16.26 -17.95 19.78
N THR C 368 -15.94 -19.23 19.56
CA THR C 368 -16.97 -20.20 19.19
C THR C 368 -17.12 -21.30 20.24
N GLY C 369 -16.13 -21.40 21.12
CA GLY C 369 -16.11 -22.45 22.12
C GLY C 369 -15.54 -23.75 21.55
N GLU C 370 -15.17 -23.80 20.28
CA GLU C 370 -14.70 -25.06 19.74
C GLU C 370 -13.44 -25.49 20.50
N ALA C 371 -13.36 -26.78 20.80
CA ALA C 371 -12.20 -27.43 21.42
C ALA C 371 -11.39 -28.25 20.43
N TYR C 372 -10.10 -28.40 20.71
CA TYR C 372 -9.13 -29.07 19.83
C TYR C 372 -8.16 -29.86 20.71
N GLN C 373 -7.79 -31.06 20.25
CA GLN C 373 -6.81 -31.89 20.96
C GLN C 373 -5.62 -31.78 20.10
N ILE C 374 -4.53 -31.34 20.67
CA ILE C 374 -3.37 -30.99 19.88
C ILE C 374 -2.11 -31.50 20.58
N SER C 375 -1.19 -32.00 19.78
CA SER C 375 0.01 -32.61 20.29
C SER C 375 1.02 -31.50 20.60
N TRP C 376 1.94 -31.74 21.51
CA TRP C 376 2.79 -30.63 21.92
C TRP C 376 3.60 -30.04 20.77
N ALA C 377 3.96 -30.87 19.80
CA ALA C 377 4.79 -30.44 18.69
C ALA C 377 4.05 -29.60 17.66
N ASP C 378 2.74 -29.80 17.51
CA ASP C 378 1.93 -28.99 16.57
C ASP C 378 1.33 -27.72 17.20
N LEU C 379 1.56 -27.51 18.48
CA LEU C 379 1.01 -26.36 19.24
C LEU C 379 1.39 -25.04 18.64
N ALA C 380 2.67 -24.74 18.55
CA ALA C 380 3.04 -23.41 17.97
C ALA C 380 2.29 -23.16 16.69
N PRO C 381 2.46 -24.02 15.64
CA PRO C 381 1.86 -23.68 14.35
C PRO C 381 0.35 -23.79 14.33
N LYS C 382 -0.22 -24.64 15.15
CA LYS C 382 -1.67 -24.72 15.18
C LYS C 382 -2.34 -23.51 15.93
N LEU C 383 -1.78 -23.11 17.08
CA LEU C 383 -2.23 -21.90 17.75
C LEU C 383 -2.07 -20.66 16.85
N LEU C 384 -0.94 -20.49 16.17
CA LEU C 384 -0.81 -19.38 15.21
C LEU C 384 -1.93 -19.39 14.22
N GLU C 385 -2.27 -20.57 13.71
CA GLU C 385 -3.35 -20.67 12.77
C GLU C 385 -4.67 -20.35 13.43
N LEU C 386 -4.91 -20.81 14.65
CA LEU C 386 -6.24 -20.51 15.23
C LEU C 386 -6.40 -18.99 15.47
N MET C 387 -5.31 -18.32 15.83
CA MET C 387 -5.39 -16.87 16.03
C MET C 387 -5.67 -16.07 14.82
N GLU C 388 -5.07 -16.41 13.68
CA GLU C 388 -5.43 -15.73 12.43
C GLU C 388 -6.87 -16.02 12.12
N GLY C 389 -7.31 -17.24 12.39
CA GLY C 389 -8.69 -17.60 12.05
C GLY C 389 -9.67 -16.79 12.89
N ILE C 390 -9.34 -16.67 14.16
CA ILE C 390 -10.13 -15.90 15.12
C ILE C 390 -10.17 -14.43 14.75
N GLN C 391 -9.01 -13.85 14.52
CA GLN C 391 -8.92 -12.42 14.11
C GLN C 391 -9.76 -12.16 12.87
N ARG C 392 -9.59 -13.02 11.87
CA ARG C 392 -10.32 -12.84 10.57
C ARG C 392 -11.84 -13.03 10.72
N SER C 393 -12.21 -14.02 11.50
CA SER C 393 -13.58 -14.33 11.75
C SER C 393 -14.31 -13.22 12.54
N LEU C 394 -13.69 -12.65 13.56
CA LEU C 394 -14.27 -11.50 14.29
C LEU C 394 -14.49 -10.34 13.34
N PHE C 395 -13.49 -10.07 12.52
CA PHE C 395 -13.65 -9.01 11.55
C PHE C 395 -14.73 -9.28 10.54
N GLU C 396 -14.68 -10.45 9.88
CA GLU C 396 -15.67 -10.72 8.82
C GLU C 396 -17.08 -10.77 9.38
N LYS C 397 -17.33 -11.35 10.56
CA LYS C 397 -18.71 -11.32 11.06
C LYS C 397 -19.13 -9.90 11.38
N ALA C 398 -18.16 -9.06 11.82
CA ALA C 398 -18.52 -7.67 12.16
C ALA C 398 -18.84 -6.97 10.87
N LYS C 399 -18.04 -7.22 9.86
CA LYS C 399 -18.31 -6.55 8.58
C LYS C 399 -19.68 -6.92 8.00
N ALA C 400 -20.07 -8.17 8.14
CA ALA C 400 -21.36 -8.59 7.62
C ALA C 400 -22.45 -7.87 8.40
N ARG C 401 -22.25 -7.72 9.71
CA ARG C 401 -23.21 -6.97 10.54
C ARG C 401 -23.28 -5.51 10.17
N LEU C 402 -22.14 -4.92 9.87
CA LEU C 402 -22.15 -3.59 9.32
C LEU C 402 -22.95 -3.50 7.94
N HIS C 403 -22.69 -4.41 7.00
CA HIS C 403 -23.45 -4.48 5.71
CA HIS C 403 -23.44 -4.37 5.74
C HIS C 403 -24.95 -4.62 5.97
N GLU C 404 -25.31 -5.59 6.81
CA GLU C 404 -26.74 -5.82 7.14
C GLU C 404 -27.38 -4.54 7.68
N GLY C 405 -26.60 -3.73 8.39
CA GLY C 405 -27.11 -2.54 9.07
C GLY C 405 -27.27 -1.31 8.19
N ILE C 406 -26.95 -1.36 6.91
CA ILE C 406 -27.10 -0.19 6.09
C ILE C 406 -28.09 -0.47 4.99
N GLU C 407 -29.08 0.41 4.86
CA GLU C 407 -30.11 0.27 3.82
C GLU C 407 -30.02 1.37 2.79
N LYS C 408 -29.98 0.99 1.52
CA LYS C 408 -29.87 1.96 0.44
C LYS C 408 -31.31 2.45 0.10
N ILE C 409 -31.53 3.76 0.00
CA ILE C 409 -32.86 4.28 -0.20
C ILE C 409 -32.87 5.44 -1.21
N SER C 410 -34.08 5.85 -1.59
CA SER C 410 -34.31 6.88 -2.63
C SER C 410 -35.00 8.12 -2.15
N THR C 411 -35.88 7.93 -1.19
CA THR C 411 -36.82 8.97 -0.76
C THR C 411 -37.01 8.96 0.74
N PHE C 412 -37.54 10.08 1.21
CA PHE C 412 -37.55 10.33 2.61
C PHE C 412 -38.51 9.45 3.39
N ASP C 413 -39.50 8.90 2.71
CA ASP C 413 -40.46 8.02 3.38
C ASP C 413 -39.86 6.60 3.64
N GLU C 414 -38.70 6.29 3.05
CA GLU C 414 -37.99 5.09 3.51
C GLU C 414 -37.28 5.26 4.88
N VAL C 415 -37.03 6.50 5.30
CA VAL C 415 -36.18 6.80 6.47
C VAL C 415 -36.67 6.21 7.80
N MET C 416 -37.84 6.61 8.26
CA MET C 416 -38.29 6.14 9.59
C MET C 416 -38.45 4.63 9.70
N PRO C 417 -38.85 3.98 8.60
CA PRO C 417 -38.83 2.52 8.69
C PRO C 417 -37.40 2.00 8.88
N ALA C 418 -36.44 2.56 8.14
CA ALA C 418 -35.07 2.08 8.24
C ALA C 418 -34.53 2.36 9.66
N LEU C 419 -34.85 3.54 10.21
CA LEU C 419 -34.45 3.91 11.59
C LEU C 419 -35.06 3.06 12.68
N ASN C 420 -36.31 2.63 12.51
CA ASN C 420 -36.94 1.74 13.51
C ASN C 420 -36.38 0.34 13.43
N ARG C 421 -35.79 -0.01 12.31
CA ARG C 421 -35.05 -1.27 12.24
C ARG C 421 -33.60 -1.14 12.82
N LYS C 422 -33.25 0.02 13.38
CA LYS C 422 -31.91 0.29 13.90
C LYS C 422 -30.92 0.14 12.78
N HIS C 423 -31.24 0.75 11.65
CA HIS C 423 -30.34 0.69 10.54
C HIS C 423 -29.92 2.08 10.25
N LEU C 424 -28.81 2.21 9.54
CA LEU C 424 -28.44 3.47 8.92
C LEU C 424 -29.01 3.47 7.50
N VAL C 425 -29.00 4.62 6.86
CA VAL C 425 -29.40 4.69 5.48
C VAL C 425 -28.40 5.40 4.63
N LEU C 426 -28.21 4.87 3.42
CA LEU C 426 -27.39 5.48 2.37
C LEU C 426 -28.33 6.07 1.35
N ALA C 427 -28.21 7.37 1.13
CA ALA C 427 -29.23 8.08 0.37
C ALA C 427 -28.61 9.16 -0.51
N PRO C 428 -29.12 9.34 -1.74
CA PRO C 428 -28.59 10.40 -2.57
C PRO C 428 -29.03 11.77 -2.03
N TRP C 429 -28.14 12.73 -2.06
CA TRP C 429 -28.32 13.94 -1.27
C TRP C 429 -27.78 15.15 -1.99
N CYS C 430 -28.49 16.29 -1.91
CA CYS C 430 -27.99 17.53 -2.57
C CYS C 430 -26.78 18.23 -1.90
N GLU C 431 -26.54 17.91 -0.63
CA GLU C 431 -25.37 18.41 0.13
C GLU C 431 -25.56 19.84 0.65
N ASP C 432 -26.82 20.23 0.69
CA ASP C 432 -27.19 21.57 1.04
C ASP C 432 -27.18 21.69 2.57
N PRO C 433 -26.37 22.61 3.11
CA PRO C 433 -26.30 22.64 4.58
C PRO C 433 -27.64 22.83 5.32
N GLU C 434 -28.54 23.67 4.79
CA GLU C 434 -29.86 23.85 5.44
C GLU C 434 -30.72 22.55 5.46
N SER C 435 -30.67 21.80 4.37
CA SER C 435 -31.41 20.52 4.29
C SER C 435 -31.03 19.55 5.40
N GLU C 436 -29.72 19.47 5.70
CA GLU C 436 -29.29 18.63 6.83
C GLU C 436 -29.95 19.05 8.17
N GLU C 437 -29.91 20.33 8.49
CA GLU C 437 -30.55 20.83 9.72
C GLU C 437 -32.07 20.55 9.75
N GLN C 438 -32.72 20.70 8.61
CA GLN C 438 -34.16 20.36 8.47
C GLN C 438 -34.48 18.89 8.72
N ILE C 439 -33.61 18.00 8.19
CA ILE C 439 -33.76 16.55 8.29
C ILE C 439 -33.55 16.11 9.73
N LYS C 440 -32.61 16.78 10.39
CA LYS C 440 -32.34 16.48 11.79
C LYS C 440 -33.60 16.78 12.56
N LYS C 441 -34.15 17.98 12.38
CA LYS C 441 -35.36 18.36 13.15
C LYS C 441 -36.58 17.49 12.81
N GLU C 442 -36.85 17.30 11.52
CA GLU C 442 -38.00 16.48 11.14
C GLU C 442 -37.93 15.07 11.69
N THR C 443 -36.76 14.41 11.56
CA THR C 443 -36.63 13.05 12.05
C THR C 443 -36.71 13.04 13.56
N GLN C 444 -36.32 14.13 14.22
CA GLN C 444 -36.43 14.14 15.68
C GLN C 444 -37.89 14.20 16.10
N LYS C 445 -38.63 15.06 15.41
CA LYS C 445 -40.08 15.19 15.61
C LYS C 445 -40.79 13.88 15.35
N LEU C 446 -40.51 13.26 14.19
CA LEU C 446 -41.13 11.97 13.87
C LEU C 446 -40.80 10.97 14.98
N SER C 447 -39.56 10.93 15.45
CA SER C 447 -39.24 10.04 16.58
C SER C 447 -40.01 10.36 17.88
N GLU C 448 -40.26 11.63 18.18
CA GLU C 448 -41.01 11.95 19.42
C GLU C 448 -42.54 11.59 19.33
N ILE C 449 -43.16 11.88 18.17
CA ILE C 449 -44.48 11.34 17.79
C ILE C 449 -44.62 9.82 17.96
N GLN C 450 -43.63 9.04 17.53
CA GLN C 450 -43.71 7.59 17.71
C GLN C 450 -43.61 7.15 19.19
N ALA C 451 -43.17 8.02 20.12
CA ALA C 451 -43.21 7.70 21.57
C ALA C 451 -44.66 7.67 22.19
N ILE C 452 -45.26 6.46 22.14
CA ILE C 452 -46.71 6.20 22.36
C ILE C 452 -46.94 5.04 23.36
N THR C 462 -30.99 11.09 21.80
CA THR C 462 -31.72 11.79 20.74
C THR C 462 -32.17 10.80 19.64
N GLY C 463 -33.37 10.99 19.11
CA GLY C 463 -33.89 10.19 17.98
C GLY C 463 -33.53 10.80 16.63
N ALA C 464 -32.87 11.95 16.63
CA ALA C 464 -32.58 12.64 15.37
C ALA C 464 -31.56 11.87 14.56
N MET C 465 -31.65 12.03 13.24
CA MET C 465 -30.78 11.41 12.27
C MET C 465 -30.04 12.54 11.61
N LYS C 466 -28.71 12.34 11.46
CA LYS C 466 -27.79 13.33 10.86
C LYS C 466 -26.82 12.65 9.88
N THR C 467 -26.01 13.37 9.15
CA THR C 467 -25.00 12.71 8.35
C THR C 467 -23.89 12.15 9.23
N LEU C 468 -23.43 10.96 8.83
CA LEU C 468 -22.27 10.33 9.43
C LEU C 468 -21.09 10.69 8.54
N CYS C 469 -21.18 10.38 7.25
CA CYS C 469 -20.19 10.84 6.30
C CYS C 469 -20.70 10.68 4.87
N ILE C 470 -20.02 11.31 3.93
CA ILE C 470 -20.16 11.02 2.53
C ILE C 470 -19.01 10.05 2.15
N PRO C 471 -19.38 8.82 1.85
CA PRO C 471 -18.27 7.85 1.80
C PRO C 471 -17.40 8.07 0.58
N PHE C 472 -16.11 7.87 0.77
CA PHE C 472 -15.17 7.76 -0.35
C PHE C 472 -15.68 6.67 -1.32
N ASP C 473 -16.27 5.59 -0.84
CA ASP C 473 -16.93 4.63 -1.77
C ASP C 473 -18.32 5.11 -2.30
N GLN C 474 -18.33 5.61 -3.54
CA GLN C 474 -19.49 6.19 -4.13
C GLN C 474 -20.01 5.25 -5.21
N PRO C 475 -21.19 4.64 -4.98
CA PRO C 475 -21.84 3.94 -6.07
C PRO C 475 -22.26 4.92 -7.14
N PRO C 476 -22.65 4.40 -8.31
CA PRO C 476 -23.01 5.28 -9.42
C PRO C 476 -24.21 6.13 -9.11
N MET C 477 -24.23 7.32 -9.69
CA MET C 477 -25.37 8.23 -9.53
C MET C 477 -25.97 8.48 -10.95
N PRO C 478 -27.08 7.78 -11.28
CA PRO C 478 -27.79 7.98 -12.56
C PRO C 478 -28.12 9.45 -12.81
N GLU C 479 -28.10 9.82 -14.09
CA GLU C 479 -28.10 11.18 -14.59
C GLU C 479 -28.96 12.14 -13.80
N GLY C 480 -30.23 11.79 -13.61
CA GLY C 480 -31.18 12.71 -12.98
C GLY C 480 -31.66 12.29 -11.60
N THR C 481 -30.84 11.55 -10.85
CA THR C 481 -31.27 11.06 -9.55
C THR C 481 -31.49 12.22 -8.57
N LYS C 482 -32.60 12.15 -7.87
CA LYS C 482 -33.05 13.23 -6.98
C LYS C 482 -32.72 13.02 -5.49
N CYS C 483 -32.34 14.14 -4.87
CA CYS C 483 -32.06 14.19 -3.46
C CYS C 483 -33.24 13.62 -2.72
N PHE C 484 -33.01 12.57 -1.96
CA PHE C 484 -34.05 11.90 -1.21
C PHE C 484 -34.96 12.77 -0.35
N TYR C 485 -34.53 14.01 -0.09
CA TYR C 485 -35.29 14.87 0.79
C TYR C 485 -35.80 16.14 0.13
N THR C 486 -34.99 16.78 -0.70
CA THR C 486 -35.40 18.06 -1.27
C THR C 486 -35.97 17.91 -2.71
N GLY C 487 -35.68 16.80 -3.38
CA GLY C 487 -36.08 16.63 -4.75
C GLY C 487 -35.19 17.37 -5.74
N LYS C 488 -34.26 18.21 -5.28
CA LYS C 488 -33.30 18.88 -6.21
C LYS C 488 -32.32 17.85 -6.72
N PRO C 489 -31.48 18.20 -7.70
CA PRO C 489 -30.54 17.14 -8.16
C PRO C 489 -29.65 16.60 -7.02
N ALA C 490 -29.58 15.29 -6.88
CA ALA C 490 -28.68 14.67 -5.90
C ALA C 490 -27.23 14.84 -6.38
N LYS C 491 -26.30 15.02 -5.44
CA LYS C 491 -24.87 15.14 -5.77
C LYS C 491 -24.12 13.85 -5.49
N ARG C 492 -24.18 13.38 -4.25
CA ARG C 492 -23.43 12.20 -3.81
C ARG C 492 -24.23 11.36 -2.83
N TRP C 493 -23.81 10.11 -2.72
CA TRP C 493 -24.47 9.18 -1.84
C TRP C 493 -23.93 9.52 -0.45
N THR C 494 -24.83 9.58 0.53
CA THR C 494 -24.47 10.01 1.87
C THR C 494 -25.02 9.05 2.91
N LEU C 495 -24.24 8.81 3.94
CA LEU C 495 -24.60 7.88 5.00
C LEU C 495 -25.14 8.65 6.16
N TRP C 496 -26.34 8.27 6.62
CA TRP C 496 -27.15 9.01 7.63
C TRP C 496 -27.50 8.03 8.73
N GLY C 497 -27.65 8.50 9.95
CA GLY C 497 -28.21 7.66 10.99
C GLY C 497 -28.29 8.42 12.29
N ARG C 498 -28.87 7.77 13.28
CA ARG C 498 -28.66 8.11 14.68
C ARG C 498 -27.22 7.89 15.05
N SER C 499 -26.77 8.63 16.06
CA SER C 499 -25.37 8.85 16.27
C SER C 499 -25.06 8.86 17.75
N TYR C 500 -23.82 8.62 18.15
CA TYR C 500 -23.42 8.98 19.50
C TYR C 500 -23.14 10.48 19.48
N MET D 3 24.82 29.96 18.52
CA MET D 3 25.81 29.33 19.44
C MET D 3 25.50 29.67 20.90
N VAL D 4 26.03 28.85 21.82
CA VAL D 4 25.99 29.15 23.27
C VAL D 4 27.19 30.07 23.67
N THR D 5 26.93 31.15 24.42
CA THR D 5 27.89 32.19 24.76
C THR D 5 28.18 32.34 26.29
N ALA D 6 27.24 31.99 27.19
CA ALA D 6 27.53 31.94 28.66
C ALA D 6 28.35 30.69 28.98
N LYS D 7 29.44 30.86 29.72
CA LYS D 7 30.33 29.74 30.02
C LYS D 7 29.72 28.91 31.14
N LYS D 8 29.86 27.60 31.04
CA LYS D 8 29.16 26.71 31.95
C LYS D 8 29.53 27.03 33.37
N ASP D 9 30.83 27.04 33.63
CA ASP D 9 31.31 27.15 34.98
C ASP D 9 31.16 28.58 35.55
N GLU D 10 30.98 29.60 34.70
CA GLU D 10 30.89 31.02 35.19
C GLU D 10 29.48 31.58 35.40
N ASN D 11 28.60 31.44 34.40
CA ASN D 11 27.20 31.82 34.60
C ASN D 11 26.26 30.65 34.26
N PHE D 12 26.09 29.81 35.26
CA PHE D 12 25.56 28.51 35.05
C PHE D 12 24.06 28.58 34.75
N SER D 13 23.34 29.44 35.45
CA SER D 13 21.86 29.59 35.21
C SER D 13 21.63 29.96 33.79
N GLU D 14 22.46 30.88 33.32
CA GLU D 14 22.37 31.37 31.96
C GLU D 14 22.78 30.33 30.97
N TRP D 15 23.85 29.61 31.27
CA TRP D 15 24.28 28.55 30.39
C TRP D 15 23.13 27.58 30.18
N TYR D 16 22.51 27.15 31.27
CA TYR D 16 21.43 26.16 31.15
C TYR D 16 20.31 26.62 30.24
N THR D 17 19.78 27.80 30.56
CA THR D 17 18.73 28.45 29.80
C THR D 17 19.04 28.55 28.35
N GLN D 18 20.20 29.12 28.01
CA GLN D 18 20.56 29.22 26.57
C GLN D 18 20.61 27.88 25.93
N ALA D 19 21.24 26.92 26.64
CA ALA D 19 21.43 25.57 26.07
C ALA D 19 20.16 24.83 25.78
N ILE D 20 19.22 24.87 26.75
CA ILE D 20 18.00 24.12 26.56
C ILE D 20 17.18 24.77 25.43
N VAL D 21 17.26 26.09 25.30
CA VAL D 21 16.52 26.77 24.24
C VAL D 21 17.24 26.60 22.89
N ARG D 22 18.52 26.96 22.80
CA ARG D 22 19.26 26.85 21.52
C ARG D 22 19.39 25.45 20.96
N SER D 23 19.44 24.42 21.84
CA SER D 23 19.34 23.01 21.41
C SER D 23 17.98 22.56 20.89
N GLU D 24 16.97 23.43 21.01
CA GLU D 24 15.58 23.05 20.68
C GLU D 24 14.94 22.00 21.61
N MET D 25 15.31 22.03 22.89
CA MET D 25 14.73 21.10 23.83
C MET D 25 13.48 21.64 24.46
N ILE D 26 13.50 22.92 24.81
CA ILE D 26 12.29 23.50 25.34
C ILE D 26 11.91 24.87 24.74
N GLU D 27 10.64 25.20 24.81
CA GLU D 27 10.12 26.51 24.46
C GLU D 27 9.47 27.07 25.75
N TYR D 28 9.87 28.27 26.14
CA TYR D 28 9.28 28.94 27.30
C TYR D 28 7.78 29.22 26.99
N TYR D 29 6.96 29.42 27.99
CA TYR D 29 5.50 29.41 27.76
C TYR D 29 4.96 30.52 28.63
N ASP D 30 3.77 31.02 28.34
CA ASP D 30 3.28 32.20 29.08
C ASP D 30 2.86 31.91 30.52
N ILE D 31 2.55 30.68 30.88
CA ILE D 31 2.22 30.34 32.25
C ILE D 31 3.49 29.96 32.92
N SER D 32 3.81 30.70 33.94
CA SER D 32 5.10 30.60 34.54
C SER D 32 5.25 29.23 35.28
N GLY D 33 6.47 28.68 35.17
CA GLY D 33 6.80 27.34 35.60
C GLY D 33 6.35 26.18 34.74
N CYS D 34 5.84 26.46 33.52
CA CYS D 34 5.38 25.44 32.60
C CYS D 34 6.12 25.67 31.35
N TYR D 35 6.47 24.61 30.66
CA TYR D 35 7.41 24.70 29.52
C TYR D 35 7.02 23.64 28.51
N ILE D 36 7.25 23.95 27.23
CA ILE D 36 6.97 23.05 26.14
C ILE D 36 8.17 22.14 25.95
N MET D 37 7.92 20.85 25.86
CA MET D 37 8.97 19.89 25.61
C MET D 37 8.94 19.56 24.14
N ARG D 38 10.00 19.95 23.43
CA ARG D 38 10.05 19.76 21.96
C ARG D 38 10.64 18.36 21.76
N PRO D 39 10.54 17.81 20.55
CA PRO D 39 10.97 16.46 20.30
C PRO D 39 12.38 16.13 20.68
N TRP D 40 13.30 17.10 20.55
CA TRP D 40 14.69 16.80 20.83
C TRP D 40 14.79 16.37 22.29
N ALA D 41 14.05 17.03 23.18
CA ALA D 41 13.96 16.56 24.58
C ALA D 41 13.05 15.35 24.75
N PHE D 42 11.88 15.40 24.10
CA PHE D 42 10.84 14.42 24.35
C PHE D 42 11.29 12.98 23.99
N HIS D 43 12.02 12.87 22.90
CA HIS D 43 12.62 11.56 22.54
C HIS D 43 13.41 10.93 23.68
N ILE D 44 14.07 11.76 24.47
CA ILE D 44 14.81 11.26 25.64
C ILE D 44 13.89 10.70 26.70
N TRP D 45 12.82 11.42 27.04
CA TRP D 45 11.77 10.86 27.90
C TRP D 45 11.27 9.54 27.36
N GLU D 46 10.96 9.43 26.05
CA GLU D 46 10.43 8.22 25.52
C GLU D 46 11.40 7.05 25.63
N LYS D 47 12.69 7.30 25.46
CA LYS D 47 13.71 6.25 25.66
C LYS D 47 13.71 5.73 27.08
N VAL D 48 13.82 6.60 28.10
CA VAL D 48 13.92 6.15 29.49
C VAL D 48 12.60 5.56 29.98
N GLN D 49 11.49 6.10 29.46
CA GLN D 49 10.17 5.54 29.74
C GLN D 49 10.11 4.11 29.21
N ARG D 50 10.49 3.89 27.95
CA ARG D 50 10.49 2.52 27.42
CA ARG D 50 10.50 2.53 27.41
C ARG D 50 11.36 1.57 28.25
N PHE D 51 12.52 2.04 28.69
CA PHE D 51 13.40 1.20 29.48
C PHE D 51 12.78 0.88 30.87
N PHE D 52 12.31 1.86 31.59
CA PHE D 52 11.76 1.61 32.92
C PHE D 52 10.52 0.74 32.82
N ASP D 53 9.81 0.94 31.72
CA ASP D 53 8.51 0.34 31.57
C ASP D 53 8.72 -1.13 31.25
N ASP D 54 9.59 -1.45 30.29
CA ASP D 54 9.98 -2.89 30.06
C ASP D 54 10.41 -3.61 31.35
N GLU D 55 11.12 -2.91 32.22
CA GLU D 55 11.70 -3.54 33.39
C GLU D 55 10.68 -3.76 34.48
N ILE D 56 9.73 -2.83 34.67
CA ILE D 56 8.70 -3.08 35.68
C ILE D 56 7.71 -4.13 35.24
N LYS D 57 7.48 -4.26 33.95
CA LYS D 57 6.62 -5.34 33.43
C LYS D 57 7.18 -6.77 33.67
N LYS D 58 8.50 -6.91 33.68
CA LYS D 58 9.18 -8.16 34.12
C LYS D 58 9.01 -8.46 35.61
N MET D 59 8.91 -7.43 36.43
CA MET D 59 8.60 -7.66 37.81
C MET D 59 7.05 -7.83 38.00
N GLY D 60 6.24 -7.92 36.95
CA GLY D 60 4.77 -8.10 37.18
C GLY D 60 3.96 -6.81 37.39
N VAL D 61 4.59 -5.64 37.24
CA VAL D 61 3.85 -4.38 37.46
C VAL D 61 3.07 -4.11 36.16
N GLU D 62 1.84 -3.67 36.28
CA GLU D 62 0.95 -3.47 35.14
C GLU D 62 0.50 -2.02 35.15
N ASN D 63 0.43 -1.42 33.96
CA ASN D 63 0.09 -0.06 33.86
C ASN D 63 -1.43 0.12 33.90
N SER D 64 -1.84 1.30 34.27
CA SER D 64 -3.25 1.66 34.49
C SER D 64 -3.38 3.16 34.22
N TYR D 65 -4.62 3.68 34.25
CA TYR D 65 -4.79 5.14 34.21
C TYR D 65 -5.95 5.58 35.06
N PHE D 66 -5.63 6.32 36.13
CA PHE D 66 -6.61 6.90 37.02
C PHE D 66 -6.83 8.37 36.71
N PRO D 67 -8.00 8.87 37.04
CA PRO D 67 -8.36 10.23 36.64
C PRO D 67 -7.44 11.33 37.17
N MET D 68 -7.36 12.42 36.41
CA MET D 68 -6.57 13.58 36.84
C MET D 68 -7.28 14.41 37.92
N PHE D 69 -8.55 14.13 38.22
CA PHE D 69 -9.31 14.89 39.18
C PHE D 69 -9.56 14.17 40.46
N VAL D 70 -9.58 14.94 41.57
CA VAL D 70 -9.90 14.41 42.88
C VAL D 70 -10.79 15.39 43.61
N SER D 71 -11.91 14.88 44.14
CA SER D 71 -12.87 15.76 44.83
C SER D 71 -12.18 16.35 46.09
N ARG D 72 -12.61 17.55 46.45
CA ARG D 72 -12.09 18.34 47.57
CA ARG D 72 -12.00 18.30 47.53
C ARG D 72 -11.96 17.47 48.80
N HIS D 73 -13.05 16.81 49.14
CA HIS D 73 -13.12 16.00 50.36
C HIS D 73 -12.26 14.74 50.32
N LYS D 74 -12.06 14.12 49.15
CA LYS D 74 -11.17 12.95 49.07
C LYS D 74 -9.71 13.36 49.19
N LEU D 75 -9.38 14.56 48.74
CA LEU D 75 -8.01 15.03 48.77
C LEU D 75 -7.66 15.44 50.19
N GLU D 76 -8.60 16.13 50.86
CA GLU D 76 -8.46 16.55 52.25
C GLU D 76 -8.94 15.39 53.14
N LYS D 77 -8.19 14.29 53.09
CA LYS D 77 -8.47 13.07 53.83
C LYS D 77 -8.36 13.24 55.36
N GLU D 78 -7.13 13.25 55.88
CA GLU D 78 -6.88 13.29 57.34
C GLU D 78 -5.91 14.41 57.68
N GLY D 84 0.98 22.46 54.66
CA GLY D 84 2.12 22.99 53.88
C GLY D 84 2.07 22.63 52.40
N PHE D 85 1.25 21.61 52.09
CA PHE D 85 0.93 21.16 50.73
C PHE D 85 -0.19 21.99 50.03
N SER D 86 -1.21 22.39 50.79
CA SER D 86 -2.34 23.18 50.27
C SER D 86 -2.05 24.27 49.24
N PRO D 87 -1.08 25.16 49.46
CA PRO D 87 -0.76 26.20 48.44
C PRO D 87 -0.33 25.70 47.02
N GLU D 88 0.07 24.45 46.93
CA GLU D 88 0.42 23.75 45.73
C GLU D 88 -0.76 23.18 44.92
N VAL D 89 -1.95 23.08 45.48
CA VAL D 89 -3.04 22.44 44.76
C VAL D 89 -3.72 23.40 43.82
N ALA D 90 -3.80 23.01 42.54
CA ALA D 90 -4.55 23.79 41.55
C ALA D 90 -6.00 23.34 41.59
N TRP D 91 -6.93 24.27 41.68
CA TRP D 91 -8.36 23.97 41.87
C TRP D 91 -9.14 24.39 40.65
N VAL D 92 -9.87 23.46 40.08
CA VAL D 92 -10.81 23.71 39.07
C VAL D 92 -12.11 24.15 39.75
N THR D 93 -12.67 25.30 39.38
CA THR D 93 -13.88 25.86 40.03
C THR D 93 -15.04 26.06 39.14
N HIS D 94 -14.81 26.04 37.84
CA HIS D 94 -15.81 26.41 36.89
C HIS D 94 -15.77 25.50 35.66
N TYR D 95 -16.94 25.31 35.05
CA TYR D 95 -17.09 24.75 33.69
C TYR D 95 -17.84 25.76 32.87
N GLY D 96 -17.18 26.27 31.84
CA GLY D 96 -17.53 27.53 31.21
C GLY D 96 -17.70 28.66 32.23
N ASP D 97 -18.80 29.37 32.15
CA ASP D 97 -19.14 30.37 33.16
C ASP D 97 -19.78 29.83 34.42
N SER D 98 -20.11 28.54 34.49
CA SER D 98 -20.82 28.03 35.65
C SER D 98 -19.87 27.54 36.75
N PRO D 99 -20.09 28.01 38.00
CA PRO D 99 -19.39 27.39 39.14
C PRO D 99 -19.74 25.93 39.33
N LEU D 100 -18.74 25.11 39.59
CA LEU D 100 -18.99 23.76 40.00
C LEU D 100 -19.62 23.84 41.39
N PRO D 101 -20.51 22.91 41.71
CA PRO D 101 -21.07 22.92 43.08
C PRO D 101 -19.99 22.68 44.12
N GLU D 102 -18.88 22.03 43.74
CA GLU D 102 -17.76 21.77 44.62
C GLU D 102 -16.44 21.84 43.79
N LYS D 103 -15.50 22.65 44.21
CA LYS D 103 -14.27 22.72 43.46
C LYS D 103 -13.62 21.32 43.45
N ILE D 104 -12.80 21.11 42.45
CA ILE D 104 -12.14 19.84 42.21
C ILE D 104 -10.67 20.18 42.04
N ALA D 105 -9.81 19.31 42.54
CA ALA D 105 -8.35 19.44 42.46
C ALA D 105 -7.73 18.65 41.33
N ILE D 106 -6.73 19.22 40.72
CA ILE D 106 -5.96 18.55 39.76
C ILE D 106 -4.95 17.75 40.54
N ARG D 107 -4.71 16.50 40.18
CA ARG D 107 -3.80 15.64 40.96
C ARG D 107 -2.30 15.98 41.16
N PRO D 108 -1.92 16.24 42.41
CA PRO D 108 -0.52 16.45 42.79
C PRO D 108 0.25 15.15 42.91
N THR D 109 -0.49 14.14 43.13
CA THR D 109 -0.09 12.76 43.31
C THR D 109 -1.38 11.91 43.39
N SER D 110 -1.28 10.62 43.33
CA SER D 110 -2.51 9.86 43.16
C SER D 110 -2.97 8.94 44.31
N GLU D 111 -2.31 9.02 45.47
CA GLU D 111 -2.70 8.19 46.63
C GLU D 111 -4.22 8.30 46.93
N THR D 112 -4.76 9.50 46.85
CA THR D 112 -6.11 9.71 47.34
C THR D 112 -7.07 9.32 46.26
N ILE D 113 -6.54 9.10 45.06
CA ILE D 113 -7.33 8.66 43.91
C ILE D 113 -7.24 7.16 43.82
N MET D 114 -6.06 6.57 44.01
CA MET D 114 -5.92 5.13 43.87
C MET D 114 -6.31 4.30 45.11
N TYR D 115 -6.01 4.77 46.32
CA TYR D 115 -6.12 3.85 47.46
C TYR D 115 -7.55 3.44 47.83
N PRO D 116 -8.54 4.34 47.67
CA PRO D 116 -9.94 3.87 47.85
C PRO D 116 -10.29 2.72 46.90
N ALA D 117 -9.75 2.76 45.67
CA ALA D 117 -9.95 1.62 44.79
C ALA D 117 -9.21 0.38 45.28
N TYR D 118 -8.02 0.55 45.84
CA TYR D 118 -7.29 -0.61 46.40
C TYR D 118 -8.10 -1.25 47.55
N ALA D 119 -8.71 -0.44 48.40
CA ALA D 119 -9.46 -0.97 49.54
C ALA D 119 -10.61 -1.87 49.04
N LYS D 120 -11.19 -1.47 47.90
CA LYS D 120 -12.22 -2.27 47.23
C LYS D 120 -11.69 -3.51 46.58
N TRP D 121 -10.54 -3.42 45.90
CA TRP D 121 -10.09 -4.54 45.09
C TRP D 121 -9.49 -5.59 45.96
N ILE D 122 -8.97 -5.21 47.11
CA ILE D 122 -8.24 -6.16 47.95
C ILE D 122 -9.13 -6.70 49.08
N ARG D 123 -9.46 -7.98 49.01
CA ARG D 123 -10.22 -8.70 50.08
C ARG D 123 -9.49 -9.86 50.74
N SER D 124 -8.67 -10.57 49.96
CA SER D 124 -8.01 -11.78 50.44
C SER D 124 -6.54 -11.83 50.04
N HIS D 125 -5.79 -12.70 50.73
CA HIS D 125 -4.39 -12.98 50.40
CA HIS D 125 -4.38 -12.96 50.40
C HIS D 125 -4.23 -13.35 48.92
N ARG D 126 -5.27 -13.89 48.35
CA ARG D 126 -5.32 -14.22 46.91
C ARG D 126 -5.15 -13.04 45.96
N ASP D 127 -5.51 -11.84 46.43
CA ASP D 127 -5.46 -10.64 45.62
C ASP D 127 -4.08 -9.94 45.65
N LEU D 128 -3.12 -10.50 46.39
CA LEU D 128 -1.83 -9.86 46.63
C LEU D 128 -0.72 -10.66 45.99
N PRO D 129 0.38 -10.01 45.59
CA PRO D 129 0.60 -8.56 45.67
C PRO D 129 -0.25 -7.90 44.62
N LEU D 130 -0.77 -6.71 44.90
CA LEU D 130 -1.32 -5.89 43.82
C LEU D 130 -0.23 -4.88 43.39
N LYS D 131 0.05 -4.79 42.11
CA LYS D 131 1.17 -3.95 41.64
C LYS D 131 0.80 -3.09 40.42
N LEU D 132 0.69 -1.80 40.62
CA LEU D 132 0.29 -0.91 39.56
C LEU D 132 1.24 0.28 39.36
N ASN D 133 1.24 0.76 38.12
CA ASN D 133 2.00 1.90 37.72
C ASN D 133 1.16 2.80 36.91
N GLN D 134 1.54 4.07 36.90
CA GLN D 134 0.93 4.89 35.88
C GLN D 134 1.92 5.94 35.35
N TRP D 135 1.90 6.17 34.05
CA TRP D 135 2.55 7.24 33.40
C TRP D 135 1.54 8.35 33.16
N CYS D 136 1.83 9.55 33.64
CA CYS D 136 0.84 10.66 33.51
C CYS D 136 1.54 11.92 33.88
N SER D 137 0.80 13.02 33.91
CA SER D 137 1.38 14.23 34.52
C SER D 137 0.74 14.61 35.77
N VAL D 138 1.47 15.40 36.56
CA VAL D 138 0.89 15.95 37.74
C VAL D 138 1.17 17.42 37.84
N VAL D 139 0.34 18.07 38.64
CA VAL D 139 0.40 19.52 38.77
C VAL D 139 0.60 19.93 40.21
N ARG D 140 1.62 20.72 40.42
CA ARG D 140 1.80 21.31 41.72
C ARG D 140 2.09 22.76 41.44
N TRP D 141 1.39 23.69 42.09
CA TRP D 141 1.65 25.13 41.86
C TRP D 141 2.83 25.53 42.68
N GLU D 142 4.00 25.12 42.26
CA GLU D 142 5.17 25.34 43.10
C GLU D 142 5.37 26.82 43.42
N PHE D 143 5.64 27.12 44.70
CA PHE D 143 6.14 28.37 45.16
C PHE D 143 7.70 28.47 45.21
N LYS D 144 8.36 27.36 45.10
CA LYS D 144 9.78 27.29 44.98
C LYS D 144 10.17 27.71 43.57
N GLN D 145 11.44 28.05 43.39
CA GLN D 145 11.95 28.51 42.14
C GLN D 145 11.71 27.41 41.08
N PRO D 146 10.97 27.72 40.02
CA PRO D 146 10.88 26.78 38.92
C PRO D 146 12.14 26.76 38.08
N THR D 147 12.44 25.61 37.49
CA THR D 147 13.56 25.42 36.60
C THR D 147 13.14 24.38 35.61
N PRO D 148 13.23 24.66 34.33
CA PRO D 148 12.94 23.65 33.33
C PRO D 148 13.55 22.26 33.65
N PHE D 149 12.70 21.24 33.54
CA PHE D 149 12.97 19.85 33.92
C PHE D 149 13.03 19.70 35.45
N LEU D 150 13.89 20.43 36.11
CA LEU D 150 14.19 20.07 37.47
C LEU D 150 13.04 20.27 38.41
N ARG D 151 12.33 21.39 38.21
CA ARG D 151 11.18 21.75 39.02
C ARG D 151 10.17 22.55 38.20
N THR D 152 9.06 21.93 37.83
CA THR D 152 8.06 22.52 36.96
C THR D 152 6.73 22.28 37.59
N ARG D 153 5.80 23.14 37.24
CA ARG D 153 4.49 23.13 37.86
C ARG D 153 3.59 22.04 37.31
N GLU D 154 3.71 21.78 36.02
CA GLU D 154 3.28 20.53 35.48
C GLU D 154 4.49 19.69 35.14
N PHE D 155 4.53 18.45 35.58
CA PHE D 155 5.63 17.54 35.13
C PHE D 155 5.13 16.17 34.75
N LEU D 156 5.85 15.50 33.88
CA LEU D 156 5.56 14.11 33.51
C LEU D 156 6.24 13.17 34.50
N TRP D 157 5.56 12.09 34.85
CA TRP D 157 6.18 11.13 35.73
C TRP D 157 5.60 9.74 35.52
N GLN D 158 6.16 8.76 36.24
CA GLN D 158 5.42 7.58 36.56
C GLN D 158 5.36 7.53 38.08
N GLU D 159 4.29 6.93 38.60
CA GLU D 159 4.04 6.67 40.03
C GLU D 159 3.58 5.25 40.10
N GLY D 160 4.44 4.44 40.67
CA GLY D 160 4.15 3.08 41.04
C GLY D 160 3.60 2.93 42.47
N HIS D 161 2.55 2.11 42.61
CA HIS D 161 1.96 1.81 43.90
C HIS D 161 1.65 0.33 44.04
N THR D 162 2.28 -0.31 45.01
CA THR D 162 2.02 -1.72 45.18
C THR D 162 1.54 -2.02 46.63
N ALA D 163 0.95 -3.19 46.77
CA ALA D 163 0.46 -3.66 48.07
C ALA D 163 0.79 -5.10 48.23
N HIS D 164 1.26 -5.46 49.42
CA HIS D 164 1.82 -6.77 49.70
C HIS D 164 1.31 -7.34 51.00
N ALA D 165 1.39 -8.68 51.14
CA ALA D 165 0.96 -9.36 52.40
C ALA D 165 1.96 -9.17 53.55
N THR D 166 3.23 -8.90 53.20
CA THR D 166 4.24 -8.73 54.21
C THR D 166 5.21 -7.61 53.95
N GLU D 167 5.75 -7.11 55.04
CA GLU D 167 6.76 -6.10 54.99
C GLU D 167 7.97 -6.46 54.15
N GLU D 168 8.41 -7.72 54.26
CA GLU D 168 9.63 -8.16 53.64
C GLU D 168 9.49 -8.19 52.10
N GLU D 169 8.38 -8.69 51.57
CA GLU D 169 8.12 -8.64 50.14
C GLU D 169 8.08 -7.18 49.56
N ALA D 170 7.45 -6.28 50.32
CA ALA D 170 7.34 -4.88 49.98
C ALA D 170 8.73 -4.23 49.87
N TRP D 171 9.54 -4.46 50.88
CA TRP D 171 10.94 -4.00 50.98
C TRP D 171 11.76 -4.47 49.85
N GLU D 172 11.63 -5.73 49.51
CA GLU D 172 12.35 -6.29 48.41
C GLU D 172 11.98 -5.47 47.13
N LEU D 173 10.69 -5.16 46.94
CA LEU D 173 10.25 -4.47 45.76
C LEU D 173 10.80 -3.02 45.72
N VAL D 174 10.81 -2.37 46.88
CA VAL D 174 11.37 -1.06 47.03
C VAL D 174 12.79 -0.98 46.57
N LEU D 175 13.60 -1.97 46.94
CA LEU D 175 14.98 -2.00 46.47
C LEU D 175 15.15 -2.41 45.02
N ASP D 176 14.35 -3.32 44.50
CA ASP D 176 14.43 -3.63 43.11
C ASP D 176 14.11 -2.38 42.23
N ILE D 177 13.11 -1.59 42.64
CA ILE D 177 12.72 -0.42 41.92
C ILE D 177 13.88 0.61 42.00
N LEU D 178 14.41 0.79 43.20
CA LEU D 178 15.52 1.68 43.38
C LEU D 178 16.67 1.32 42.48
N GLU D 179 16.90 0.03 42.33
CA GLU D 179 17.95 -0.43 41.44
C GLU D 179 17.61 -0.10 40.01
N LEU D 180 16.33 -0.14 39.63
CA LEU D 180 15.96 0.30 38.28
C LEU D 180 16.23 1.79 38.04
N TYR D 181 16.02 2.60 39.08
CA TYR D 181 16.24 4.03 39.01
C TYR D 181 17.75 4.25 38.80
N ARG D 182 18.59 3.57 39.59
CA ARG D 182 20.05 3.61 39.39
C ARG D 182 20.33 3.33 37.93
N ARG D 183 19.70 2.29 37.38
CA ARG D 183 19.90 1.97 35.99
C ARG D 183 19.38 3.01 34.93
N TRP D 184 18.16 3.57 35.13
CA TRP D 184 17.63 4.71 34.37
C TRP D 184 18.70 5.80 34.25
N TYR D 185 19.21 6.21 35.38
CA TYR D 185 20.22 7.21 35.36
C TYR D 185 21.62 6.74 34.77
N GLU D 186 22.23 5.73 35.38
CA GLU D 186 23.60 5.27 35.02
C GLU D 186 23.71 4.60 33.70
N GLU D 187 22.78 3.76 33.31
CA GLU D 187 22.90 3.11 32.04
C GLU D 187 22.31 3.90 30.89
N CYS D 188 21.19 4.61 31.08
CA CYS D 188 20.60 5.33 29.93
C CYS D 188 21.20 6.73 29.81
N LEU D 189 21.29 7.44 30.94
CA LEU D 189 21.68 8.86 30.90
C LEU D 189 23.16 9.11 31.29
N ALA D 190 23.88 8.06 31.66
CA ALA D 190 25.28 8.16 31.99
C ALA D 190 25.46 9.11 33.11
N VAL D 191 24.46 9.17 34.01
CA VAL D 191 24.58 9.92 35.23
C VAL D 191 24.80 9.05 36.44
N PRO D 192 25.91 9.29 37.18
CA PRO D 192 26.16 8.54 38.44
C PRO D 192 25.25 9.00 39.54
N VAL D 193 24.71 8.04 40.29
CA VAL D 193 23.91 8.39 41.45
C VAL D 193 24.29 7.60 42.71
N ILE D 194 23.95 8.15 43.86
CA ILE D 194 24.17 7.47 45.15
C ILE D 194 22.87 6.94 45.76
N LYS D 195 22.76 5.64 45.94
CA LYS D 195 21.62 5.06 46.64
C LYS D 195 21.72 5.39 48.12
N GLY D 196 20.57 5.65 48.72
CA GLY D 196 20.58 5.96 50.13
C GLY D 196 19.22 6.03 50.73
N GLU D 197 19.22 6.40 52.01
CA GLU D 197 18.03 6.42 52.81
C GLU D 197 17.90 7.88 53.22
N LYS D 198 16.67 8.40 53.29
CA LYS D 198 16.45 9.78 53.68
C LYS D 198 16.37 9.79 55.17
N SER D 199 16.71 10.92 55.76
CA SER D 199 16.60 11.18 57.18
C SER D 199 15.11 11.19 57.56
N GLU D 200 14.80 11.23 58.85
CA GLU D 200 13.40 11.28 59.30
C GLU D 200 12.74 12.60 58.89
N GLY D 201 13.52 13.68 58.81
CA GLY D 201 12.99 14.95 58.43
C GLY D 201 12.69 15.07 56.92
N GLU D 202 13.39 14.30 56.07
CA GLU D 202 13.28 14.43 54.62
C GLU D 202 12.48 13.33 53.95
N LYS D 203 12.07 12.35 54.70
CA LYS D 203 11.40 11.23 54.14
C LYS D 203 9.94 11.60 53.87
N PHE D 204 9.28 10.82 53.03
CA PHE D 204 7.84 11.06 52.81
C PHE D 204 7.08 10.76 54.14
N ALA D 205 6.35 11.74 54.62
CA ALA D 205 5.70 11.66 55.90
C ALA D 205 4.63 10.64 55.91
N GLY D 206 4.05 10.35 54.77
CA GLY D 206 3.08 9.25 54.73
C GLY D 206 3.64 7.83 54.85
N GLY D 207 4.96 7.67 54.84
CA GLY D 207 5.58 6.36 54.81
C GLY D 207 6.44 6.02 56.02
N LYS D 208 7.04 4.85 55.97
CA LYS D 208 7.90 4.33 57.03
C LYS D 208 9.41 4.60 56.71
N LYS D 209 9.81 4.41 55.48
CA LYS D 209 11.18 4.67 55.14
C LYS D 209 11.23 5.06 53.66
N THR D 210 11.93 6.13 53.35
CA THR D 210 12.09 6.56 51.96
C THR D 210 13.54 6.28 51.53
N THR D 211 13.69 5.57 50.41
CA THR D 211 15.00 5.40 49.81
C THR D 211 15.07 6.31 48.58
N THR D 212 16.28 6.61 48.13
CA THR D 212 16.51 7.60 47.14
C THR D 212 17.79 7.35 46.41
N VAL D 213 17.86 7.94 45.22
CA VAL D 213 19.10 8.07 44.44
C VAL D 213 19.33 9.57 44.30
N GLU D 214 20.55 9.94 44.65
CA GLU D 214 20.94 11.33 44.72
C GLU D 214 22.01 11.51 43.68
N ALA D 215 21.95 12.68 43.04
CA ALA D 215 22.93 13.16 42.08
C ALA D 215 23.48 14.48 42.55
N PHE D 216 24.56 14.90 41.90
CA PHE D 216 25.33 16.11 42.21
C PHE D 216 25.57 16.96 40.96
N ILE D 217 25.37 18.25 41.06
CA ILE D 217 25.65 19.18 40.01
C ILE D 217 26.92 19.99 40.39
N PRO D 218 28.08 19.62 39.85
CA PRO D 218 29.32 20.32 40.36
C PRO D 218 29.33 21.86 40.21
N GLU D 219 28.78 22.41 39.14
CA GLU D 219 28.91 23.82 38.85
C GLU D 219 28.24 24.70 39.90
N ASN D 220 27.28 24.16 40.65
CA ASN D 220 26.72 25.00 41.69
C ASN D 220 26.73 24.39 43.08
N GLY D 221 27.40 23.24 43.24
CA GLY D 221 27.51 22.60 44.53
C GLY D 221 26.24 21.93 45.07
N ARG D 222 25.23 21.76 44.25
CA ARG D 222 23.96 21.30 44.79
C ARG D 222 23.78 19.84 44.51
N GLY D 223 23.40 19.10 45.56
CA GLY D 223 22.82 17.78 45.41
C GLY D 223 21.35 17.89 44.99
N ILE D 224 20.85 16.81 44.39
CA ILE D 224 19.48 16.80 43.94
C ILE D 224 18.92 15.38 43.95
N GLN D 225 17.72 15.27 44.51
CA GLN D 225 17.05 14.04 44.55
C GLN D 225 16.57 13.60 43.16
N ALA D 226 17.07 12.48 42.72
CA ALA D 226 16.88 12.01 41.38
C ALA D 226 15.68 11.06 41.14
N ALA D 227 15.20 10.41 42.20
CA ALA D 227 14.04 9.56 42.18
C ALA D 227 13.92 8.98 43.59
N THR D 228 12.80 8.32 43.85
CA THR D 228 12.45 7.95 45.19
C THR D 228 11.64 6.72 45.20
N SER D 229 11.88 5.90 46.23
CA SER D 229 11.15 4.67 46.42
C SER D 229 10.85 4.44 47.93
N HIS D 230 9.56 4.40 48.31
CA HIS D 230 9.13 4.35 49.73
C HIS D 230 8.65 2.99 50.19
N LEU D 231 9.08 2.57 51.37
CA LEU D 231 8.37 1.53 52.14
C LEU D 231 7.31 2.24 52.92
N LEU D 232 6.07 2.06 52.53
CA LEU D 232 4.99 2.80 53.19
C LEU D 232 4.55 2.17 54.50
N GLY D 233 4.91 0.90 54.73
CA GLY D 233 4.37 0.20 55.92
C GLY D 233 2.88 0.10 55.71
N THR D 234 2.13 0.26 56.80
CA THR D 234 0.72 -0.06 56.84
C THR D 234 -0.11 1.14 57.18
N ASN D 235 0.47 2.33 57.34
CA ASN D 235 -0.43 3.42 57.80
CA ASN D 235 -0.42 3.46 57.76
C ASN D 235 -1.40 3.87 56.71
N PHE D 236 -1.03 3.76 55.42
CA PHE D 236 -2.00 4.09 54.37
C PHE D 236 -3.10 3.07 54.35
N ALA D 237 -2.74 1.81 54.56
CA ALA D 237 -3.72 0.75 54.68
C ALA D 237 -4.73 1.06 55.78
N LYS D 238 -4.22 1.57 56.89
CA LYS D 238 -5.04 1.93 58.00
C LYS D 238 -5.94 3.14 57.65
N MET D 239 -5.37 4.17 57.05
CA MET D 239 -6.13 5.36 56.62
C MET D 239 -7.28 5.06 55.69
N PHE D 240 -7.01 4.17 54.72
CA PHE D 240 -7.97 3.83 53.64
C PHE D 240 -8.65 2.48 53.83
N GLU D 241 -8.29 1.77 54.91
CA GLU D 241 -8.87 0.47 55.22
C GLU D 241 -8.58 -0.55 54.14
N ILE D 242 -7.33 -0.67 53.77
CA ILE D 242 -6.98 -1.64 52.80
C ILE D 242 -6.52 -2.87 53.57
N GLU D 243 -7.39 -3.87 53.63
CA GLU D 243 -7.22 -5.02 54.50
C GLU D 243 -7.49 -6.28 53.75
N PHE D 244 -6.80 -7.34 54.13
CA PHE D 244 -7.09 -8.62 53.58
C PHE D 244 -7.28 -9.68 54.65
N GLU D 245 -8.01 -10.72 54.27
CA GLU D 245 -8.12 -11.94 55.01
C GLU D 245 -7.00 -12.86 54.66
N ASP D 246 -6.21 -13.29 55.64
CA ASP D 246 -5.05 -14.14 55.37
C ASP D 246 -5.47 -15.58 55.29
N GLU D 247 -4.50 -16.49 55.08
CA GLU D 247 -4.76 -17.90 54.82
C GLU D 247 -5.56 -18.55 55.95
N GLU D 248 -5.48 -17.97 57.15
CA GLU D 248 -6.14 -18.52 58.33
C GLU D 248 -7.41 -17.75 58.72
N GLY D 249 -7.81 -16.73 57.95
CA GLY D 249 -9.09 -16.08 58.16
C GLY D 249 -9.01 -14.78 58.90
N HIS D 250 -7.79 -14.38 59.24
CA HIS D 250 -7.61 -13.16 60.01
C HIS D 250 -7.44 -11.96 59.11
N LYS D 251 -8.02 -10.86 59.55
CA LYS D 251 -7.95 -9.63 58.81
C LYS D 251 -6.57 -9.01 59.06
N ARG D 252 -5.87 -8.67 57.98
CA ARG D 252 -4.60 -7.97 58.09
C ARG D 252 -4.50 -6.73 57.18
N LEU D 253 -3.68 -5.79 57.62
CA LEU D 253 -3.33 -4.61 56.84
C LEU D 253 -2.32 -4.93 55.71
N VAL D 254 -2.53 -4.36 54.52
CA VAL D 254 -1.49 -4.48 53.46
C VAL D 254 -0.23 -3.73 53.83
N HIS D 255 0.89 -4.17 53.26
CA HIS D 255 2.18 -3.43 53.41
C HIS D 255 2.47 -2.86 52.00
N GLN D 256 2.56 -1.54 51.89
CA GLN D 256 2.54 -0.83 50.59
C GLN D 256 3.89 -0.20 50.22
N THR D 257 4.02 0.07 48.91
CA THR D 257 5.15 0.80 48.41
C THR D 257 4.56 1.79 47.43
N SER D 258 5.29 2.89 47.25
CA SER D 258 5.13 3.78 46.11
C SER D 258 6.48 4.33 45.68
N TRP D 259 6.57 4.69 44.40
CA TRP D 259 7.78 5.17 43.84
C TRP D 259 7.53 6.06 42.63
N GLY D 260 8.44 7.00 42.40
CA GLY D 260 8.33 7.88 41.28
C GLY D 260 9.62 8.47 40.79
N CYS D 261 9.59 8.81 39.50
CA CYS D 261 10.67 9.53 38.82
C CYS D 261 10.09 10.35 37.65
N THR D 262 10.70 11.50 37.37
CA THR D 262 10.08 12.54 36.53
C THR D 262 10.98 13.01 35.43
N THR D 263 10.44 13.92 34.62
CA THR D 263 11.22 14.58 33.61
C THR D 263 12.41 15.38 34.20
N ARG D 264 12.47 15.52 35.54
CA ARG D 264 13.67 16.07 36.18
C ARG D 264 14.95 15.36 35.75
N SER D 265 14.81 14.07 35.45
CA SER D 265 15.92 13.26 35.04
C SER D 265 16.62 13.80 33.75
N LEU D 266 15.84 14.43 32.87
CA LEU D 266 16.41 15.05 31.64
C LEU D 266 17.34 16.24 31.94
N GLY D 267 16.89 17.08 32.84
CA GLY D 267 17.67 18.17 33.40
C GLY D 267 19.00 17.75 34.07
N VAL D 268 18.95 16.71 34.87
CA VAL D 268 20.14 16.20 35.49
C VAL D 268 21.12 15.79 34.41
N MET D 269 20.66 15.03 33.43
CA MET D 269 21.49 14.63 32.33
C MET D 269 22.11 15.81 31.55
N ILE D 270 21.29 16.81 31.27
CA ILE D 270 21.72 18.01 30.49
C ILE D 270 22.84 18.67 31.24
N MET D 271 22.62 18.86 32.54
CA MET D 271 23.60 19.54 33.35
C MET D 271 24.87 18.79 33.61
N THR D 272 24.79 17.48 33.61
CA THR D 272 25.90 16.64 33.90
C THR D 272 26.89 16.61 32.71
N HIS D 273 26.39 16.41 31.50
CA HIS D 273 27.23 16.24 30.35
C HIS D 273 27.53 17.46 29.53
N GLY D 274 26.80 18.54 29.66
CA GLY D 274 27.04 19.69 28.76
C GLY D 274 28.40 20.36 28.99
N ASP D 275 28.87 21.02 27.94
CA ASP D 275 30.05 21.87 28.03
C ASP D 275 29.72 23.27 27.51
N ASP D 276 30.76 24.08 27.39
CA ASP D 276 30.62 25.47 26.97
C ASP D 276 30.00 25.60 25.59
N LYS D 277 30.15 24.58 24.75
CA LYS D 277 29.55 24.60 23.41
C LYS D 277 28.06 24.18 23.39
N GLY D 278 27.61 23.54 24.48
CA GLY D 278 26.19 23.23 24.61
C GLY D 278 25.97 21.87 25.16
N LEU D 279 24.97 21.19 24.62
CA LEU D 279 24.61 19.95 25.20
C LEU D 279 25.52 18.90 24.65
N VAL D 280 25.64 17.84 25.42
CA VAL D 280 26.18 16.59 24.98
C VAL D 280 25.22 15.47 25.41
N ILE D 281 24.62 14.77 24.43
CA ILE D 281 23.59 13.78 24.72
C ILE D 281 24.10 12.34 24.65
N PRO D 282 23.88 11.52 25.70
CA PRO D 282 24.40 10.15 25.59
C PRO D 282 23.75 9.43 24.42
N PRO D 283 24.52 8.61 23.71
CA PRO D 283 24.03 7.91 22.52
C PRO D 283 22.86 6.98 22.72
N ARG D 284 22.75 6.36 23.87
CA ARG D 284 21.59 5.50 24.11
C ARG D 284 20.30 6.25 24.09
N VAL D 285 20.31 7.54 24.46
CA VAL D 285 19.03 8.28 24.53
C VAL D 285 18.80 9.36 23.42
N ALA D 286 19.83 9.68 22.65
CA ALA D 286 19.75 10.75 21.65
C ALA D 286 18.75 10.50 20.53
N SER D 287 17.90 11.44 20.25
CA SER D 287 17.02 11.30 19.10
C SER D 287 17.80 11.00 17.77
N VAL D 288 18.95 11.65 17.57
CA VAL D 288 19.85 11.36 16.45
C VAL D 288 21.21 10.98 17.06
N GLN D 289 21.75 9.82 16.68
CA GLN D 289 23.10 9.43 17.14
C GLN D 289 24.20 9.96 16.18
N VAL D 290 23.84 10.07 14.91
CA VAL D 290 24.79 10.42 13.86
C VAL D 290 24.12 11.35 12.88
N VAL D 291 24.58 12.61 12.83
CA VAL D 291 24.13 13.54 11.83
C VAL D 291 25.12 13.49 10.66
N ILE D 292 24.56 13.39 9.48
CA ILE D 292 25.31 13.42 8.25
C ILE D 292 25.18 14.83 7.65
N ILE D 293 26.32 15.49 7.52
CA ILE D 293 26.36 16.84 6.99
C ILE D 293 27.10 16.83 5.67
N PRO D 294 26.36 17.08 4.59
CA PRO D 294 26.99 17.22 3.27
C PRO D 294 27.76 18.54 3.20
N ILE D 295 29.00 18.45 2.76
CA ILE D 295 29.77 19.67 2.60
C ILE D 295 29.47 20.27 1.25
N LEU D 296 28.47 21.14 1.23
CA LEU D 296 28.01 21.90 0.07
C LEU D 296 27.86 23.37 0.46
N PHE D 297 27.93 24.23 -0.56
CA PHE D 297 27.74 25.67 -0.41
C PHE D 297 26.61 26.04 -1.38
N LYS D 298 26.12 27.28 -1.35
CA LYS D 298 24.93 27.65 -2.17
C LYS D 298 25.06 27.18 -3.64
N ASP D 299 23.93 26.73 -4.22
CA ASP D 299 23.78 26.36 -5.67
C ASP D 299 24.47 25.08 -6.18
N GLU D 300 25.36 24.50 -5.37
CA GLU D 300 26.18 23.39 -5.82
C GLU D 300 25.55 21.99 -5.64
N ASN D 301 24.26 21.91 -5.31
CA ASN D 301 23.59 20.60 -5.12
C ASN D 301 23.50 19.75 -6.44
N THR D 302 24.64 19.22 -6.90
CA THR D 302 24.77 18.34 -8.10
C THR D 302 24.19 16.92 -7.96
N GLY D 303 23.86 16.50 -6.72
CA GLY D 303 23.25 15.19 -6.41
C GLY D 303 24.19 14.05 -6.01
N GLU D 304 25.44 14.11 -6.45
CA GLU D 304 26.45 13.10 -6.19
C GLU D 304 26.62 12.90 -4.67
N ILE D 305 26.65 14.01 -3.93
CA ILE D 305 26.99 14.01 -2.52
C ILE D 305 25.79 13.58 -1.67
N LEU D 306 24.62 14.14 -1.97
CA LEU D 306 23.41 13.83 -1.27
C LEU D 306 23.06 12.38 -1.51
N GLY D 307 23.10 11.95 -2.77
CA GLY D 307 22.86 10.55 -3.12
C GLY D 307 23.75 9.59 -2.35
N LYS D 308 25.00 9.98 -2.14
CA LYS D 308 25.89 9.17 -1.37
C LYS D 308 25.51 9.24 0.11
N CYS D 309 25.06 10.41 0.55
CA CYS D 309 24.59 10.57 1.93
C CYS D 309 23.35 9.66 2.20
N ARG D 310 22.46 9.51 1.21
CA ARG D 310 21.30 8.60 1.33
C ARG D 310 21.73 7.16 1.37
N GLU D 311 22.73 6.81 0.57
CA GLU D 311 23.24 5.46 0.66
C GLU D 311 23.78 5.18 2.06
N LEU D 312 24.58 6.09 2.60
CA LEU D 312 25.17 5.86 3.91
C LEU D 312 24.15 5.74 5.02
N LYS D 313 23.14 6.62 4.99
CA LYS D 313 22.08 6.59 5.98
C LYS D 313 21.45 5.18 6.01
N THR D 314 20.93 4.75 4.86
CA THR D 314 20.41 3.39 4.64
C THR D 314 21.29 2.30 5.26
N MET D 315 22.57 2.32 4.95
CA MET D 315 23.45 1.33 5.49
C MET D 315 23.48 1.42 7.01
N LEU D 316 23.50 2.64 7.56
CA LEU D 316 23.66 2.81 9.01
C LEU D 316 22.36 2.42 9.77
N GLU D 317 21.20 2.70 9.19
CA GLU D 317 19.92 2.41 9.81
C GLU D 317 19.71 0.91 9.95
N LYS D 318 20.38 0.14 9.10
CA LYS D 318 20.41 -1.31 9.18
C LYS D 318 21.19 -1.75 10.40
N ALA D 319 22.12 -0.93 10.88
CA ALA D 319 22.75 -1.18 12.18
C ALA D 319 21.94 -0.68 13.35
N ASP D 320 20.72 -0.18 13.08
CA ASP D 320 19.87 0.46 14.11
C ASP D 320 20.51 1.72 14.74
N ILE D 321 21.37 2.37 13.98
CA ILE D 321 21.83 3.70 14.32
C ILE D 321 20.81 4.75 13.88
N ARG D 322 20.50 5.72 14.74
CA ARG D 322 19.56 6.78 14.36
C ARG D 322 20.28 7.94 13.68
N VAL D 323 19.91 8.18 12.43
CA VAL D 323 20.64 9.05 11.54
C VAL D 323 19.72 10.10 10.96
N ARG D 324 20.17 11.36 10.91
CA ARG D 324 19.54 12.40 10.07
CA ARG D 324 19.54 12.40 10.09
C ARG D 324 20.58 12.98 9.10
N ILE D 325 20.17 13.19 7.84
CA ILE D 325 21.00 13.95 6.90
C ILE D 325 20.57 15.40 7.00
N ASP D 326 21.46 16.33 7.29
CA ASP D 326 21.01 17.74 7.34
C ASP D 326 21.29 18.32 5.98
N ASP D 327 20.28 18.28 5.11
CA ASP D 327 20.37 18.74 3.73
C ASP D 327 19.72 20.11 3.53
N ARG D 328 19.51 20.85 4.61
CA ARG D 328 18.87 22.15 4.45
C ARG D 328 19.72 23.10 3.60
N SER D 329 19.08 23.78 2.66
CA SER D 329 19.77 24.72 1.77
C SER D 329 20.25 25.98 2.53
N ASN D 330 21.30 26.63 2.00
CA ASN D 330 21.72 28.00 2.41
C ASN D 330 22.19 28.10 3.83
N TYR D 331 22.59 27.01 4.44
CA TYR D 331 23.38 27.18 5.65
C TYR D 331 24.75 26.65 5.21
N THR D 332 25.80 27.24 5.73
CA THR D 332 27.11 26.67 5.49
C THR D 332 27.28 25.35 6.25
N PRO D 333 28.35 24.59 5.94
CA PRO D 333 28.62 23.39 6.73
C PRO D 333 29.07 23.76 8.16
N GLY D 334 29.83 24.81 8.24
CA GLY D 334 30.22 25.37 9.52
C GLY D 334 29.07 25.68 10.44
N TRP D 335 28.02 26.32 9.90
CA TRP D 335 26.81 26.58 10.67
C TRP D 335 26.15 25.27 11.20
N LYS D 336 25.97 24.35 10.28
CA LYS D 336 25.45 23.06 10.60
C LYS D 336 26.26 22.38 11.68
N TYR D 337 27.59 22.41 11.58
CA TYR D 337 28.42 21.76 12.60
C TYR D 337 28.08 22.35 13.92
N ASN D 338 28.05 23.69 13.98
CA ASN D 338 27.80 24.33 15.27
C ASN D 338 26.36 24.08 15.82
N HIS D 339 25.38 24.12 14.94
CA HIS D 339 24.00 23.83 15.31
C HIS D 339 23.87 22.45 15.98
N TRP D 340 24.47 21.43 15.36
CA TRP D 340 24.36 20.07 15.85
C TRP D 340 25.21 19.83 17.06
N GLU D 341 26.27 20.59 17.23
CA GLU D 341 27.01 20.52 18.49
C GLU D 341 26.25 21.00 19.69
N VAL D 342 25.65 22.17 19.49
CA VAL D 342 24.76 22.76 20.45
C VAL D 342 23.64 21.77 20.85
N LYS D 343 23.07 21.06 19.89
CA LYS D 343 22.09 20.04 20.21
C LYS D 343 22.72 18.81 20.92
N GLY D 344 24.04 18.64 20.86
CA GLY D 344 24.69 17.53 21.48
C GLY D 344 24.57 16.18 20.84
N VAL D 345 24.31 16.20 19.54
CA VAL D 345 24.41 15.02 18.76
C VAL D 345 25.83 14.38 19.02
N PRO D 346 25.90 13.08 19.37
CA PRO D 346 27.15 12.53 19.80
C PRO D 346 28.19 12.34 18.70
N LEU D 347 27.71 12.05 17.50
CA LEU D 347 28.59 11.92 16.36
C LEU D 347 28.16 12.76 15.15
N ARG D 348 29.13 13.43 14.53
CA ARG D 348 28.94 14.12 13.29
C ARG D 348 29.68 13.37 12.17
N LEU D 349 29.03 13.20 11.01
CA LEU D 349 29.67 12.59 9.83
C LEU D 349 29.70 13.54 8.63
N GLU D 350 30.91 13.97 8.29
CA GLU D 350 31.16 14.96 7.21
C GLU D 350 31.43 14.28 5.91
N LEU D 351 30.69 14.66 4.88
CA LEU D 351 30.91 14.10 3.53
C LEU D 351 31.00 15.22 2.48
N GLY D 352 32.27 15.48 2.07
CA GLY D 352 32.62 16.39 0.98
C GLY D 352 33.15 15.73 -0.27
N PRO D 353 33.48 16.52 -1.30
CA PRO D 353 33.92 15.93 -2.58
C PRO D 353 35.21 15.12 -2.42
N LYS D 354 36.10 15.62 -1.59
CA LYS D 354 37.36 14.98 -1.26
C LYS D 354 37.09 13.58 -0.73
N ASP D 355 36.07 13.47 0.12
CA ASP D 355 35.72 12.21 0.81
C ASP D 355 35.05 11.29 -0.17
N LEU D 356 34.16 11.86 -0.97
CA LEU D 356 33.55 11.12 -2.08
C LEU D 356 34.57 10.46 -3.03
N ALA D 357 35.70 11.14 -3.24
CA ALA D 357 36.80 10.69 -4.11
C ALA D 357 37.73 9.62 -3.47
N LYS D 358 38.11 9.82 -2.20
CA LYS D 358 38.74 8.77 -1.39
C LYS D 358 37.57 7.82 -1.11
N GLY D 359 37.72 6.80 -0.29
CA GLY D 359 36.54 5.96 -0.02
C GLY D 359 35.86 6.20 1.31
N THR D 360 36.01 7.41 1.84
CA THR D 360 35.90 7.69 3.28
C THR D 360 34.95 8.83 3.72
N ALA D 361 34.85 8.93 5.03
CA ALA D 361 34.17 10.02 5.73
C ALA D 361 34.95 10.43 6.98
N ARG D 362 34.84 11.72 7.31
CA ARG D 362 35.37 12.25 8.55
C ARG D 362 34.26 12.17 9.59
N VAL D 363 34.53 11.55 10.74
CA VAL D 363 33.52 11.57 11.81
C VAL D 363 34.14 12.24 13.03
N VAL D 364 33.40 13.20 13.60
CA VAL D 364 33.84 13.88 14.82
C VAL D 364 32.89 13.52 15.99
N ARG D 365 33.53 13.23 17.13
CA ARG D 365 32.92 12.88 18.40
C ARG D 365 32.57 14.20 19.08
N ARG D 366 31.37 14.30 19.61
CA ARG D 366 30.99 15.52 20.22
C ARG D 366 31.64 15.74 21.57
N ASP D 367 31.86 14.68 22.37
CA ASP D 367 32.35 14.85 23.76
C ASP D 367 33.78 15.35 23.81
N THR D 368 34.66 14.86 22.95
CA THR D 368 36.10 15.31 22.94
C THR D 368 36.52 16.10 21.71
N GLY D 369 35.70 16.09 20.67
CA GLY D 369 36.05 16.82 19.47
C GLY D 369 37.04 16.07 18.59
N GLU D 370 37.35 14.83 18.96
CA GLU D 370 38.28 13.99 18.21
C GLU D 370 37.71 13.51 16.89
N ALA D 371 38.55 13.59 15.84
CA ALA D 371 38.19 13.28 14.45
C ALA D 371 38.72 11.92 13.96
N TYR D 372 37.96 11.20 13.14
CA TYR D 372 38.39 9.90 12.65
C TYR D 372 38.17 9.89 11.18
N GLN D 373 39.12 9.32 10.45
CA GLN D 373 38.93 8.98 9.05
C GLN D 373 38.52 7.51 9.02
N ILE D 374 37.45 7.20 8.28
CA ILE D 374 36.89 5.85 8.27
C ILE D 374 36.30 5.58 6.88
N SER D 375 36.58 4.39 6.32
CA SER D 375 36.01 4.00 5.02
C SER D 375 34.55 3.63 5.16
N TRP D 376 33.85 3.70 4.04
CA TRP D 376 32.43 3.40 4.03
C TRP D 376 32.09 2.01 4.58
N ALA D 377 32.90 1.01 4.26
CA ALA D 377 32.68 -0.37 4.69
C ALA D 377 32.84 -0.52 6.22
N ASP D 378 33.78 0.18 6.81
CA ASP D 378 33.95 0.16 8.26
C ASP D 378 32.99 1.05 9.08
N LEU D 379 32.04 1.74 8.44
CA LEU D 379 31.34 2.82 9.15
C LEU D 379 30.46 2.28 10.22
N ALA D 380 29.55 1.37 9.83
CA ALA D 380 28.60 0.79 10.77
C ALA D 380 29.32 0.28 12.00
N PRO D 381 30.29 -0.65 11.84
CA PRO D 381 30.99 -1.22 13.01
C PRO D 381 31.73 -0.22 13.86
N LYS D 382 32.32 0.77 13.20
CA LYS D 382 33.12 1.77 13.91
C LYS D 382 32.25 2.77 14.72
N LEU D 383 31.13 3.20 14.16
CA LEU D 383 30.25 4.12 14.88
C LEU D 383 29.61 3.43 16.10
N LEU D 384 29.39 2.13 16.01
CA LEU D 384 28.83 1.36 17.16
C LEU D 384 29.76 1.35 18.30
N GLU D 385 31.03 1.21 17.98
CA GLU D 385 32.07 1.12 18.98
C GLU D 385 32.34 2.52 19.56
N LEU D 386 32.35 3.54 18.71
CA LEU D 386 32.57 4.89 19.24
C LEU D 386 31.41 5.32 20.17
N MET D 387 30.18 4.97 19.81
CA MET D 387 29.00 5.35 20.59
C MET D 387 29.11 4.71 21.96
N GLU D 388 29.55 3.45 21.97
CA GLU D 388 29.80 2.72 23.24
C GLU D 388 30.88 3.35 24.07
N GLY D 389 31.92 3.86 23.42
CA GLY D 389 32.99 4.60 24.13
C GLY D 389 32.52 5.97 24.59
N ILE D 390 31.74 6.66 23.77
CA ILE D 390 31.20 7.96 24.23
C ILE D 390 30.32 7.69 25.45
N GLN D 391 29.48 6.66 25.37
CA GLN D 391 28.50 6.42 26.46
C GLN D 391 29.26 6.18 27.75
N ARG D 392 30.23 5.26 27.71
CA ARG D 392 30.98 4.84 28.91
C ARG D 392 31.83 5.97 29.46
N SER D 393 32.48 6.69 28.56
CA SER D 393 33.33 7.80 28.97
C SER D 393 32.53 9.02 29.55
N LEU D 394 31.35 9.31 28.99
CA LEU D 394 30.47 10.31 29.65
C LEU D 394 30.23 9.93 31.14
N PHE D 395 29.90 8.68 31.38
CA PHE D 395 29.62 8.21 32.77
C PHE D 395 30.86 8.24 33.67
N GLU D 396 31.97 7.72 33.13
CA GLU D 396 33.27 7.69 33.89
C GLU D 396 33.73 9.04 34.36
N LYS D 397 33.76 10.03 33.46
CA LYS D 397 34.16 11.38 33.90
C LYS D 397 33.17 11.98 34.90
N ALA D 398 31.89 11.67 34.68
CA ALA D 398 30.86 12.28 35.53
C ALA D 398 31.00 11.67 36.91
N LYS D 399 31.32 10.38 36.94
CA LYS D 399 31.52 9.68 38.21
C LYS D 399 32.73 10.22 39.04
N ALA D 400 33.80 10.57 38.35
CA ALA D 400 34.99 11.14 38.99
C ALA D 400 34.69 12.52 39.51
N ARG D 401 33.98 13.34 38.73
CA ARG D 401 33.58 14.66 39.26
C ARG D 401 32.67 14.48 40.48
N LEU D 402 31.80 13.46 40.47
CA LEU D 402 30.95 13.19 41.63
C LEU D 402 31.88 12.95 42.84
N HIS D 403 32.79 11.98 42.70
CA HIS D 403 33.82 11.64 43.73
CA HIS D 403 33.76 11.66 43.78
C HIS D 403 34.59 12.85 44.27
N GLU D 404 35.08 13.69 43.37
CA GLU D 404 35.79 14.89 43.79
C GLU D 404 34.88 15.95 44.38
N GLY D 405 33.56 15.82 44.21
CA GLY D 405 32.62 16.80 44.82
C GLY D 405 32.26 16.52 46.28
N ILE D 406 32.76 15.40 46.81
CA ILE D 406 32.42 14.97 48.18
C ILE D 406 33.64 14.90 49.14
N GLU D 407 33.65 15.81 50.13
CA GLU D 407 34.62 15.84 51.25
C GLU D 407 34.15 15.07 52.47
N LYS D 408 34.92 14.09 52.87
CA LYS D 408 34.71 13.38 54.12
C LYS D 408 35.17 14.29 55.28
N ILE D 409 34.31 14.57 56.25
CA ILE D 409 34.69 15.47 57.32
C ILE D 409 34.39 14.91 58.70
N SER D 410 34.79 15.67 59.74
CA SER D 410 34.68 15.24 61.15
C SER D 410 33.98 16.23 62.02
N THR D 411 34.02 17.52 61.70
CA THR D 411 33.45 18.52 62.63
C THR D 411 32.77 19.68 61.97
N PHE D 412 31.86 20.29 62.72
CA PHE D 412 31.03 21.30 62.09
C PHE D 412 31.75 22.52 61.47
N ASP D 413 33.00 22.78 61.90
CA ASP D 413 33.77 23.95 61.44
C ASP D 413 34.29 23.73 60.00
N GLU D 414 34.36 22.48 59.55
CA GLU D 414 34.72 22.15 58.16
C GLU D 414 33.56 22.36 57.15
N VAL D 415 32.39 22.75 57.62
CA VAL D 415 31.21 22.84 56.76
C VAL D 415 31.28 24.01 55.77
N MET D 416 31.12 25.25 56.25
CA MET D 416 31.10 26.42 55.40
C MET D 416 32.23 26.43 54.37
N PRO D 417 33.47 26.16 54.81
CA PRO D 417 34.55 25.99 53.86
C PRO D 417 34.19 25.08 52.68
N ALA D 418 33.74 23.85 53.00
CA ALA D 418 33.42 22.85 51.97
C ALA D 418 32.26 23.31 51.10
N LEU D 419 31.24 23.92 51.70
CA LEU D 419 30.17 24.53 50.91
C LEU D 419 30.70 25.60 49.99
N ASN D 420 31.56 26.48 50.51
CA ASN D 420 32.11 27.59 49.72
C ASN D 420 32.91 27.06 48.54
N ARG D 421 33.51 25.89 48.69
CA ARG D 421 34.08 25.16 47.55
C ARG D 421 33.04 24.41 46.67
N LYS D 422 31.75 24.68 46.82
CA LYS D 422 30.72 23.94 46.06
C LYS D 422 30.99 22.45 46.12
N HIS D 423 31.14 21.94 47.33
CA HIS D 423 31.21 20.50 47.58
C HIS D 423 30.08 20.00 48.50
N LEU D 424 29.90 18.69 48.52
CA LEU D 424 29.05 17.98 49.49
C LEU D 424 29.95 17.51 50.62
N VAL D 425 29.38 17.34 51.81
CA VAL D 425 30.13 16.75 52.92
C VAL D 425 29.53 15.44 53.33
N LEU D 426 30.40 14.46 53.58
CA LEU D 426 30.02 13.18 54.13
C LEU D 426 30.50 13.23 55.56
N ALA D 427 29.58 13.04 56.50
CA ALA D 427 29.89 13.25 57.89
C ALA D 427 29.18 12.27 58.76
N PRO D 428 29.78 11.94 59.92
CA PRO D 428 29.21 10.98 60.84
C PRO D 428 28.14 11.65 61.64
N TRP D 429 26.93 11.08 61.69
CA TRP D 429 25.79 11.82 62.28
C TRP D 429 24.99 10.97 63.26
N CYS D 430 24.43 11.57 64.30
CA CYS D 430 23.66 10.79 65.29
C CYS D 430 22.22 10.45 64.83
N GLU D 431 21.86 10.99 63.66
CA GLU D 431 20.56 10.80 62.97
C GLU D 431 19.41 11.37 63.77
N ASP D 432 19.73 12.30 64.66
CA ASP D 432 18.71 12.92 65.44
C ASP D 432 18.02 14.08 64.68
N PRO D 433 16.69 14.04 64.53
CA PRO D 433 15.95 15.02 63.67
C PRO D 433 15.98 16.51 64.05
N GLU D 434 15.83 16.83 65.34
CA GLU D 434 15.95 18.21 65.81
C GLU D 434 17.35 18.75 65.38
N SER D 435 18.36 17.87 65.35
CA SER D 435 19.71 18.29 64.94
C SER D 435 19.79 18.78 63.45
N GLU D 436 19.14 18.07 62.51
CA GLU D 436 19.13 18.49 61.11
C GLU D 436 18.47 19.85 61.02
N GLU D 437 17.33 20.07 61.68
CA GLU D 437 16.70 21.41 61.63
C GLU D 437 17.65 22.47 62.15
N GLN D 438 18.36 22.18 63.24
CA GLN D 438 19.29 23.15 63.82
C GLN D 438 20.36 23.52 62.81
N ILE D 439 20.80 22.53 62.04
CA ILE D 439 21.86 22.73 61.07
C ILE D 439 21.41 23.53 59.84
N LYS D 440 20.19 23.27 59.38
CA LYS D 440 19.69 24.02 58.24
C LYS D 440 19.62 25.48 58.69
N LYS D 441 19.03 25.72 59.86
CA LYS D 441 18.90 27.10 60.41
C LYS D 441 20.23 27.83 60.55
N GLU D 442 21.25 27.14 61.05
CA GLU D 442 22.57 27.78 61.15
C GLU D 442 23.27 27.99 59.80
N THR D 443 23.23 27.00 58.91
CA THR D 443 23.94 27.17 57.63
C THR D 443 23.30 28.30 56.83
N GLN D 444 21.95 28.37 56.86
CA GLN D 444 21.23 29.43 56.16
C GLN D 444 21.48 30.77 56.81
N LYS D 445 21.68 30.78 58.15
CA LYS D 445 22.17 32.00 58.86
C LYS D 445 23.55 32.41 58.32
N LEU D 446 24.56 31.56 58.48
CA LEU D 446 25.92 31.90 57.96
C LEU D 446 25.96 32.35 56.47
N SER D 447 24.93 32.09 55.68
CA SER D 447 24.83 32.69 54.34
C SER D 447 24.29 34.16 54.33
N GLU D 448 24.97 35.00 53.54
CA GLU D 448 24.89 36.47 53.64
C GLU D 448 25.67 37.20 52.50
N GLY D 463 20.43 29.13 50.85
CA GLY D 463 21.82 28.87 51.26
C GLY D 463 21.98 27.68 52.22
N ALA D 464 20.85 27.14 52.69
CA ALA D 464 20.88 26.10 53.74
C ALA D 464 21.45 24.76 53.26
N MET D 465 22.15 24.09 54.17
CA MET D 465 22.63 22.76 53.93
C MET D 465 21.67 21.75 54.57
N LYS D 466 21.45 20.61 53.92
CA LYS D 466 20.57 19.60 54.54
C LYS D 466 21.06 18.22 54.23
N THR D 467 20.50 17.21 54.90
CA THR D 467 20.79 15.84 54.46
C THR D 467 20.23 15.61 53.06
N LEU D 468 21.00 14.86 52.29
CA LEU D 468 20.66 14.42 50.98
C LEU D 468 20.26 12.97 51.15
N CYS D 469 21.16 12.13 51.65
CA CYS D 469 20.80 10.80 52.04
C CYS D 469 21.85 10.17 52.94
N ILE D 470 21.44 9.10 53.60
CA ILE D 470 22.28 8.20 54.36
C ILE D 470 22.66 7.08 53.43
N PRO D 471 23.93 7.09 52.96
CA PRO D 471 24.19 6.22 51.84
C PRO D 471 24.05 4.80 52.23
N PHE D 472 23.68 3.93 51.31
CA PHE D 472 23.69 2.48 51.59
C PHE D 472 25.12 2.00 51.81
N ASP D 473 26.04 2.44 50.95
CA ASP D 473 27.49 2.13 51.07
C ASP D 473 28.12 2.95 52.20
N GLN D 474 28.15 2.36 53.40
CA GLN D 474 28.72 2.98 54.58
C GLN D 474 30.23 2.63 54.70
N PRO D 475 31.10 3.65 54.64
CA PRO D 475 32.49 3.42 54.98
C PRO D 475 32.62 3.17 56.47
N PRO D 476 33.66 2.42 56.88
CA PRO D 476 33.89 2.03 58.28
C PRO D 476 33.64 3.13 59.27
N MET D 477 32.99 2.76 60.36
CA MET D 477 32.71 3.67 61.44
C MET D 477 33.53 3.24 62.64
N PRO D 478 34.69 3.89 62.86
CA PRO D 478 35.50 3.63 64.07
C PRO D 478 34.69 3.73 65.36
N GLU D 479 34.83 2.74 66.23
CA GLU D 479 34.20 2.79 67.55
C GLU D 479 34.58 4.10 68.25
N GLY D 480 33.57 4.78 68.79
CA GLY D 480 33.75 6.00 69.55
C GLY D 480 33.61 7.24 68.70
N THR D 481 33.41 7.10 67.40
CA THR D 481 33.30 8.26 66.51
C THR D 481 32.10 9.10 66.93
N LYS D 482 32.28 10.42 67.00
CA LYS D 482 31.23 11.32 67.46
C LYS D 482 30.52 12.09 66.33
N CYS D 483 29.23 12.32 66.53
CA CYS D 483 28.46 13.06 65.54
C CYS D 483 29.16 14.39 65.38
N PHE D 484 29.39 14.76 64.11
CA PHE D 484 30.08 15.97 63.71
C PHE D 484 29.46 17.26 64.14
N TYR D 485 28.23 17.26 64.64
CA TYR D 485 27.55 18.50 65.06
C TYR D 485 27.19 18.51 66.52
N THR D 486 26.84 17.36 67.08
CA THR D 486 26.26 17.35 68.42
C THR D 486 27.19 16.92 69.54
N GLY D 487 28.13 16.02 69.24
CA GLY D 487 28.98 15.46 70.28
C GLY D 487 28.57 14.03 70.49
N LYS D 488 27.30 13.71 70.21
CA LYS D 488 26.78 12.39 70.56
C LYS D 488 27.44 11.29 69.74
N PRO D 489 27.22 10.03 70.12
CA PRO D 489 27.74 8.98 69.28
C PRO D 489 27.17 9.04 67.87
N ALA D 490 28.05 8.90 66.88
CA ALA D 490 27.63 8.87 65.48
C ALA D 490 27.02 7.51 65.20
N LYS D 491 25.98 7.48 64.36
CA LYS D 491 25.43 6.21 63.91
C LYS D 491 25.93 5.87 62.54
N ARG D 492 25.71 6.77 61.58
CA ARG D 492 26.07 6.48 60.18
C ARG D 492 26.65 7.70 59.46
N TRP D 493 27.42 7.43 58.44
CA TRP D 493 27.91 8.49 57.58
C TRP D 493 26.71 9.00 56.78
N THR D 494 26.49 10.30 56.81
CA THR D 494 25.42 10.92 56.09
C THR D 494 26.01 11.92 55.15
N LEU D 495 25.41 12.03 53.96
CA LEU D 495 25.78 13.01 52.92
C LEU D 495 24.93 14.28 53.07
N TRP D 496 25.56 15.45 53.09
CA TRP D 496 24.90 16.73 53.35
C TRP D 496 25.27 17.70 52.23
N GLY D 497 24.42 18.67 51.94
CA GLY D 497 24.81 19.70 50.97
C GLY D 497 23.73 20.68 50.78
N ARG D 498 24.05 21.70 50.00
CA ARG D 498 23.02 22.58 49.46
C ARG D 498 22.32 21.75 48.41
N SER D 499 21.09 22.16 48.07
CA SER D 499 20.16 21.29 47.46
C SER D 499 19.19 21.97 46.50
N TYR D 500 18.86 21.24 45.44
CA TYR D 500 17.66 21.58 44.66
C TYR D 500 16.38 21.14 45.41
#